data_3V45
# 
_entry.id   3V45 
# 
_audit_conform.dict_name       mmcif_pdbx.dic 
_audit_conform.dict_version    5.379 
_audit_conform.dict_location   http://mmcif.pdb.org/dictionaries/ascii/mmcif_pdbx.dic 
# 
loop_
_database_2.database_id 
_database_2.database_code 
_database_2.pdbx_database_accession 
_database_2.pdbx_DOI 
PDB   3V45         pdb_00003v45 10.2210/pdb3v45/pdb 
RCSB  RCSB069571   ?            ?                   
WWPDB D_1000069571 ?            ?                   
# 
loop_
_pdbx_database_related.db_name 
_pdbx_database_related.db_id 
_pdbx_database_related.details 
_pdbx_database_related.content_type 
PDB      2DX6  '90% identity' unspecified 
TargetDB OR130 .              unspecified 
# 
_pdbx_database_status.entry_id                        3V45 
_pdbx_database_status.status_code                     REL 
_pdbx_database_status.deposit_site                    RCSB 
_pdbx_database_status.process_site                    RCSB 
_pdbx_database_status.recvd_initial_deposition_date   2011-12-14 
_pdbx_database_status.status_code_sf                  REL 
_pdbx_database_status.status_code_mr                  ? 
_pdbx_database_status.SG_entry                        Y 
_pdbx_database_status.status_code_cs                  ? 
_pdbx_database_status.pdb_format_compatible           Y 
_pdbx_database_status.methods_development_category    ? 
_pdbx_database_status.status_code_nmr_data            ? 
# 
loop_
_audit_author.name 
_audit_author.pdbx_ordinal 
'Kuzin, A.'                                       1  
'Su, M.'                                          2  
'Seetharaman, J.'                                 3  
'Maglaqui, M.'                                    4  
'Xiao, R.'                                        5  
'Kohan, E.'                                       6  
'Rajagopalan, S.'                                 7  
'Everett, J.K.'                                   8  
'Nair, R.'                                        9  
'Acton, T.B.'                                     10 
'Rost, B.'                                        11 
'Baker, D.'                                       12 
'Montelione, G.T.'                                13 
'Tong, L.'                                        14 
'Hunt, J.F.'                                      15 
'Northeast Structural Genomics Consortium (NESG)' 16 
# 
_citation.id                        primary 
_citation.title                     'Design of activated serine-containing catalytic triads with atomic-level accuracy.' 
_citation.journal_abbrev            Nat.Chem.Biol. 
_citation.journal_volume            10 
_citation.page_first                386 
_citation.page_last                 391 
_citation.year                      2014 
_citation.journal_id_ASTM           ? 
_citation.country                   US 
_citation.journal_id_ISSN           1552-4450 
_citation.journal_id_CSD            ? 
_citation.book_publisher            ? 
_citation.pdbx_database_id_PubMed   24705591 
_citation.pdbx_database_id_DOI      10.1038/nchembio.1498 
# 
loop_
_citation_author.citation_id 
_citation_author.name 
_citation_author.ordinal 
_citation_author.identifier_ORCID 
primary 'Rajagopalan, S.' 1  ? 
primary 'Wang, C.'        2  ? 
primary 'Yu, K.'          3  ? 
primary 'Kuzin, A.P.'     4  ? 
primary 'Richter, F.'     5  ? 
primary 'Lew, S.'         6  ? 
primary 'Miklos, A.E.'    7  ? 
primary 'Matthews, M.L.'  8  ? 
primary 'Seetharaman, J.' 9  ? 
primary 'Su, M.'          10 ? 
primary 'Hunt, J.F.'      11 ? 
primary 'Cravatt, B.F.'   12 ? 
primary 'Baker, D.'       13 ? 
# 
_cell.entry_id           3V45 
_cell.length_a           30.031 
_cell.length_b           38.115 
_cell.length_c           128.114 
_cell.angle_alpha        90.000 
_cell.angle_beta         90.000 
_cell.angle_gamma        90.000 
_cell.pdbx_unique_axis   ? 
_cell.Z_PDB              4 
_cell.length_a_esd       ? 
_cell.length_b_esd       ? 
_cell.length_c_esd       ? 
_cell.angle_alpha_esd    ? 
_cell.angle_beta_esd     ? 
_cell.angle_gamma_esd    ? 
# 
_symmetry.entry_id                         3V45 
_symmetry.space_group_name_H-M             'P 2 2 21' 
_symmetry.Int_Tables_number                17 
_symmetry.pdbx_full_space_group_name_H-M   ? 
_symmetry.cell_setting                     ? 
_symmetry.space_group_name_Hall            ? 
# 
loop_
_entity.id 
_entity.type 
_entity.src_method 
_entity.pdbx_description 
_entity.formula_weight 
_entity.pdbx_number_of_molecules 
_entity.pdbx_ec 
_entity.pdbx_mutation 
_entity.pdbx_fragment 
_entity.details 
1 polymer     syn 'Serine hydrolase OSH55' 17675.244 1  ? ? ? ? 
2 non-polymer syn 'CHLORIDE ION'           35.453    1  ? ? ? ? 
3 non-polymer syn 'SODIUM ION'             22.990    2  ? ? ? ? 
4 water       nat water                    18.015    13 ? ? ? ? 
# 
_entity_poly.entity_id                      1 
_entity_poly.type                           'polypeptide(L)' 
_entity_poly.nstd_linkage                   no 
_entity_poly.nstd_monomer                   no 
_entity_poly.pdbx_seq_one_letter_code       
;MARIREVQGDITEFQGDAIVNAANNYLKLGAGVAGAILRKGGPSIQEECDRIGKIRVGEAAVTGAGNLPVRYVIHAAVLG
DEPASLETVRKATKSALEKAVELGLKTVAFTALGAWVGGLPAEAVLRVMLEEIKKAPDTLEVTGVHGTEKSAEAARRALL
EHHHHHH
;
_entity_poly.pdbx_seq_one_letter_code_can   
;MARIREVQGDITEFQGDAIVNAANNYLKLGAGVAGAILRKGGPSIQEECDRIGKIRVGEAAVTGAGNLPVRYVIHAAVLG
DEPASLETVRKATKSALEKAVELGLKTVAFTALGAWVGGLPAEAVLRVMLEEIKKAPDTLEVTGVHGTEKSAEAARRALL
EHHHHHH
;
_entity_poly.pdbx_strand_id                 A 
_entity_poly.pdbx_target_identifier         OR130 
# 
loop_
_entity_poly_seq.entity_id 
_entity_poly_seq.num 
_entity_poly_seq.mon_id 
_entity_poly_seq.hetero 
1 1   MET n 
1 2   ALA n 
1 3   ARG n 
1 4   ILE n 
1 5   ARG n 
1 6   GLU n 
1 7   VAL n 
1 8   GLN n 
1 9   GLY n 
1 10  ASP n 
1 11  ILE n 
1 12  THR n 
1 13  GLU n 
1 14  PHE n 
1 15  GLN n 
1 16  GLY n 
1 17  ASP n 
1 18  ALA n 
1 19  ILE n 
1 20  VAL n 
1 21  ASN n 
1 22  ALA n 
1 23  ALA n 
1 24  ASN n 
1 25  ASN n 
1 26  TYR n 
1 27  LEU n 
1 28  LYS n 
1 29  LEU n 
1 30  GLY n 
1 31  ALA n 
1 32  GLY n 
1 33  VAL n 
1 34  ALA n 
1 35  GLY n 
1 36  ALA n 
1 37  ILE n 
1 38  LEU n 
1 39  ARG n 
1 40  LYS n 
1 41  GLY n 
1 42  GLY n 
1 43  PRO n 
1 44  SER n 
1 45  ILE n 
1 46  GLN n 
1 47  GLU n 
1 48  GLU n 
1 49  CYS n 
1 50  ASP n 
1 51  ARG n 
1 52  ILE n 
1 53  GLY n 
1 54  LYS n 
1 55  ILE n 
1 56  ARG n 
1 57  VAL n 
1 58  GLY n 
1 59  GLU n 
1 60  ALA n 
1 61  ALA n 
1 62  VAL n 
1 63  THR n 
1 64  GLY n 
1 65  ALA n 
1 66  GLY n 
1 67  ASN n 
1 68  LEU n 
1 69  PRO n 
1 70  VAL n 
1 71  ARG n 
1 72  TYR n 
1 73  VAL n 
1 74  ILE n 
1 75  HIS n 
1 76  ALA n 
1 77  ALA n 
1 78  VAL n 
1 79  LEU n 
1 80  GLY n 
1 81  ASP n 
1 82  GLU n 
1 83  PRO n 
1 84  ALA n 
1 85  SER n 
1 86  LEU n 
1 87  GLU n 
1 88  THR n 
1 89  VAL n 
1 90  ARG n 
1 91  LYS n 
1 92  ALA n 
1 93  THR n 
1 94  LYS n 
1 95  SER n 
1 96  ALA n 
1 97  LEU n 
1 98  GLU n 
1 99  LYS n 
1 100 ALA n 
1 101 VAL n 
1 102 GLU n 
1 103 LEU n 
1 104 GLY n 
1 105 LEU n 
1 106 LYS n 
1 107 THR n 
1 108 VAL n 
1 109 ALA n 
1 110 PHE n 
1 111 THR n 
1 112 ALA n 
1 113 LEU n 
1 114 GLY n 
1 115 ALA n 
1 116 TRP n 
1 117 VAL n 
1 118 GLY n 
1 119 GLY n 
1 120 LEU n 
1 121 PRO n 
1 122 ALA n 
1 123 GLU n 
1 124 ALA n 
1 125 VAL n 
1 126 LEU n 
1 127 ARG n 
1 128 VAL n 
1 129 MET n 
1 130 LEU n 
1 131 GLU n 
1 132 GLU n 
1 133 ILE n 
1 134 LYS n 
1 135 LYS n 
1 136 ALA n 
1 137 PRO n 
1 138 ASP n 
1 139 THR n 
1 140 LEU n 
1 141 GLU n 
1 142 VAL n 
1 143 THR n 
1 144 GLY n 
1 145 VAL n 
1 146 HIS n 
1 147 GLY n 
1 148 THR n 
1 149 GLU n 
1 150 LYS n 
1 151 SER n 
1 152 ALA n 
1 153 GLU n 
1 154 ALA n 
1 155 ALA n 
1 156 ARG n 
1 157 ARG n 
1 158 ALA n 
1 159 LEU n 
1 160 LEU n 
1 161 GLU n 
1 162 HIS n 
1 163 HIS n 
1 164 HIS n 
1 165 HIS n 
1 166 HIS n 
1 167 HIS n 
# 
_struct_ref.id                         1 
_struct_ref.db_name                    PDB 
_struct_ref.db_code                    3V45 
_struct_ref.pdbx_db_accession          3V45 
_struct_ref.entity_id                  1 
_struct_ref.pdbx_align_begin           ? 
_struct_ref.pdbx_seq_one_letter_code   ? 
_struct_ref.pdbx_db_isoform            ? 
# 
_struct_ref_seq.align_id                      1 
_struct_ref_seq.ref_id                        1 
_struct_ref_seq.pdbx_PDB_id_code              3V45 
_struct_ref_seq.pdbx_strand_id                A 
_struct_ref_seq.seq_align_beg                 1 
_struct_ref_seq.pdbx_seq_align_beg_ins_code   ? 
_struct_ref_seq.seq_align_end                 167 
_struct_ref_seq.pdbx_seq_align_end_ins_code   ? 
_struct_ref_seq.pdbx_db_accession             3V45 
_struct_ref_seq.db_align_beg                  1 
_struct_ref_seq.pdbx_db_align_beg_ins_code    ? 
_struct_ref_seq.db_align_end                  167 
_struct_ref_seq.pdbx_db_align_end_ins_code    ? 
_struct_ref_seq.pdbx_auth_seq_align_beg       1 
_struct_ref_seq.pdbx_auth_seq_align_end       167 
# 
loop_
_chem_comp.id 
_chem_comp.type 
_chem_comp.mon_nstd_flag 
_chem_comp.name 
_chem_comp.pdbx_synonyms 
_chem_comp.formula 
_chem_comp.formula_weight 
ALA 'L-peptide linking' y ALANINE         ? 'C3 H7 N O2'     89.093  
ARG 'L-peptide linking' y ARGININE        ? 'C6 H15 N4 O2 1' 175.209 
ASN 'L-peptide linking' y ASPARAGINE      ? 'C4 H8 N2 O3'    132.118 
ASP 'L-peptide linking' y 'ASPARTIC ACID' ? 'C4 H7 N O4'     133.103 
CL  non-polymer         . 'CHLORIDE ION'  ? 'Cl -1'          35.453  
CYS 'L-peptide linking' y CYSTEINE        ? 'C3 H7 N O2 S'   121.158 
GLN 'L-peptide linking' y GLUTAMINE       ? 'C5 H10 N2 O3'   146.144 
GLU 'L-peptide linking' y 'GLUTAMIC ACID' ? 'C5 H9 N O4'     147.129 
GLY 'peptide linking'   y GLYCINE         ? 'C2 H5 N O2'     75.067  
HIS 'L-peptide linking' y HISTIDINE       ? 'C6 H10 N3 O2 1' 156.162 
HOH non-polymer         . WATER           ? 'H2 O'           18.015  
ILE 'L-peptide linking' y ISOLEUCINE      ? 'C6 H13 N O2'    131.173 
LEU 'L-peptide linking' y LEUCINE         ? 'C6 H13 N O2'    131.173 
LYS 'L-peptide linking' y LYSINE          ? 'C6 H15 N2 O2 1' 147.195 
MET 'L-peptide linking' y METHIONINE      ? 'C5 H11 N O2 S'  149.211 
NA  non-polymer         . 'SODIUM ION'    ? 'Na 1'           22.990  
PHE 'L-peptide linking' y PHENYLALANINE   ? 'C9 H11 N O2'    165.189 
PRO 'L-peptide linking' y PROLINE         ? 'C5 H9 N O2'     115.130 
SER 'L-peptide linking' y SERINE          ? 'C3 H7 N O3'     105.093 
THR 'L-peptide linking' y THREONINE       ? 'C4 H9 N O3'     119.119 
TRP 'L-peptide linking' y TRYPTOPHAN      ? 'C11 H12 N2 O2'  204.225 
TYR 'L-peptide linking' y TYROSINE        ? 'C9 H11 N O3'    181.189 
VAL 'L-peptide linking' y VALINE          ? 'C5 H11 N O2'    117.146 
# 
_exptl.crystals_number   1 
_exptl.entry_id          3V45 
_exptl.method            'X-RAY DIFFRACTION' 
# 
_exptl_crystal.id                    1 
_exptl_crystal.density_Matthews      2.07 
_exptl_crystal.density_meas          ? 
_exptl_crystal.density_percent_sol   40.70 
_exptl_crystal.description           ? 
_exptl_crystal.F_000                 ? 
_exptl_crystal.preparation           ? 
# 
_exptl_crystal_grow.crystal_id      1 
_exptl_crystal_grow.method          'VAPOR DIFFUSION, SITTING DROP' 
_exptl_crystal_grow.pH              7.0 
_exptl_crystal_grow.temp            277 
_exptl_crystal_grow.pdbx_details    
;Protein solution: 100mM NaCl, 5mM DTT, 0.02% NaN3, 10mM Tris-HCl (pH 7.5), Reservoir solution:succinic acid 1M, Hepes 0.1M, PEG 2k  1%, temperature 277K, VAPOR DIFFUSION, SITTING DROP
;
_exptl_crystal_grow.temp_details    ? 
_exptl_crystal_grow.pdbx_pH_range   ? 
# 
_diffrn.id                     1 
_diffrn.ambient_temp           100 
_diffrn.ambient_temp_details   ? 
_diffrn.crystal_id             1 
# 
_diffrn_detector.diffrn_id              1 
_diffrn_detector.detector               'IMAGE PLATE' 
_diffrn_detector.type                   'RIGAKU RAXIS' 
_diffrn_detector.pdbx_collection_date   2011-07-28 
_diffrn_detector.details                ? 
# 
_diffrn_radiation.diffrn_id                        1 
_diffrn_radiation.pdbx_diffrn_protocol             'SINGLE WAVELENGTH' 
_diffrn_radiation.monochromator                    ? 
_diffrn_radiation.wavelength_id                    1 
_diffrn_radiation.pdbx_monochromatic_or_laue_m_l   M 
_diffrn_radiation.pdbx_scattering_type             x-ray 
# 
_diffrn_radiation_wavelength.id           1 
_diffrn_radiation_wavelength.wavelength   1.5418 
_diffrn_radiation_wavelength.wt           1.0 
# 
_diffrn_source.diffrn_id                   1 
_diffrn_source.source                      'ROTATING ANODE' 
_diffrn_source.type                        RIGAKU 
_diffrn_source.pdbx_wavelength_list        1.5418 
_diffrn_source.pdbx_wavelength             ? 
_diffrn_source.pdbx_synchrotron_site       ? 
_diffrn_source.pdbx_synchrotron_beamline   ? 
# 
_reflns.entry_id                     3V45 
_reflns.observed_criterion_sigma_F   ? 
_reflns.observed_criterion_sigma_I   -3.0 
_reflns.d_resolution_high            2.6 
_reflns.d_resolution_low             30.0 
_reflns.number_all                   ? 
_reflns.number_obs                   4516 
_reflns.percent_possible_obs         91.9 
_reflns.pdbx_Rmerge_I_obs            ? 
_reflns.pdbx_Rsym_value              0.189 
_reflns.pdbx_netI_over_sigmaI        9.3 
_reflns.B_iso_Wilson_estimate        ? 
_reflns.pdbx_redundancy              9.4 
_reflns.R_free_details               ? 
_reflns.limit_h_max                  ? 
_reflns.limit_h_min                  ? 
_reflns.limit_k_max                  ? 
_reflns.limit_k_min                  ? 
_reflns.limit_l_max                  ? 
_reflns.limit_l_min                  ? 
_reflns.observed_criterion_F_max     ? 
_reflns.observed_criterion_F_min     ? 
_reflns.pdbx_chi_squared             ? 
_reflns.pdbx_scaling_rejects         ? 
_reflns.pdbx_ordinal                 1 
_reflns.pdbx_diffrn_id               1 
# 
_refine.entry_id                                 3V45 
_refine.ls_d_res_high                            2.600 
_refine.ls_d_res_low                             20.000 
_refine.pdbx_ls_sigma_F                          692.00 
_refine.pdbx_data_cutoff_high_absF               ? 
_refine.pdbx_data_cutoff_low_absF                ? 
_refine.ls_percent_reflns_obs                    69.700 
_refine.ls_number_reflns_obs                     3441 
_refine.ls_number_reflns_all                     ? 
_refine.pdbx_ls_cross_valid_method               THROUGHOUT 
_refine.pdbx_R_Free_selection_details            random 
_refine.details                                  ? 
_refine.ls_R_factor_all                          ? 
_refine.ls_R_factor_obs                          ? 
_refine.ls_R_factor_R_work                       0.208 
_refine.ls_wR_factor_R_work                      ? 
_refine.ls_R_factor_R_free                       0.285 
_refine.ls_wR_factor_R_free                      ? 
_refine.ls_percent_reflns_R_free                 3.800 
_refine.ls_number_reflns_R_free                  187 
_refine.ls_R_factor_R_free_error                 ? 
_refine.B_iso_mean                               36.898 
_refine.solvent_model_param_bsol                 25.452 
_refine.solvent_model_param_ksol                 ? 
_refine.pdbx_isotropic_thermal_model             ? 
_refine.aniso_B[1][1]                            -4.742 
_refine.aniso_B[2][2]                            10.701 
_refine.aniso_B[3][3]                            -5.959 
_refine.aniso_B[1][2]                            0.000 
_refine.aniso_B[1][3]                            0.000 
_refine.aniso_B[2][3]                            0.000 
_refine.correlation_coeff_Fo_to_Fc               ? 
_refine.correlation_coeff_Fo_to_Fc_free          ? 
_refine.overall_SU_R_Cruickshank_DPI             ? 
_refine.overall_SU_R_free                        ? 
_refine.pdbx_overall_ESU_R                       ? 
_refine.pdbx_overall_ESU_R_Free                  ? 
_refine.overall_SU_ML                            ? 
_refine.overall_SU_B                             ? 
_refine.solvent_model_details                    ? 
_refine.pdbx_solvent_vdw_probe_radii             ? 
_refine.pdbx_solvent_ion_probe_radii             ? 
_refine.pdbx_solvent_shrinkage_radii             ? 
_refine.ls_number_parameters                     ? 
_refine.ls_number_restraints                     ? 
_refine.pdbx_starting_model                      2DX6 
_refine.pdbx_method_to_determine_struct          'MOLECULAR REPLACEMENT' 
_refine.pdbx_stereochemistry_target_values       'Engh & Huber' 
_refine.pdbx_stereochem_target_val_spec_case     ? 
_refine.overall_FOM_work_R_set                   ? 
_refine.B_iso_max                                123.88 
_refine.B_iso_min                                4.80 
_refine.pdbx_overall_phase_error                 ? 
_refine.occupancy_max                            1.00 
_refine.occupancy_min                            0.50 
_refine.pdbx_ls_sigma_I                          ? 
_refine.ls_redundancy_reflns_obs                 ? 
_refine.ls_R_factor_R_free_error_details         ? 
_refine.pdbx_data_cutoff_high_rms_absF           ? 
_refine.overall_FOM_free_R_set                   ? 
_refine.pdbx_diffrn_id                           1 
_refine.pdbx_refine_id                           'X-RAY DIFFRACTION' 
_refine.pdbx_TLS_residual_ADP_flag               ? 
_refine.pdbx_overall_SU_R_free_Cruickshank_DPI   ? 
_refine.pdbx_overall_SU_R_Blow_DPI               ? 
_refine.pdbx_overall_SU_R_free_Blow_DPI          ? 
# 
_refine_hist.pdbx_refine_id                   'X-RAY DIFFRACTION' 
_refine_hist.cycle_id                         LAST 
_refine_hist.pdbx_number_atoms_protein        1234 
_refine_hist.pdbx_number_atoms_nucleic_acid   0 
_refine_hist.pdbx_number_atoms_ligand         3 
_refine_hist.number_atoms_solvent             13 
_refine_hist.number_atoms_total               1250 
_refine_hist.d_res_high                       2.600 
_refine_hist.d_res_low                        20.000 
# 
loop_
_refine_ls_restr.type 
_refine_ls_restr.number 
_refine_ls_restr.dev_ideal 
_refine_ls_restr.dev_ideal_target 
_refine_ls_restr.weight 
_refine_ls_restr.pdbx_restraint_function 
_refine_ls_restr.pdbx_refine_id 
c_bond_d  ? 0.006 ? ? ? 'X-RAY DIFFRACTION' 
c_angle_d ? 1.298 ? ? ? 'X-RAY DIFFRACTION' 
# 
loop_
_pdbx_xplor_file.serial_no 
_pdbx_xplor_file.param_file 
_pdbx_xplor_file.topol_file 
_pdbx_xplor_file.pdbx_refine_id 
1 protein_rep.param  ? 'X-RAY DIFFRACTION' 
2 dna-rna_rep.param  ? 'X-RAY DIFFRACTION' 
3 water_rep.param    ? 'X-RAY DIFFRACTION' 
4 ion.param          ? 'X-RAY DIFFRACTION' 
5 carbohydrate.param ? 'X-RAY DIFFRACTION' 
6 Cyc.par            ? 'X-RAY DIFFRACTION' 
7 hepes.par          ? 'X-RAY DIFFRACTION' 
# 
_struct.entry_id                  3V45 
_struct.title                     
'Crystal Structure of de novo designed serine hydrolase OSH55, Northeast Structural Genomics Consortium Target OR130' 
_struct.pdbx_model_details        ? 
_struct.pdbx_CASP_flag            N 
_struct.pdbx_model_type_details   ? 
# 
_struct_keywords.entry_id        3V45 
_struct_keywords.text            
;Structural Genomics, PSI-Biology, Protein Structure Initiative, Northeast Structural Genomics Consortium, NESG, de novo design, DE NOVO PROTEIN
;
_struct_keywords.pdbx_keywords   'DE NOVO PROTEIN' 
# 
loop_
_struct_asym.id 
_struct_asym.pdbx_blank_PDB_chainid_flag 
_struct_asym.pdbx_modified 
_struct_asym.entity_id 
_struct_asym.details 
A N N 1 ? 
B N N 2 ? 
C N N 3 ? 
D N N 3 ? 
E N N 4 ? 
# 
_struct_biol.id        1 
_struct_biol.details   '17.58 kD,96.8%' 
# 
loop_
_struct_conf.conf_type_id 
_struct_conf.id 
_struct_conf.pdbx_PDB_helix_id 
_struct_conf.beg_label_comp_id 
_struct_conf.beg_label_asym_id 
_struct_conf.beg_label_seq_id 
_struct_conf.pdbx_beg_PDB_ins_code 
_struct_conf.end_label_comp_id 
_struct_conf.end_label_asym_id 
_struct_conf.end_label_seq_id 
_struct_conf.pdbx_end_PDB_ins_code 
_struct_conf.beg_auth_comp_id 
_struct_conf.beg_auth_asym_id 
_struct_conf.beg_auth_seq_id 
_struct_conf.end_auth_comp_id 
_struct_conf.end_auth_asym_id 
_struct_conf.end_auth_seq_id 
_struct_conf.pdbx_PDB_helix_class 
_struct_conf.details 
_struct_conf.pdbx_PDB_helix_length 
HELX_P HELX_P1 1 ASP A 10  ? PHE A 14  ? ASP A 10  PHE A 14  5 ? 5  
HELX_P HELX_P2 2 GLY A 32  ? GLY A 42  ? GLY A 32  GLY A 42  1 ? 11 
HELX_P HELX_P3 3 GLY A 42  ? GLY A 53  ? GLY A 42  GLY A 53  1 ? 12 
HELX_P HELX_P4 4 SER A 85  ? LEU A 103 ? SER A 85  LEU A 103 1 ? 19 
HELX_P HELX_P5 5 LEU A 113 ? GLY A 118 ? LEU A 113 GLY A 118 1 ? 6  
HELX_P HELX_P6 6 PRO A 121 ? ALA A 136 ? PRO A 121 ALA A 136 1 ? 16 
HELX_P HELX_P7 7 THR A 148 ? HIS A 165 ? THR A 148 HIS A 165 1 ? 18 
# 
_struct_conf_type.id          HELX_P 
_struct_conf_type.criteria    ? 
_struct_conf_type.reference   ? 
# 
loop_
_struct_conn.id 
_struct_conn.conn_type_id 
_struct_conn.pdbx_leaving_atom_flag 
_struct_conn.pdbx_PDB_id 
_struct_conn.ptnr1_label_asym_id 
_struct_conn.ptnr1_label_comp_id 
_struct_conn.ptnr1_label_seq_id 
_struct_conn.ptnr1_label_atom_id 
_struct_conn.pdbx_ptnr1_label_alt_id 
_struct_conn.pdbx_ptnr1_PDB_ins_code 
_struct_conn.pdbx_ptnr1_standard_comp_id 
_struct_conn.ptnr1_symmetry 
_struct_conn.ptnr2_label_asym_id 
_struct_conn.ptnr2_label_comp_id 
_struct_conn.ptnr2_label_seq_id 
_struct_conn.ptnr2_label_atom_id 
_struct_conn.pdbx_ptnr2_label_alt_id 
_struct_conn.pdbx_ptnr2_PDB_ins_code 
_struct_conn.ptnr1_auth_asym_id 
_struct_conn.ptnr1_auth_comp_id 
_struct_conn.ptnr1_auth_seq_id 
_struct_conn.ptnr2_auth_asym_id 
_struct_conn.ptnr2_auth_comp_id 
_struct_conn.ptnr2_auth_seq_id 
_struct_conn.ptnr2_symmetry 
_struct_conn.pdbx_ptnr3_label_atom_id 
_struct_conn.pdbx_ptnr3_label_seq_id 
_struct_conn.pdbx_ptnr3_label_comp_id 
_struct_conn.pdbx_ptnr3_label_asym_id 
_struct_conn.pdbx_ptnr3_label_alt_id 
_struct_conn.pdbx_ptnr3_PDB_ins_code 
_struct_conn.details 
_struct_conn.pdbx_dist_value 
_struct_conn.pdbx_value_order 
_struct_conn.pdbx_role 
metalc1 metalc ? ? A ALA 31 O ? ? ? 1_555 C NA . NA ? ? A ALA 31 A NA 169 1_555 ? ? ? ? ? ? ? 2.833 ? ? 
metalc2 metalc ? ? A GLY 66 O ? ? ? 1_555 D NA . NA ? ? A GLY 66 A NA 170 1_555 ? ? ? ? ? ? ? 2.896 ? ? 
metalc3 metalc ? ? A LEU 68 O ? ? ? 1_555 D NA . NA ? ? A LEU 68 A NA 170 1_555 ? ? ? ? ? ? ? 2.792 ? ? 
metalc4 metalc ? ? A VAL 70 O ? ? ? 1_555 D NA . NA ? ? A VAL 70 A NA 170 1_555 ? ? ? ? ? ? ? 2.800 ? ? 
# 
_struct_conn_type.id          metalc 
_struct_conn_type.criteria    ? 
_struct_conn_type.reference   ? 
# 
_struct_sheet.id               A 
_struct_sheet.type             ? 
_struct_sheet.number_strands   6 
_struct_sheet.details          ? 
# 
loop_
_struct_sheet_order.sheet_id 
_struct_sheet_order.range_id_1 
_struct_sheet_order.range_id_2 
_struct_sheet_order.offset 
_struct_sheet_order.sense 
A 1 2 ? parallel      
A 2 3 ? parallel      
A 3 4 ? parallel      
A 4 5 ? parallel      
A 5 6 ? anti-parallel 
# 
loop_
_struct_sheet_range.sheet_id 
_struct_sheet_range.id 
_struct_sheet_range.beg_label_comp_id 
_struct_sheet_range.beg_label_asym_id 
_struct_sheet_range.beg_label_seq_id 
_struct_sheet_range.pdbx_beg_PDB_ins_code 
_struct_sheet_range.end_label_comp_id 
_struct_sheet_range.end_label_asym_id 
_struct_sheet_range.end_label_seq_id 
_struct_sheet_range.pdbx_end_PDB_ins_code 
_struct_sheet_range.beg_auth_comp_id 
_struct_sheet_range.beg_auth_asym_id 
_struct_sheet_range.beg_auth_seq_id 
_struct_sheet_range.end_auth_comp_id 
_struct_sheet_range.end_auth_asym_id 
_struct_sheet_range.end_auth_seq_id 
A 1 ILE A 4   ? GLN A 8   ? ILE A 4   GLN A 8   
A 2 GLU A 141 ? HIS A 146 ? GLU A 141 HIS A 146 
A 3 THR A 107 ? THR A 111 ? THR A 107 THR A 111 
A 4 ALA A 18  ? ASN A 24  ? ALA A 18  ASN A 24  
A 5 TYR A 72  ? LEU A 79  ? TYR A 72  LEU A 79  
A 6 ALA A 60  ? GLY A 64  ? ALA A 60  GLY A 64  
# 
loop_
_pdbx_struct_sheet_hbond.sheet_id 
_pdbx_struct_sheet_hbond.range_id_1 
_pdbx_struct_sheet_hbond.range_id_2 
_pdbx_struct_sheet_hbond.range_1_label_atom_id 
_pdbx_struct_sheet_hbond.range_1_label_comp_id 
_pdbx_struct_sheet_hbond.range_1_label_asym_id 
_pdbx_struct_sheet_hbond.range_1_label_seq_id 
_pdbx_struct_sheet_hbond.range_1_PDB_ins_code 
_pdbx_struct_sheet_hbond.range_1_auth_atom_id 
_pdbx_struct_sheet_hbond.range_1_auth_comp_id 
_pdbx_struct_sheet_hbond.range_1_auth_asym_id 
_pdbx_struct_sheet_hbond.range_1_auth_seq_id 
_pdbx_struct_sheet_hbond.range_2_label_atom_id 
_pdbx_struct_sheet_hbond.range_2_label_comp_id 
_pdbx_struct_sheet_hbond.range_2_label_asym_id 
_pdbx_struct_sheet_hbond.range_2_label_seq_id 
_pdbx_struct_sheet_hbond.range_2_PDB_ins_code 
_pdbx_struct_sheet_hbond.range_2_auth_atom_id 
_pdbx_struct_sheet_hbond.range_2_auth_comp_id 
_pdbx_struct_sheet_hbond.range_2_auth_asym_id 
_pdbx_struct_sheet_hbond.range_2_auth_seq_id 
A 1 2 N VAL A 7   ? N VAL A 7   O HIS A 146 ? O HIS A 146 
A 2 3 O THR A 143 ? O THR A 143 N PHE A 110 ? N PHE A 110 
A 3 4 O ALA A 109 ? O ALA A 109 N VAL A 20  ? N VAL A 20  
A 4 5 N ALA A 23  ? N ALA A 23  O ALA A 76  ? O ALA A 76  
A 5 6 O HIS A 75  ? O HIS A 75  N ALA A 61  ? N ALA A 61  
# 
loop_
_struct_site.id 
_struct_site.pdbx_evidence_code 
_struct_site.pdbx_auth_asym_id 
_struct_site.pdbx_auth_comp_id 
_struct_site.pdbx_auth_seq_id 
_struct_site.pdbx_auth_ins_code 
_struct_site.pdbx_num_residues 
_struct_site.details 
AC1 Software A CL 168 ? 1 'BINDING SITE FOR RESIDUE CL A 168' 
AC2 Software A NA 169 ? 2 'BINDING SITE FOR RESIDUE NA A 169' 
AC3 Software A NA 170 ? 4 'BINDING SITE FOR RESIDUE NA A 170' 
# 
loop_
_struct_site_gen.id 
_struct_site_gen.site_id 
_struct_site_gen.pdbx_num_res 
_struct_site_gen.label_comp_id 
_struct_site_gen.label_asym_id 
_struct_site_gen.label_seq_id 
_struct_site_gen.pdbx_auth_ins_code 
_struct_site_gen.auth_comp_id 
_struct_site_gen.auth_asym_id 
_struct_site_gen.auth_seq_id 
_struct_site_gen.label_atom_id 
_struct_site_gen.label_alt_id 
_struct_site_gen.symmetry 
_struct_site_gen.details 
1 AC1 1 SER A 85  ? SER A 85  . ? 1_555 ? 
2 AC2 2 ALA A 31  ? ALA A 31  . ? 1_555 ? 
3 AC2 2 ALA A 115 ? ALA A 115 . ? 1_555 ? 
4 AC3 4 GLY A 66  ? GLY A 66  . ? 1_555 ? 
5 AC3 4 LEU A 68  ? LEU A 68  . ? 1_555 ? 
6 AC3 4 VAL A 70  ? VAL A 70  . ? 1_555 ? 
7 AC3 4 GLU A 161 ? GLU A 161 . ? 1_565 ? 
# 
_atom_sites.entry_id                    3V45 
_atom_sites.fract_transf_matrix[1][1]   0.01292129 
_atom_sites.fract_transf_matrix[1][2]   -0.02159390 
_atom_sites.fract_transf_matrix[1][3]   -0.02180750 
_atom_sites.fract_transf_matrix[2][1]   0.00488189 
_atom_sites.fract_transf_matrix[2][2]   -0.01681260 
_atom_sites.fract_transf_matrix[2][3]   0.01954051 
_atom_sites.fract_transf_matrix[3][1]   -0.00704619 
_atom_sites.fract_transf_matrix[3][2]   -0.00320726 
_atom_sites.fract_transf_matrix[3][3]   -0.00099914 
_atom_sites.fract_transf_vector[1]      0.185996 
_atom_sites.fract_transf_vector[2]      0.355763 
_atom_sites.fract_transf_vector[3]      0.381790 
# 
loop_
_atom_type.symbol 
C  
CL 
N  
NA 
O  
S  
# 
loop_
_atom_site.group_PDB 
_atom_site.id 
_atom_site.type_symbol 
_atom_site.label_atom_id 
_atom_site.label_alt_id 
_atom_site.label_comp_id 
_atom_site.label_asym_id 
_atom_site.label_entity_id 
_atom_site.label_seq_id 
_atom_site.pdbx_PDB_ins_code 
_atom_site.Cartn_x 
_atom_site.Cartn_y 
_atom_site.Cartn_z 
_atom_site.occupancy 
_atom_site.B_iso_or_equiv 
_atom_site.pdbx_formal_charge 
_atom_site.auth_seq_id 
_atom_site.auth_comp_id 
_atom_site.auth_asym_id 
_atom_site.auth_atom_id 
_atom_site.pdbx_PDB_model_num 
ATOM   1    N  N   . ALA A 1 2   ? -3.318  -6.266  -12.303 1.00 40.66  ? 2   ALA A N   1 
ATOM   2    C  CA  . ALA A 1 2   ? -4.089  -7.188  -11.427 1.00 32.05  ? 2   ALA A CA  1 
ATOM   3    C  C   . ALA A 1 2   ? -5.590  -7.042  -11.620 1.00 39.90  ? 2   ALA A C   1 
ATOM   4    O  O   . ALA A 1 2   ? -6.109  -7.151  -12.736 1.00 57.60  ? 2   ALA A O   1 
ATOM   5    C  CB  . ALA A 1 2   ? -3.735  -6.947  -9.960  1.00 22.46  ? 2   ALA A CB  1 
ATOM   6    N  N   . ARG A 1 3   ? -6.270  -6.786  -10.508 1.00 25.68  ? 3   ARG A N   1 
ATOM   7    C  CA  . ARG A 1 3   ? -7.720  -6.648  -10.456 1.00 33.88  ? 3   ARG A CA  1 
ATOM   8    C  C   . ARG A 1 3   ? -8.004  -5.946  -9.126  1.00 24.67  ? 3   ARG A C   1 
ATOM   9    O  O   . ARG A 1 3   ? -7.813  -6.521  -8.049  1.00 17.61  ? 3   ARG A O   1 
ATOM   10   C  CB  . ARG A 1 3   ? -8.328  -8.046  -10.495 1.00 36.17  ? 3   ARG A CB  1 
ATOM   11   C  CG  . ARG A 1 3   ? -9.828  -8.146  -10.404 1.00 41.81  ? 3   ARG A CG  1 
ATOM   12   C  CD  . ARG A 1 3   ? -10.191 -9.608  -10.624 1.00 50.12  ? 3   ARG A CD  1 
ATOM   13   N  NE  . ARG A 1 3   ? -11.505 -9.969  -10.103 1.00 63.65  ? 3   ARG A NE  1 
ATOM   14   C  CZ  . ARG A 1 3   ? -11.863 -11.213 -9.800  1.00 59.03  ? 3   ARG A CZ  1 
ATOM   15   N  NH1 . ARG A 1 3   ? -11.000 -12.208 -9.967  1.00 62.69  ? 3   ARG A NH1 1 
ATOM   16   N  NH2 . ARG A 1 3   ? -13.078 -11.463 -9.333  1.00 40.34  ? 3   ARG A NH2 1 
ATOM   17   N  N   . ILE A 1 4   ? -8.444  -4.698  -9.198  1.00 20.44  ? 4   ILE A N   1 
ATOM   18   C  CA  . ILE A 1 4   ? -8.685  -3.932  -7.983  1.00 26.34  ? 4   ILE A CA  1 
ATOM   19   C  C   . ILE A 1 4   ? -10.132 -3.558  -7.703  1.00 20.79  ? 4   ILE A C   1 
ATOM   20   O  O   . ILE A 1 4   ? -10.926 -3.355  -8.612  1.00 23.40  ? 4   ILE A O   1 
ATOM   21   C  CB  . ILE A 1 4   ? -7.831  -2.646  -7.989  1.00 43.38  ? 4   ILE A CB  1 
ATOM   22   C  CG1 . ILE A 1 4   ? -8.195  -1.757  -6.799  1.00 48.79  ? 4   ILE A CG1 1 
ATOM   23   C  CG2 . ILE A 1 4   ? -8.016  -1.922  -9.310  1.00 7.64   ? 4   ILE A CG2 1 
ATOM   24   C  CD1 . ILE A 1 4   ? -7.297  -0.547  -6.646  1.00 58.31  ? 4   ILE A CD1 1 
ATOM   25   N  N   . ARG A 1 5   ? -10.449 -3.463  -6.418  1.00 30.57  ? 5   ARG A N   1 
ATOM   26   C  CA  . ARG A 1 5   ? -11.779 -3.118  -5.954  1.00 33.53  ? 5   ARG A CA  1 
ATOM   27   C  C   . ARG A 1 5   ? -11.624 -2.013  -4.894  1.00 37.82  ? 5   ARG A C   1 
ATOM   28   O  O   . ARG A 1 5   ? -10.929 -2.187  -3.887  1.00 33.41  ? 5   ARG A O   1 
ATOM   29   C  CB  . ARG A 1 5   ? -12.427 -4.381  -5.399  1.00 35.02  ? 5   ARG A CB  1 
ATOM   30   C  CG  . ARG A 1 5   ? -12.923 -4.319  -3.978  1.00 50.07  ? 5   ARG A CG  1 
ATOM   31   C  CD  . ARG A 1 5   ? -12.894 -5.715  -3.363  1.00 58.36  ? 5   ARG A CD  1 
ATOM   32   N  NE  . ARG A 1 5   ? -13.312 -6.760  -4.305  1.00 61.34  ? 5   ARG A NE  1 
ATOM   33   C  CZ  . ARG A 1 5   ? -14.544 -6.903  -4.787  1.00 65.62  ? 5   ARG A CZ  1 
ATOM   34   N  NH1 . ARG A 1 5   ? -15.512 -6.070  -4.425  1.00 65.67  ? 5   ARG A NH1 1 
ATOM   35   N  NH2 . ARG A 1 5   ? -14.807 -7.885  -5.634  1.00 61.16  ? 5   ARG A NH2 1 
ATOM   36   N  N   . GLU A 1 6   ? -12.260 -0.867  -5.148  1.00 39.96  ? 6   GLU A N   1 
ATOM   37   C  CA  . GLU A 1 6   ? -12.179 0.297   -4.262  1.00 36.37  ? 6   GLU A CA  1 
ATOM   38   C  C   . GLU A 1 6   ? -13.292 0.368   -3.222  1.00 38.86  ? 6   GLU A C   1 
ATOM   39   O  O   . GLU A 1 6   ? -14.469 0.452   -3.570  1.00 34.03  ? 6   GLU A O   1 
ATOM   40   C  CB  . GLU A 1 6   ? -12.191 1.582   -5.099  1.00 37.27  ? 6   GLU A CB  1 
ATOM   41   C  CG  . GLU A 1 6   ? -11.191 1.586   -6.245  1.00 33.18  ? 6   GLU A CG  1 
ATOM   42   C  CD  . GLU A 1 6   ? -9.755  1.611   -5.770  1.00 49.93  ? 6   GLU A CD  1 
ATOM   43   O  OE1 . GLU A 1 6   ? -9.433  0.863   -4.824  1.00 57.19  ? 6   GLU A OE1 1 
ATOM   44   O  OE2 . GLU A 1 6   ? -8.948  2.370   -6.348  1.00 60.06  ? 6   GLU A OE2 1 
ATOM   45   N  N   . VAL A 1 7   ? -12.910 0.358   -1.944  1.00 38.72  ? 7   VAL A N   1 
ATOM   46   C  CA  . VAL A 1 7   ? -13.883 0.415   -0.852  1.00 37.77  ? 7   VAL A CA  1 
ATOM   47   C  C   . VAL A 1 7   ? -13.499 1.411   0.242   1.00 40.14  ? 7   VAL A C   1 
ATOM   48   O  O   . VAL A 1 7   ? -12.377 1.922   0.280   1.00 36.15  ? 7   VAL A O   1 
ATOM   49   C  CB  . VAL A 1 7   ? -14.062 -0.968  -0.176  1.00 23.87  ? 7   VAL A CB  1 
ATOM   50   C  CG1 . VAL A 1 7   ? -14.244 -2.044  -1.229  1.00 24.30  ? 7   VAL A CG1 1 
ATOM   51   C  CG2 . VAL A 1 7   ? -12.868 -1.269  0.720   1.00 17.94  ? 7   VAL A CG2 1 
ATOM   52   N  N   . GLN A 1 8   ? -14.450 1.675   1.132   1.00 44.15  ? 8   GLN A N   1 
ATOM   53   C  CA  . GLN A 1 8   ? -14.238 2.585   2.249   1.00 40.88  ? 8   GLN A CA  1 
ATOM   54   C  C   . GLN A 1 8   ? -14.198 1.759   3.528   1.00 40.41  ? 8   GLN A C   1 
ATOM   55   O  O   . GLN A 1 8   ? -15.186 1.124   3.887   1.00 41.39  ? 8   GLN A O   1 
ATOM   56   C  CB  . GLN A 1 8   ? -15.383 3.604   2.325   1.00 39.41  ? 8   GLN A CB  1 
ATOM   57   C  CG  . GLN A 1 8   ? -15.240 4.647   3.435   1.00 44.89  ? 8   GLN A CG  1 
ATOM   58   C  CD  . GLN A 1 8   ? -15.481 4.080   4.825   1.00 39.55  ? 8   GLN A CD  1 
ATOM   59   O  OE1 . GLN A 1 8   ? -16.571 3.598   5.126   1.00 38.83  ? 8   GLN A OE1 1 
ATOM   60   N  NE2 . GLN A 1 8   ? -14.464 4.137   5.680   1.00 39.80  ? 8   GLN A NE2 1 
ATOM   61   N  N   . GLY A 1 9   ? -13.061 1.757   4.213   1.00 32.65  ? 9   GLY A N   1 
ATOM   62   C  CA  . GLY A 1 9   ? -12.975 0.988   5.439   1.00 24.67  ? 9   GLY A CA  1 
ATOM   63   C  C   . GLY A 1 9   ? -11.707 1.160   6.254   1.00 33.73  ? 9   GLY A C   1 
ATOM   64   O  O   . GLY A 1 9   ? -10.867 2.023   5.982   1.00 23.30  ? 9   GLY A O   1 
ATOM   65   N  N   . ASP A 1 10  ? -11.594 0.333   7.290   1.00 45.81  ? 10  ASP A N   1 
ATOM   66   C  CA  . ASP A 1 10  ? -10.433 0.325   8.163   1.00 45.80  ? 10  ASP A CA  1 
ATOM   67   C  C   . ASP A 1 10  ? -9.607  -0.867  7.700   1.00 32.90  ? 10  ASP A C   1 
ATOM   68   O  O   . ASP A 1 10  ? -10.018 -2.015  7.859   1.00 17.23  ? 10  ASP A O   1 
ATOM   69   C  CB  . ASP A 1 10  ? -10.872 0.158   9.620   1.00 50.70  ? 10  ASP A CB  1 
ATOM   70   C  CG  . ASP A 1 10  ? -9.697  0.057   10.580  1.00 63.79  ? 10  ASP A CG  1 
ATOM   71   O  OD1 . ASP A 1 10  ? -8.652  0.698   10.331  1.00 66.06  ? 10  ASP A OD1 1 
ATOM   72   O  OD2 . ASP A 1 10  ? -9.826  -0.655  11.598  1.00 67.98  ? 10  ASP A OD2 1 
ATOM   73   N  N   . ILE A 1 11  ? -8.452  -0.589  7.104   1.00 20.63  ? 11  ILE A N   1 
ATOM   74   C  CA  . ILE A 1 11  ? -7.594  -1.647  6.587   1.00 13.63  ? 11  ILE A CA  1 
ATOM   75   C  C   . ILE A 1 11  ? -7.127  -2.613  7.668   1.00 29.65  ? 11  ILE A C   1 
ATOM   76   O  O   . ILE A 1 11  ? -6.726  -3.737  7.364   1.00 40.82  ? 11  ILE A O   1 
ATOM   77   C  CB  . ILE A 1 11  ? -6.353  -1.066  5.852   1.00 22.47  ? 11  ILE A CB  1 
ATOM   78   C  CG1 . ILE A 1 11  ? -5.526  -2.209  5.240   1.00 34.06  ? 11  ILE A CG1 1 
ATOM   79   C  CG2 . ILE A 1 11  ? -5.524  -0.228  6.815   1.00 21.52  ? 11  ILE A CG2 1 
ATOM   80   C  CD1 . ILE A 1 11  ? -4.404  -1.764  4.306   1.00 39.30  ? 11  ILE A CD1 1 
ATOM   81   N  N   . THR A 1 12  ? -7.178  -2.182  8.925   1.00 31.64  ? 12  THR A N   1 
ATOM   82   C  CA  . THR A 1 12  ? -6.756  -3.052  10.022  1.00 30.62  ? 12  THR A CA  1 
ATOM   83   C  C   . THR A 1 12  ? -7.835  -4.099  10.268  1.00 29.66  ? 12  THR A C   1 
ATOM   84   O  O   . THR A 1 12  ? -7.689  -4.987  11.104  1.00 27.88  ? 12  THR A O   1 
ATOM   85   C  CB  . THR A 1 12  ? -6.496  -2.254  11.331  1.00 36.61  ? 12  THR A CB  1 
ATOM   86   O  OG1 . THR A 1 12  ? -7.734  -1.766  11.868  1.00 24.39  ? 12  THR A OG1 1 
ATOM   87   C  CG2 . THR A 1 12  ? -5.559  -1.090  11.055  1.00 33.42  ? 12  THR A CG2 1 
ATOM   88   N  N   . GLU A 1 13  ? -8.918  -3.985  9.514   1.00 27.73  ? 13  GLU A N   1 
ATOM   89   C  CA  . GLU A 1 13  ? -10.032 -4.907  9.632   1.00 41.69  ? 13  GLU A CA  1 
ATOM   90   C  C   . GLU A 1 13  ? -10.059 -5.800  8.406   1.00 41.38  ? 13  GLU A C   1 
ATOM   91   O  O   . GLU A 1 13  ? -10.880 -6.705  8.311   1.00 42.82  ? 13  GLU A O   1 
ATOM   92   C  CB  . GLU A 1 13  ? -11.352 -4.134  9.737   1.00 50.29  ? 13  GLU A CB  1 
ATOM   93   C  CG  . GLU A 1 13  ? -11.405 -3.146  10.893  1.00 59.21  ? 13  GLU A CG  1 
ATOM   94   C  CD  . GLU A 1 13  ? -11.163 -3.805  12.241  1.00 73.55  ? 13  GLU A CD  1 
ATOM   95   O  OE1 . GLU A 1 13  ? -11.966 -4.680  12.627  1.00 76.67  ? 13  GLU A OE1 1 
ATOM   96   O  OE2 . GLU A 1 13  ? -10.170 -3.449  12.914  1.00 72.76  ? 13  GLU A OE2 1 
ATOM   97   N  N   . PHE A 1 14  ? -9.155  -5.535  7.468   1.00 40.01  ? 14  PHE A N   1 
ATOM   98   C  CA  . PHE A 1 14  ? -9.081  -6.311  6.237   1.00 40.09  ? 14  PHE A CA  1 
ATOM   99   C  C   . PHE A 1 14  ? -8.725  -7.775  6.488   1.00 38.19  ? 14  PHE A C   1 
ATOM   100  O  O   . PHE A 1 14  ? -7.654  -8.107  6.996   1.00 39.34  ? 14  PHE A O   1 
ATOM   101  C  CB  . PHE A 1 14  ? -8.066  -5.691  5.264   1.00 37.27  ? 14  PHE A CB  1 
ATOM   102  C  CG  . PHE A 1 14  ? -7.922  -6.453  3.975   1.00 39.42  ? 14  PHE A CG  1 
ATOM   103  C  CD1 . PHE A 1 14  ? -8.937  -6.437  3.023   1.00 29.51  ? 14  PHE A CD1 1 
ATOM   104  C  CD2 . PHE A 1 14  ? -6.793  -7.245  3.741   1.00 43.04  ? 14  PHE A CD2 1 
ATOM   105  C  CE1 . PHE A 1 14  ? -8.836  -7.197  1.864   1.00 32.56  ? 14  PHE A CE1 1 
ATOM   106  C  CE2 . PHE A 1 14  ? -6.684  -8.013  2.580   1.00 39.91  ? 14  PHE A CE2 1 
ATOM   107  C  CZ  . PHE A 1 14  ? -7.705  -7.990  1.640   1.00 33.38  ? 14  PHE A CZ  1 
ATOM   108  N  N   . GLN A 1 15  ? -9.648  -8.648  6.118   1.00 36.18  ? 15  GLN A N   1 
ATOM   109  C  CA  . GLN A 1 15  ? -9.466  -10.079 6.275   1.00 33.02  ? 15  GLN A CA  1 
ATOM   110  C  C   . GLN A 1 15  ? -8.792  -10.581 4.990   1.00 30.43  ? 15  GLN A C   1 
ATOM   111  O  O   . GLN A 1 15  ? -9.351  -10.456 3.895   1.00 35.98  ? 15  GLN A O   1 
ATOM   112  C  CB  . GLN A 1 15  ? -10.835 -10.731 6.458   1.00 34.55  ? 15  GLN A CB  1 
ATOM   113  C  CG  . GLN A 1 15  ? -10.863 -11.954 7.345   1.00 46.58  ? 15  GLN A CG  1 
ATOM   114  C  CD  . GLN A 1 15  ? -10.549 -11.628 8.785   1.00 49.07  ? 15  GLN A CD  1 
ATOM   115  O  OE1 . GLN A 1 15  ? -10.953 -10.584 9.299   1.00 48.57  ? 15  GLN A OE1 1 
ATOM   116  N  NE2 . GLN A 1 15  ? -9.834  -12.532 9.454   1.00 50.12  ? 15  GLN A NE2 1 
ATOM   117  N  N   . GLY A 1 16  ? -7.592  -11.134 5.119   1.00 36.55  ? 16  GLY A N   1 
ATOM   118  C  CA  . GLY A 1 16  ? -6.881  -11.622 3.948   1.00 35.10  ? 16  GLY A CA  1 
ATOM   119  C  C   . GLY A 1 16  ? -5.444  -12.000 4.244   1.00 34.38  ? 16  GLY A C   1 
ATOM   120  O  O   . GLY A 1 16  ? -5.099  -12.283 5.393   1.00 32.44  ? 16  GLY A O   1 
ATOM   121  N  N   . ASP A 1 17  ? -4.607  -11.997 3.206   1.00 26.17  ? 17  ASP A N   1 
ATOM   122  C  CA  . ASP A 1 17  ? -3.190  -12.355 3.333   1.00 24.57  ? 17  ASP A CA  1 
ATOM   123  C  C   . ASP A 1 17  ? -2.275  -11.224 3.779   1.00 25.69  ? 17  ASP A C   1 
ATOM   124  O  O   . ASP A 1 17  ? -1.363  -11.445 4.579   1.00 30.27  ? 17  ASP A O   1 
ATOM   125  C  CB  . ASP A 1 17  ? -2.654  -12.899 2.010   1.00 33.03  ? 17  ASP A CB  1 
ATOM   126  C  CG  . ASP A 1 17  ? -3.209  -14.256 1.674   1.00 39.08  ? 17  ASP A CG  1 
ATOM   127  O  OD1 . ASP A 1 17  ? -3.154  -15.150 2.544   1.00 43.82  ? 17  ASP A OD1 1 
ATOM   128  O  OD2 . ASP A 1 17  ? -3.692  -14.434 0.538   1.00 37.40  ? 17  ASP A OD2 1 
ATOM   129  N  N   . ALA A 1 18  ? -2.507  -10.019 3.261   1.00 17.38  ? 18  ALA A N   1 
ATOM   130  C  CA  . ALA A 1 18  ? -1.668  -8.892  3.616   1.00 20.16  ? 18  ALA A CA  1 
ATOM   131  C  C   . ALA A 1 18  ? -2.220  -7.499  3.282   1.00 27.62  ? 18  ALA A C   1 
ATOM   132  O  O   . ALA A 1 18  ? -3.096  -7.328  2.429   1.00 23.46  ? 18  ALA A O   1 
ATOM   133  C  CB  . ALA A 1 18  ? -0.288  -9.070  2.963   1.00 5.73   ? 18  ALA A CB  1 
ATOM   134  N  N   . ILE A 1 19  ? -1.677  -6.504  3.981   1.00 25.64  ? 19  ILE A N   1 
ATOM   135  C  CA  . ILE A 1 19  ? -2.037  -5.110  3.775   1.00 12.60  ? 19  ILE A CA  1 
ATOM   136  C  C   . ILE A 1 19  ? -0.764  -4.384  3.351   1.00 23.09  ? 19  ILE A C   1 
ATOM   137  O  O   . ILE A 1 19  ? 0.341   -4.778  3.724   1.00 26.96  ? 19  ILE A O   1 
ATOM   138  C  CB  . ILE A 1 19  ? -2.583  -4.458  5.063   1.00 37.21  ? 19  ILE A CB  1 
ATOM   139  C  CG1 . ILE A 1 19  ? -1.506  -4.440  6.145   1.00 39.92  ? 19  ILE A CG1 1 
ATOM   140  C  CG2 . ILE A 1 19  ? -3.794  -5.219  5.552   1.00 37.47  ? 19  ILE A CG2 1 
ATOM   141  C  CD1 . ILE A 1 19  ? -1.946  -3.786  7.431   1.00 39.59  ? 19  ILE A CD1 1 
ATOM   142  N  N   . VAL A 1 20  ? -0.924  -3.331  2.559   1.00 22.66  ? 20  VAL A N   1 
ATOM   143  C  CA  . VAL A 1 20  ? 0.211   -2.554  2.098   1.00 21.52  ? 20  VAL A CA  1 
ATOM   144  C  C   . VAL A 1 20  ? 0.098   -1.130  2.635   1.00 27.57  ? 20  VAL A C   1 
ATOM   145  O  O   . VAL A 1 20  ? -0.975  -0.524  2.599   1.00 43.77  ? 20  VAL A O   1 
ATOM   146  C  CB  . VAL A 1 20  ? 0.260   -2.506  0.574   1.00 19.30  ? 20  VAL A CB  1 
ATOM   147  C  CG1 . VAL A 1 20  ? 1.633   -2.017  0.124   1.00 12.32  ? 20  VAL A CG1 1 
ATOM   148  C  CG2 . VAL A 1 20  ? -0.048  -3.883  -0.001  1.00 27.48  ? 20  VAL A CG2 1 
ATOM   149  N  N   . ASN A 1 21  ? 1.209   -0.596  3.132   1.00 28.61  ? 21  ASN A N   1 
ATOM   150  C  CA  . ASN A 1 21  ? 1.205   0.746   3.681   1.00 38.54  ? 21  ASN A CA  1 
ATOM   151  C  C   . ASN A 1 21  ? 2.379   1.605   3.234   1.00 31.98  ? 21  ASN A C   1 
ATOM   152  O  O   . ASN A 1 21  ? 3.501   1.130   3.116   1.00 25.09  ? 21  ASN A O   1 
ATOM   153  C  CB  . ASN A 1 21  ? 1.175   0.676   5.210   1.00 55.97  ? 21  ASN A CB  1 
ATOM   154  C  CG  . ASN A 1 21  ? 1.084   2.044   5.857   1.00 60.96  ? 21  ASN A CG  1 
ATOM   155  O  OD1 . ASN A 1 21  ? 0.240   2.864   5.484   1.00 62.21  ? 21  ASN A OD1 1 
ATOM   156  N  ND2 . ASN A 1 21  ? 1.948   2.295   6.837   1.00 49.95  ? 21  ASN A ND2 1 
ATOM   157  N  N   . ALA A 1 22  ? 2.094   2.881   2.990   1.00 42.04  ? 22  ALA A N   1 
ATOM   158  C  CA  . ALA A 1 22  ? 3.101   3.848   2.586   1.00 41.77  ? 22  ALA A CA  1 
ATOM   159  C  C   . ALA A 1 22  ? 4.099   3.939   3.733   1.00 48.15  ? 22  ALA A C   1 
ATOM   160  O  O   . ALA A 1 22  ? 3.709   4.081   4.891   1.00 41.96  ? 22  ALA A O   1 
ATOM   161  C  CB  . ALA A 1 22  ? 2.448   5.205   2.343   1.00 30.97  ? 22  ALA A CB  1 
ATOM   162  N  N   . ALA A 1 23  ? 5.384   3.866   3.411   1.00 45.94  ? 23  ALA A N   1 
ATOM   163  C  CA  . ALA A 1 23  ? 6.417   3.908   4.434   1.00 38.42  ? 23  ALA A CA  1 
ATOM   164  C  C   . ALA A 1 23  ? 7.601   4.789   4.064   1.00 32.18  ? 23  ALA A C   1 
ATOM   165  O  O   . ALA A 1 23  ? 7.726   5.249   2.930   1.00 41.11  ? 23  ALA A O   1 
ATOM   166  C  CB  . ALA A 1 23  ? 6.914   2.473   4.713   1.00 5.70   ? 23  ALA A CB  1 
ATOM   167  N  N   . ASN A 1 24  ? 8.456   5.029   5.055   1.00 28.63  ? 24  ASN A N   1 
ATOM   168  C  CA  . ASN A 1 24  ? 9.692   5.777   4.861   1.00 36.60  ? 24  ASN A CA  1 
ATOM   169  C  C   . ASN A 1 24  ? 10.752  4.676   4.922   1.00 37.13  ? 24  ASN A C   1 
ATOM   170  O  O   . ASN A 1 24  ? 10.639  3.754   5.730   1.00 34.50  ? 24  ASN A O   1 
ATOM   171  C  CB  . ASN A 1 24  ? 9.890   6.816   5.973   1.00 18.26  ? 24  ASN A CB  1 
ATOM   172  C  CG  . ASN A 1 24  ? 9.723   6.234   7.364   1.00 18.15  ? 24  ASN A CG  1 
ATOM   173  O  OD1 . ASN A 1 24  ? 10.620  5.574   7.889   1.00 20.42  ? 24  ASN A OD1 1 
ATOM   174  N  ND2 . ASN A 1 24  ? 8.564   6.471   7.966   1.00 28.60  ? 24  ASN A ND2 1 
ATOM   175  N  N   . ASN A 1 25  ? 11.759  4.753   4.054   1.00 28.51  ? 25  ASN A N   1 
ATOM   176  C  CA  . ASN A 1 25  ? 12.802  3.727   3.996   1.00 22.41  ? 25  ASN A CA  1 
ATOM   177  C  C   . ASN A 1 25  ? 13.440  3.353   5.338   1.00 23.17  ? 25  ASN A C   1 
ATOM   178  O  O   . ASN A 1 25  ? 14.178  2.374   5.431   1.00 27.05  ? 25  ASN A O   1 
ATOM   179  C  CB  . ASN A 1 25  ? 13.880  4.130   2.993   1.00 13.20  ? 25  ASN A CB  1 
ATOM   180  C  CG  . ASN A 1 25  ? 14.649  5.348   3.427   1.00 27.41  ? 25  ASN A CG  1 
ATOM   181  O  OD1 . ASN A 1 25  ? 14.100  6.440   3.536   1.00 25.40  ? 25  ASN A OD1 1 
ATOM   182  N  ND2 . ASN A 1 25  ? 15.936  5.166   3.676   1.00 36.91  ? 25  ASN A ND2 1 
ATOM   183  N  N   . TYR A 1 26  ? 13.150  4.129   6.378   1.00 20.33  ? 26  TYR A N   1 
ATOM   184  C  CA  . TYR A 1 26  ? 13.656  3.833   7.714   1.00 20.53  ? 26  TYR A CA  1 
ATOM   185  C  C   . TYR A 1 26  ? 12.740  2.781   8.341   1.00 22.78  ? 26  TYR A C   1 
ATOM   186  O  O   . TYR A 1 26  ? 13.078  2.152   9.348   1.00 20.27  ? 26  TYR A O   1 
ATOM   187  C  CB  . TYR A 1 26  ? 13.667  5.108   8.564   1.00 37.13  ? 26  TYR A CB  1 
ATOM   188  C  CG  . TYR A 1 26  ? 14.640  6.147   8.049   1.00 59.00  ? 26  TYR A CG  1 
ATOM   189  C  CD1 . TYR A 1 26  ? 16.013  5.974   8.199   1.00 66.37  ? 26  TYR A CD1 1 
ATOM   190  C  CD2 . TYR A 1 26  ? 14.189  7.273   7.362   1.00 68.30  ? 26  TYR A CD2 1 
ATOM   191  C  CE1 . TYR A 1 26  ? 16.914  6.890   7.676   1.00 77.29  ? 26  TYR A CE1 1 
ATOM   192  C  CE2 . TYR A 1 26  ? 15.085  8.197   6.832   1.00 73.84  ? 26  TYR A CE2 1 
ATOM   193  C  CZ  . TYR A 1 26  ? 16.445  7.997   6.995   1.00 87.08  ? 26  TYR A CZ  1 
ATOM   194  O  OH  . TYR A 1 26  ? 17.339  8.909   6.484   1.00 102.20 ? 26  TYR A OH  1 
ATOM   195  N  N   . LEU A 1 27  ? 11.580  2.593   7.717   1.00 21.17  ? 27  LEU A N   1 
ATOM   196  C  CA  . LEU A 1 27  ? 10.589  1.633   8.173   1.00 24.06  ? 27  LEU A CA  1 
ATOM   197  C  C   . LEU A 1 27  ? 10.061  1.999   9.564   1.00 37.15  ? 27  LEU A C   1 
ATOM   198  O  O   . LEU A 1 27  ? 9.565   1.152   10.308  1.00 45.23  ? 27  LEU A O   1 
ATOM   199  C  CB  . LEU A 1 27  ? 11.183  0.219   8.175   1.00 21.03  ? 27  LEU A CB  1 
ATOM   200  C  CG  . LEU A 1 27  ? 11.616  -0.334  6.812   1.00 17.26  ? 27  LEU A CG  1 
ATOM   201  C  CD1 . LEU A 1 27  ? 12.096  -1.769  6.965   1.00 20.63  ? 27  LEU A CD1 1 
ATOM   202  C  CD2 . LEU A 1 27  ? 10.466  -0.280  5.840   1.00 19.41  ? 27  LEU A CD2 1 
ATOM   203  N  N   . LYS A 1 28  ? 10.166  3.275   9.908   1.00 38.11  ? 28  LYS A N   1 
ATOM   204  C  CA  . LYS A 1 28  ? 9.681   3.746   11.190  1.00 44.57  ? 28  LYS A CA  1 
ATOM   205  C  C   . LYS A 1 28  ? 8.206   4.091   11.031  1.00 44.61  ? 28  LYS A C   1 
ATOM   206  O  O   . LYS A 1 28  ? 7.864   5.028   10.318  1.00 44.80  ? 28  LYS A O   1 
ATOM   207  C  CB  . LYS A 1 28  ? 10.472  4.978   11.628  1.00 47.93  ? 28  LYS A CB  1 
ATOM   208  C  CG  . LYS A 1 28  ? 11.984  4.771   11.657  1.00 50.51  ? 28  LYS A CG  1 
ATOM   209  C  CD  . LYS A 1 28  ? 12.388  3.526   12.455  1.00 59.85  ? 28  LYS A CD  1 
ATOM   210  C  CE  . LYS A 1 28  ? 11.954  3.602   13.919  1.00 70.70  ? 28  LYS A CE  1 
ATOM   211  N  NZ  . LYS A 1 28  ? 12.329  2.374   14.693  1.00 72.44  ? 28  LYS A NZ  1 
ATOM   212  N  N   . LEU A 1 29  ? 7.340   3.323   11.689  1.00 44.20  ? 29  LEU A N   1 
ATOM   213  C  CA  . LEU A 1 29  ? 5.892   3.533   11.611  1.00 47.20  ? 29  LEU A CA  1 
ATOM   214  C  C   . LEU A 1 29  ? 5.459   4.768   12.379  1.00 57.07  ? 29  LEU A C   1 
ATOM   215  O  O   . LEU A 1 29  ? 5.767   4.904   13.561  1.00 64.15  ? 29  LEU A O   1 
ATOM   216  C  CB  . LEU A 1 29  ? 5.141   2.300   12.130  1.00 43.66  ? 29  LEU A CB  1 
ATOM   217  C  CG  . LEU A 1 29  ? 5.087   1.096   11.177  1.00 35.62  ? 29  LEU A CG  1 
ATOM   218  C  CD1 . LEU A 1 29  ? 6.496   0.652   10.804  1.00 38.84  ? 29  LEU A CD1 1 
ATOM   219  C  CD2 . LEU A 1 29  ? 4.328   -0.040  11.833  1.00 32.31  ? 29  LEU A CD2 1 
ATOM   220  N  N   . GLY A 1 30  ? 4.725   5.655   11.707  1.00 57.65  ? 30  GLY A N   1 
ATOM   221  C  CA  . GLY A 1 30  ? 4.308   6.885   12.354  1.00 54.29  ? 30  GLY A CA  1 
ATOM   222  C  C   . GLY A 1 30  ? 2.850   7.303   12.484  1.00 47.15  ? 30  GLY A C   1 
ATOM   223  O  O   . GLY A 1 30  ? 2.070   6.707   13.231  1.00 35.96  ? 30  GLY A O   1 
ATOM   224  N  N   . ALA A 1 31  ? 2.498   8.354   11.752  1.00 37.55  ? 31  ALA A N   1 
ATOM   225  C  CA  . ALA A 1 31  ? 1.170   8.947   11.800  1.00 43.81  ? 31  ALA A CA  1 
ATOM   226  C  C   . ALA A 1 31  ? 0.049   8.243   11.059  1.00 52.63  ? 31  ALA A C   1 
ATOM   227  O  O   . ALA A 1 31  ? 0.271   7.323   10.275  1.00 47.27  ? 31  ALA A O   1 
ATOM   228  C  CB  . ALA A 1 31  ? 1.252   10.388  11.333  1.00 36.88  ? 31  ALA A CB  1 
ATOM   229  N  N   . GLY A 1 32  ? -1.166  8.708   11.331  1.00 41.62  ? 32  GLY A N   1 
ATOM   230  C  CA  . GLY A 1 32  ? -2.355  8.168   10.705  1.00 32.92  ? 32  GLY A CA  1 
ATOM   231  C  C   . GLY A 1 32  ? -2.539  6.670   10.836  1.00 39.46  ? 32  GLY A C   1 
ATOM   232  O  O   . GLY A 1 32  ? -2.209  6.067   11.861  1.00 48.35  ? 32  GLY A O   1 
ATOM   233  N  N   . VAL A 1 33  ? -3.066  6.077   9.770   1.00 35.89  ? 33  VAL A N   1 
ATOM   234  C  CA  . VAL A 1 33  ? -3.346  4.653   9.721   1.00 40.87  ? 33  VAL A CA  1 
ATOM   235  C  C   . VAL A 1 33  ? -2.146  3.761   10.020  1.00 39.77  ? 33  VAL A C   1 
ATOM   236  O  O   . VAL A 1 33  ? -2.309  2.680   10.586  1.00 42.02  ? 33  VAL A O   1 
ATOM   237  C  CB  . VAL A 1 33  ? -3.955  4.267   8.355   1.00 36.44  ? 33  VAL A CB  1 
ATOM   238  C  CG1 . VAL A 1 33  ? -5.059  5.242   8.007   1.00 42.08  ? 33  VAL A CG1 1 
ATOM   239  C  CG2 . VAL A 1 33  ? -2.895  4.267   7.281   1.00 28.36  ? 33  VAL A CG2 1 
ATOM   240  N  N   . ALA A 1 34  ? -0.947  4.199   9.649   1.00 20.99  ? 34  ALA A N   1 
ATOM   241  C  CA  . ALA A 1 34  ? 0.234   3.388   9.923   1.00 12.38  ? 34  ALA A CA  1 
ATOM   242  C  C   . ALA A 1 34  ? 0.285   3.120   11.420  1.00 18.50  ? 34  ALA A C   1 
ATOM   243  O  O   . ALA A 1 34  ? 0.643   2.024   11.857  1.00 22.43  ? 34  ALA A O   1 
ATOM   244  C  CB  . ALA A 1 34  ? 1.481   4.102   9.482   1.00 16.69  ? 34  ALA A CB  1 
ATOM   245  N  N   . GLY A 1 35  ? -0.097  4.129   12.200  1.00 28.00  ? 35  GLY A N   1 
ATOM   246  C  CA  . GLY A 1 35  ? -0.112  3.992   13.645  1.00 21.98  ? 35  GLY A CA  1 
ATOM   247  C  C   . GLY A 1 35  ? -1.193  3.027   14.093  1.00 23.39  ? 35  GLY A C   1 
ATOM   248  O  O   . GLY A 1 35  ? -1.019  2.298   15.074  1.00 28.15  ? 35  GLY A O   1 
ATOM   249  N  N   . ALA A 1 36  ? -2.318  3.033   13.381  1.00 21.67  ? 36  ALA A N   1 
ATOM   250  C  CA  . ALA A 1 36  ? -3.419  2.133   13.693  1.00 28.87  ? 36  ALA A CA  1 
ATOM   251  C  C   . ALA A 1 36  ? -2.825  0.746   13.599  1.00 24.46  ? 36  ALA A C   1 
ATOM   252  O  O   . ALA A 1 36  ? -2.971  -0.069  14.507  1.00 36.90  ? 36  ALA A O   1 
ATOM   253  C  CB  . ALA A 1 36  ? -4.542  2.295   12.683  1.00 32.64  ? 36  ALA A CB  1 
ATOM   254  N  N   . ILE A 1 37  ? -2.139  0.499   12.488  1.00 26.09  ? 37  ILE A N   1 
ATOM   255  C  CA  . ILE A 1 37  ? -1.463  -0.771  12.225  1.00 30.18  ? 37  ILE A CA  1 
ATOM   256  C  C   . ILE A 1 37  ? -0.613  -1.194  13.421  1.00 32.84  ? 37  ILE A C   1 
ATOM   257  O  O   . ILE A 1 37  ? -0.800  -2.268  13.993  1.00 38.13  ? 37  ILE A O   1 
ATOM   258  C  CB  . ILE A 1 37  ? -0.553  -0.642  10.994  1.00 25.38  ? 37  ILE A CB  1 
ATOM   259  C  CG1 . ILE A 1 37  ? -1.418  -0.510  9.738   1.00 27.10  ? 37  ILE A CG1 1 
ATOM   260  C  CG2 . ILE A 1 37  ? 0.397   -1.820  10.918  1.00 24.30  ? 37  ILE A CG2 1 
ATOM   261  C  CD1 . ILE A 1 37  ? -0.660  -0.131  8.491   1.00 24.59  ? 37  ILE A CD1 1 
ATOM   262  N  N   . LEU A 1 38  ? 0.330   -0.339  13.788  1.00 29.45  ? 38  LEU A N   1 
ATOM   263  C  CA  . LEU A 1 38  ? 1.194   -0.610  14.926  1.00 23.26  ? 38  LEU A CA  1 
ATOM   264  C  C   . LEU A 1 38  ? 0.344   -0.799  16.189  1.00 31.74  ? 38  LEU A C   1 
ATOM   265  O  O   . LEU A 1 38  ? 0.693   -1.579  17.076  1.00 26.71  ? 38  LEU A O   1 
ATOM   266  C  CB  . LEU A 1 38  ? 2.161   0.552   15.119  1.00 23.30  ? 38  LEU A CB  1 
ATOM   267  C  CG  . LEU A 1 38  ? 3.045   0.460   16.359  1.00 33.70  ? 38  LEU A CG  1 
ATOM   268  C  CD1 . LEU A 1 38  ? 4.308   -0.375  16.071  1.00 18.60  ? 38  LEU A CD1 1 
ATOM   269  C  CD2 . LEU A 1 38  ? 3.396   1.880   16.794  1.00 5.03   ? 38  LEU A CD2 1 
ATOM   270  N  N   . ARG A 1 39  ? -0.772  -0.081  16.259  1.00 43.55  ? 39  ARG A N   1 
ATOM   271  C  CA  . ARG A 1 39  ? -1.680  -0.166  17.398  1.00 40.13  ? 39  ARG A CA  1 
ATOM   272  C  C   . ARG A 1 39  ? -2.391  -1.527  17.401  1.00 28.81  ? 39  ARG A C   1 
ATOM   273  O  O   . ARG A 1 39  ? -2.306  -2.277  18.371  1.00 23.61  ? 39  ARG A O   1 
ATOM   274  C  CB  . ARG A 1 39  ? -2.699  0.982   17.326  1.00 55.46  ? 39  ARG A CB  1 
ATOM   275  C  CG  . ARG A 1 39  ? -3.025  1.659   18.664  1.00 63.71  ? 39  ARG A CG  1 
ATOM   276  C  CD  . ARG A 1 39  ? -3.971  0.830   19.519  1.00 75.30  ? 39  ARG A CD  1 
ATOM   277  N  NE  . ARG A 1 39  ? -5.294  0.718   18.906  1.00 83.10  ? 39  ARG A NE  1 
ATOM   278  C  CZ  . ARG A 1 39  ? -6.287  -0.018  19.393  1.00 79.16  ? 39  ARG A CZ  1 
ATOM   279  N  NH1 . ARG A 1 39  ? -6.116  -0.717  20.509  1.00 73.22  ? 39  ARG A NH1 1 
ATOM   280  N  NH2 . ARG A 1 39  ? -7.454  -0.058  18.764  1.00 77.25  ? 39  ARG A NH2 1 
ATOM   281  N  N   . LYS A 1 40  ? -3.083  -1.845  16.311  1.00 24.69  ? 40  LYS A N   1 
ATOM   282  C  CA  . LYS A 1 40  ? -3.795  -3.115  16.196  1.00 30.66  ? 40  LYS A CA  1 
ATOM   283  C  C   . LYS A 1 40  ? -2.827  -4.295  16.170  1.00 27.68  ? 40  LYS A C   1 
ATOM   284  O  O   . LYS A 1 40  ? -3.033  -5.290  16.863  1.00 31.03  ? 40  LYS A O   1 
ATOM   285  C  CB  . LYS A 1 40  ? -4.636  -3.159  14.913  1.00 39.25  ? 40  LYS A CB  1 
ATOM   286  C  CG  . LYS A 1 40  ? -5.859  -2.259  14.884  1.00 52.29  ? 40  LYS A CG  1 
ATOM   287  C  CD  . LYS A 1 40  ? -6.903  -2.678  15.904  1.00 59.73  ? 40  LYS A CD  1 
ATOM   288  C  CE  . LYS A 1 40  ? -8.081  -1.711  15.902  1.00 67.57  ? 40  LYS A CE  1 
ATOM   289  N  NZ  . LYS A 1 40  ? -9.015  -1.925  17.046  1.00 68.97  ? 40  LYS A NZ  1 
ATOM   290  N  N   . GLY A 1 41  ? -1.775  -4.170  15.364  1.00 22.17  ? 41  GLY A N   1 
ATOM   291  C  CA  . GLY A 1 41  ? -0.789  -5.233  15.216  1.00 34.71  ? 41  GLY A CA  1 
ATOM   292  C  C   . GLY A 1 41  ? 0.084   -5.589  16.411  1.00 38.82  ? 41  GLY A C   1 
ATOM   293  O  O   . GLY A 1 41  ? 0.245   -6.767  16.728  1.00 30.95  ? 41  GLY A O   1 
ATOM   294  N  N   . GLY A 1 42  ? 0.655   -4.583  17.068  1.00 41.72  ? 42  GLY A N   1 
ATOM   295  C  CA  . GLY A 1 42  ? 1.514   -4.840  18.211  1.00 40.05  ? 42  GLY A CA  1 
ATOM   296  C  C   . GLY A 1 42  ? 2.938   -4.367  17.968  1.00 32.44  ? 42  GLY A C   1 
ATOM   297  O  O   . GLY A 1 42  ? 3.246   -3.890  16.872  1.00 36.11  ? 42  GLY A O   1 
ATOM   298  N  N   . PRO A 1 43  ? 3.837   -4.496  18.963  1.00 24.47  ? 43  PRO A N   1 
ATOM   299  C  CA  . PRO A 1 43  ? 5.242   -4.078  18.862  1.00 24.48  ? 43  PRO A CA  1 
ATOM   300  C  C   . PRO A 1 43  ? 6.022   -4.932  17.870  1.00 26.95  ? 43  PRO A C   1 
ATOM   301  O  O   . PRO A 1 43  ? 7.080   -4.523  17.375  1.00 19.80  ? 43  PRO A O   1 
ATOM   302  C  CB  . PRO A 1 43  ? 5.769   -4.255  20.287  1.00 29.96  ? 43  PRO A CB  1 
ATOM   303  C  CG  . PRO A 1 43  ? 4.532   -4.214  21.137  1.00 52.73  ? 43  PRO A CG  1 
ATOM   304  C  CD  . PRO A 1 43  ? 3.552   -5.000  20.315  1.00 35.26  ? 43  PRO A CD  1 
ATOM   305  N  N   . SER A 1 44  ? 5.494   -6.121  17.597  1.00 28.81  ? 44  SER A N   1 
ATOM   306  C  CA  . SER A 1 44  ? 6.111   -7.055  16.664  1.00 22.10  ? 44  SER A CA  1 
ATOM   307  C  C   . SER A 1 44  ? 6.414   -6.397  15.322  1.00 15.28  ? 44  SER A C   1 
ATOM   308  O  O   . SER A 1 44  ? 7.528   -6.506  14.804  1.00 17.25  ? 44  SER A O   1 
ATOM   309  C  CB  . SER A 1 44  ? 5.186   -8.250  16.432  1.00 25.43  ? 44  SER A CB  1 
ATOM   310  O  OG  . SER A 1 44  ? 4.989   -8.976  17.629  1.00 40.63  ? 44  SER A OG  1 
ATOM   311  N  N   . ILE A 1 45  ? 5.416   -5.711  14.773  1.00 18.86  ? 45  ILE A N   1 
ATOM   312  C  CA  . ILE A 1 45  ? 5.541   -5.053  13.473  1.00 26.20  ? 45  ILE A CA  1 
ATOM   313  C  C   . ILE A 1 45  ? 6.733   -4.117  13.391  1.00 33.95  ? 45  ILE A C   1 
ATOM   314  O  O   . ILE A 1 45  ? 7.661   -4.362  12.624  1.00 35.36  ? 45  ILE A O   1 
ATOM   315  C  CB  . ILE A 1 45  ? 4.253   -4.262  13.109  1.00 27.82  ? 45  ILE A CB  1 
ATOM   316  C  CG1 . ILE A 1 45  ? 3.030   -5.188  13.187  1.00 26.43  ? 45  ILE A CG1 1 
ATOM   317  C  CG2 . ILE A 1 45  ? 4.369   -3.700  11.686  1.00 20.29  ? 45  ILE A CG2 1 
ATOM   318  C  CD1 . ILE A 1 45  ? 1.726   -4.542  12.762  1.00 21.03  ? 45  ILE A CD1 1 
ATOM   319  N  N   . GLN A 1 46  ? 6.704   -3.050  14.182  1.00 32.40  ? 46  GLN A N   1 
ATOM   320  C  CA  . GLN A 1 46  ? 7.792   -2.075  14.196  1.00 22.98  ? 46  GLN A CA  1 
ATOM   321  C  C   . GLN A 1 46  ? 9.153   -2.697  14.522  1.00 30.49  ? 46  GLN A C   1 
ATOM   322  O  O   . GLN A 1 46  ? 10.162  -2.349  13.908  1.00 42.34  ? 46  GLN A O   1 
ATOM   323  C  CB  . GLN A 1 46  ? 7.489   -0.971  15.206  1.00 20.94  ? 46  GLN A CB  1 
ATOM   324  C  CG  . GLN A 1 46  ? 8.585   0.053   15.321  1.00 8.40   ? 46  GLN A CG  1 
ATOM   325  C  CD  . GLN A 1 46  ? 8.799   0.778   14.027  1.00 21.30  ? 46  GLN A CD  1 
ATOM   326  O  OE1 . GLN A 1 46  ? 7.936   1.536   13.591  1.00 28.68  ? 46  GLN A OE1 1 
ATOM   327  N  NE2 . GLN A 1 46  ? 9.948   0.546   13.391  1.00 15.33  ? 46  GLN A NE2 1 
ATOM   328  N  N   . GLU A 1 47  ? 9.183   -3.605  15.491  1.00 31.97  ? 47  GLU A N   1 
ATOM   329  C  CA  . GLU A 1 47  ? 10.433  -4.254  15.870  1.00 30.89  ? 47  GLU A CA  1 
ATOM   330  C  C   . GLU A 1 47  ? 10.990  -5.101  14.723  1.00 30.05  ? 47  GLU A C   1 
ATOM   331  O  O   . GLU A 1 47  ? 12.208  -5.219  14.569  1.00 36.81  ? 47  GLU A O   1 
ATOM   332  C  CB  . GLU A 1 47  ? 10.231  -5.102  17.131  1.00 44.62  ? 47  GLU A CB  1 
ATOM   333  C  CG  . GLU A 1 47  ? 9.748   -4.275  18.325  1.00 60.72  ? 47  GLU A CG  1 
ATOM   334  C  CD  . GLU A 1 47  ? 9.753   -5.036  19.643  1.00 63.25  ? 47  GLU A CD  1 
ATOM   335  O  OE1 . GLU A 1 47  ? 9.300   -4.461  20.658  1.00 37.18  ? 47  GLU A OE1 1 
ATOM   336  O  OE2 . GLU A 1 47  ? 10.211  -6.199  19.669  1.00 78.57  ? 47  GLU A OE2 1 
ATOM   337  N  N   . GLU A 1 48  ? 10.111  -5.687  13.913  1.00 18.66  ? 48  GLU A N   1 
ATOM   338  C  CA  . GLU A 1 48  ? 10.583  -6.483  12.790  1.00 17.42  ? 48  GLU A CA  1 
ATOM   339  C  C   . GLU A 1 48  ? 11.382  -5.529  11.933  1.00 22.51  ? 48  GLU A C   1 
ATOM   340  O  O   . GLU A 1 48  ? 12.469  -5.860  11.457  1.00 32.10  ? 48  GLU A O   1 
ATOM   341  C  CB  . GLU A 1 48  ? 9.423   -7.033  11.960  1.00 23.47  ? 48  GLU A CB  1 
ATOM   342  C  CG  . GLU A 1 48  ? 8.501   -7.973  12.696  1.00 36.76  ? 48  GLU A CG  1 
ATOM   343  C  CD  . GLU A 1 48  ? 8.261   -9.247  11.932  1.00 52.41  ? 48  GLU A CD  1 
ATOM   344  O  OE1 . GLU A 1 48  ? 7.357   -10.017 12.324  1.00 55.99  ? 48  GLU A OE1 1 
ATOM   345  O  OE2 . GLU A 1 48  ? 8.990   -9.479  10.942  1.00 56.74  ? 48  GLU A OE2 1 
ATOM   346  N  N   . CYS A 1 49  ? 10.827  -4.336  11.750  1.00 20.01  ? 49  CYS A N   1 
ATOM   347  C  CA  . CYS A 1 49  ? 11.470  -3.314  10.938  1.00 34.74  ? 49  CYS A CA  1 
ATOM   348  C  C   . CYS A 1 49  ? 12.852  -2.955  11.483  1.00 39.27  ? 49  CYS A C   1 
ATOM   349  O  O   . CYS A 1 49  ? 13.813  -2.850  10.720  1.00 47.16  ? 49  CYS A O   1 
ATOM   350  C  CB  . CYS A 1 49  ? 10.580  -2.076  10.858  1.00 28.61  ? 49  CYS A CB  1 
ATOM   351  S  SG  . CYS A 1 49  ? 9.018   -2.384  10.034  1.00 39.02  ? 49  CYS A SG  1 
ATOM   352  N  N   . ASP A 1 50  ? 12.958  -2.778  12.796  1.00 20.82  ? 50  ASP A N   1 
ATOM   353  C  CA  . ASP A 1 50  ? 14.250  -2.469  13.387  1.00 33.94  ? 50  ASP A CA  1 
ATOM   354  C  C   . ASP A 1 50  ? 15.263  -3.516  12.917  1.00 40.02  ? 50  ASP A C   1 
ATOM   355  O  O   . ASP A 1 50  ? 16.310  -3.181  12.360  1.00 44.59  ? 50  ASP A O   1 
ATOM   356  C  CB  . ASP A 1 50  ? 14.172  -2.494  14.915  1.00 33.75  ? 50  ASP A CB  1 
ATOM   357  C  CG  . ASP A 1 50  ? 13.078  -1.603  15.458  1.00 40.35  ? 50  ASP A CG  1 
ATOM   358  O  OD1 . ASP A 1 50  ? 12.806  -0.535  14.861  1.00 33.72  ? 50  ASP A OD1 1 
ATOM   359  O  OD2 . ASP A 1 50  ? 12.495  -1.966  16.501  1.00 49.83  ? 50  ASP A OD2 1 
ATOM   360  N  N   . ARG A 1 51  ? 14.942  -4.788  13.133  1.00 31.91  ? 51  ARG A N   1 
ATOM   361  C  CA  . ARG A 1 51  ? 15.841  -5.856  12.728  1.00 27.73  ? 51  ARG A CA  1 
ATOM   362  C  C   . ARG A 1 51  ? 16.137  -5.808  11.235  1.00 26.81  ? 51  ARG A C   1 
ATOM   363  O  O   . ARG A 1 51  ? 17.288  -5.927  10.830  1.00 30.44  ? 51  ARG A O   1 
ATOM   364  C  CB  . ARG A 1 51  ? 15.271  -7.224  13.120  1.00 17.41  ? 51  ARG A CB  1 
ATOM   365  C  CG  . ARG A 1 51  ? 15.313  -7.485  14.620  1.00 22.99  ? 51  ARG A CG  1 
ATOM   366  C  CD  . ARG A 1 51  ? 15.080  -8.951  14.954  1.00 33.16  ? 51  ARG A CD  1 
ATOM   367  N  NE  . ARG A 1 51  ? 13.713  -9.386  14.681  1.00 43.97  ? 51  ARG A NE  1 
ATOM   368  C  CZ  . ARG A 1 51  ? 12.635  -8.880  15.271  1.00 48.91  ? 51  ARG A CZ  1 
ATOM   369  N  NH1 . ARG A 1 51  ? 12.758  -7.913  16.173  1.00 49.46  ? 51  ARG A NH1 1 
ATOM   370  N  NH2 . ARG A 1 51  ? 11.433  -9.350  14.973  1.00 44.84  ? 51  ARG A NH2 1 
ATOM   371  N  N   . ILE A 1 52  ? 15.105  -5.623  10.419  1.00 35.01  ? 52  ILE A N   1 
ATOM   372  C  CA  . ILE A 1 52  ? 15.300  -5.545  8.975   1.00 48.20  ? 52  ILE A CA  1 
ATOM   373  C  C   . ILE A 1 52  ? 16.325  -4.451  8.684   1.00 44.69  ? 52  ILE A C   1 
ATOM   374  O  O   . ILE A 1 52  ? 17.238  -4.627  7.873   1.00 41.97  ? 52  ILE A O   1 
ATOM   375  C  CB  . ILE A 1 52  ? 13.973  -5.203  8.237   1.00 32.04  ? 52  ILE A CB  1 
ATOM   376  C  CG1 . ILE A 1 52  ? 12.999  -6.376  8.341   1.00 26.23  ? 52  ILE A CG1 1 
ATOM   377  C  CG2 . ILE A 1 52  ? 14.245  -4.882  6.766   1.00 18.12  ? 52  ILE A CG2 1 
ATOM   378  C  CD1 . ILE A 1 52  ? 11.670  -6.121  7.658   1.00 29.34  ? 52  ILE A CD1 1 
ATOM   379  N  N   . GLY A 1 53  ? 16.171  -3.325  9.368   1.00 40.03  ? 53  GLY A N   1 
ATOM   380  C  CA  . GLY A 1 53  ? 17.079  -2.219  9.170   1.00 30.51  ? 53  GLY A CA  1 
ATOM   381  C  C   . GLY A 1 53  ? 16.429  -1.110  8.376   1.00 35.57  ? 53  GLY A C   1 
ATOM   382  O  O   . GLY A 1 53  ? 15.314  -0.690  8.668   1.00 48.55  ? 53  GLY A O   1 
ATOM   383  N  N   . LYS A 1 54  ? 17.128  -0.641  7.354   1.00 33.42  ? 54  LYS A N   1 
ATOM   384  C  CA  . LYS A 1 54  ? 16.637  0.445   6.516   1.00 43.59  ? 54  LYS A CA  1 
ATOM   385  C  C   . LYS A 1 54  ? 16.785  0.065   5.051   1.00 42.62  ? 54  LYS A C   1 
ATOM   386  O  O   . LYS A 1 54  ? 17.673  -0.707  4.694   1.00 45.25  ? 54  LYS A O   1 
ATOM   387  C  CB  . LYS A 1 54  ? 17.429  1.717   6.823   1.00 50.27  ? 54  LYS A CB  1 
ATOM   388  C  CG  . LYS A 1 54  ? 17.088  2.902   5.953   1.00 56.70  ? 54  LYS A CG  1 
ATOM   389  C  CD  . LYS A 1 54  ? 17.883  4.124   6.381   1.00 67.83  ? 54  LYS A CD  1 
ATOM   390  C  CE  . LYS A 1 54  ? 19.382  3.906   6.259   1.00 73.64  ? 54  LYS A CE  1 
ATOM   391  N  NZ  . LYS A 1 54  ? 20.153  5.065   6.793   1.00 71.37  ? 54  LYS A NZ  1 
ATOM   392  N  N   . ILE A 1 55  ? 15.923  0.615   4.204   1.00 36.04  ? 55  ILE A N   1 
ATOM   393  C  CA  . ILE A 1 55  ? 15.952  0.293   2.784   1.00 36.22  ? 55  ILE A CA  1 
ATOM   394  C  C   . ILE A 1 55  ? 16.122  1.504   1.877   1.00 34.24  ? 55  ILE A C   1 
ATOM   395  O  O   . ILE A 1 55  ? 16.485  2.593   2.313   1.00 33.25  ? 55  ILE A O   1 
ATOM   396  C  CB  . ILE A 1 55  ? 14.658  -0.441  2.360   1.00 48.52  ? 55  ILE A CB  1 
ATOM   397  C  CG1 . ILE A 1 55  ? 13.466  0.519   2.435   1.00 50.67  ? 55  ILE A CG1 1 
ATOM   398  C  CG2 . ILE A 1 55  ? 14.416  -1.640  3.268   1.00 55.98  ? 55  ILE A CG2 1 
ATOM   399  C  CD1 . ILE A 1 55  ? 12.161  -0.074  1.956   1.00 49.22  ? 55  ILE A CD1 1 
ATOM   400  N  N   . ARG A 1 56  ? 15.851  1.288   0.599   1.00 28.68  ? 56  ARG A N   1 
ATOM   401  C  CA  . ARG A 1 56  ? 15.960  2.328   -0.407  1.00 25.77  ? 56  ARG A CA  1 
ATOM   402  C  C   . ARG A 1 56  ? 14.576  2.835   -0.813  1.00 26.55  ? 56  ARG A C   1 
ATOM   403  O  O   . ARG A 1 56  ? 13.672  2.048   -1.094  1.00 25.67  ? 56  ARG A O   1 
ATOM   404  C  CB  . ARG A 1 56  ? 16.677  1.778   -1.647  1.00 38.93  ? 56  ARG A CB  1 
ATOM   405  C  CG  . ARG A 1 56  ? 18.140  1.411   -1.460  1.00 48.20  ? 56  ARG A CG  1 
ATOM   406  C  CD  . ARG A 1 56  ? 19.009  2.655   -1.341  1.00 45.29  ? 56  ARG A CD  1 
ATOM   407  N  NE  . ARG A 1 56  ? 18.858  3.555   -2.485  1.00 51.28  ? 56  ARG A NE  1 
ATOM   408  C  CZ  . ARG A 1 56  ? 19.155  3.234   -3.742  1.00 57.31  ? 56  ARG A CZ  1 
ATOM   409  N  NH1 . ARG A 1 56  ? 19.620  2.025   -4.034  1.00 58.85  ? 56  ARG A NH1 1 
ATOM   410  N  NH2 . ARG A 1 56  ? 18.994  4.125   -4.711  1.00 58.88  ? 56  ARG A NH2 1 
ATOM   411  N  N   . VAL A 1 57  ? 14.414  4.152   -0.848  1.00 30.27  ? 57  VAL A N   1 
ATOM   412  C  CA  . VAL A 1 57  ? 13.145  4.729   -1.255  1.00 36.84  ? 57  VAL A CA  1 
ATOM   413  C  C   . VAL A 1 57  ? 12.797  4.130   -2.611  1.00 37.11  ? 57  VAL A C   1 
ATOM   414  O  O   . VAL A 1 57  ? 13.634  4.074   -3.516  1.00 29.43  ? 57  VAL A O   1 
ATOM   415  C  CB  . VAL A 1 57  ? 13.221  6.268   -1.379  1.00 35.15  ? 57  VAL A CB  1 
ATOM   416  C  CG1 . VAL A 1 57  ? 11.982  6.788   -2.078  1.00 27.76  ? 57  VAL A CG1 1 
ATOM   417  C  CG2 . VAL A 1 57  ? 13.340  6.904   0.008   1.00 42.50  ? 57  VAL A CG2 1 
ATOM   418  N  N   . GLY A 1 58  ? 11.557  3.670   -2.739  1.00 41.68  ? 58  GLY A N   1 
ATOM   419  C  CA  . GLY A 1 58  ? 11.120  3.061   -3.977  1.00 31.60  ? 58  GLY A CA  1 
ATOM   420  C  C   . GLY A 1 58  ? 11.019  1.561   -3.804  1.00 29.16  ? 58  GLY A C   1 
ATOM   421  O  O   . GLY A 1 58  ? 10.435  0.873   -4.638  1.00 26.10  ? 58  GLY A O   1 
ATOM   422  N  N   . GLU A 1 59  ? 11.588  1.046   -2.721  1.00 22.84  ? 59  GLU A N   1 
ATOM   423  C  CA  . GLU A 1 59  ? 11.548  -0.391  -2.471  1.00 25.75  ? 59  GLU A CA  1 
ATOM   424  C  C   . GLU A 1 59  ? 10.553  -0.683  -1.357  1.00 35.23  ? 59  GLU A C   1 
ATOM   425  O  O   . GLU A 1 59  ? 9.985   0.236   -0.763  1.00 30.45  ? 59  GLU A O   1 
ATOM   426  C  CB  . GLU A 1 59  ? 12.931  -0.911  -2.072  1.00 25.28  ? 59  GLU A CB  1 
ATOM   427  C  CG  . GLU A 1 59  ? 14.087  -0.336  -2.896  1.00 38.87  ? 59  GLU A CG  1 
ATOM   428  C  CD  . GLU A 1 59  ? 15.391  -1.096  -2.708  1.00 40.30  ? 59  GLU A CD  1 
ATOM   429  O  OE1 . GLU A 1 59  ? 15.826  -1.299  -1.555  1.00 32.10  ? 59  GLU A OE1 1 
ATOM   430  O  OE2 . GLU A 1 59  ? 15.984  -1.488  -3.729  1.00 48.40  ? 59  GLU A OE2 1 
ATOM   431  N  N   . ALA A 1 60  ? 10.352  -1.968  -1.077  1.00 32.03  ? 60  ALA A N   1 
ATOM   432  C  CA  . ALA A 1 60  ? 9.424   -2.398  -0.039  1.00 18.63  ? 60  ALA A CA  1 
ATOM   433  C  C   . ALA A 1 60  ? 10.039  -3.499  0.816   1.00 26.36  ? 60  ALA A C   1 
ATOM   434  O  O   . ALA A 1 60  ? 10.965  -4.188  0.385   1.00 38.11  ? 60  ALA A O   1 
ATOM   435  C  CB  . ALA A 1 60  ? 8.146   -2.894  -0.677  1.00 5.82   ? 60  ALA A CB  1 
ATOM   436  N  N   . ALA A 1 61  ? 9.527   -3.657  2.032   1.00 23.26  ? 61  ALA A N   1 
ATOM   437  C  CA  . ALA A 1 61  ? 10.013  -4.688  2.947   1.00 16.89  ? 61  ALA A CA  1 
ATOM   438  C  C   . ALA A 1 61  ? 8.799   -5.342  3.578   1.00 22.93  ? 61  ALA A C   1 
ATOM   439  O  O   . ALA A 1 61  ? 7.729   -4.727  3.664   1.00 37.65  ? 61  ALA A O   1 
ATOM   440  C  CB  . ALA A 1 61  ? 10.909  -4.086  4.007   1.00 14.15  ? 61  ALA A CB  1 
ATOM   441  N  N   . VAL A 1 62  ? 8.973   -6.581  4.032   1.00 14.59  ? 62  VAL A N   1 
ATOM   442  C  CA  . VAL A 1 62  ? 7.874   -7.362  4.595   1.00 11.96  ? 62  VAL A CA  1 
ATOM   443  C  C   . VAL A 1 62  ? 8.052   -7.815  6.043   1.00 27.08  ? 62  VAL A C   1 
ATOM   444  O  O   . VAL A 1 62  ? 9.124   -8.275  6.445   1.00 38.77  ? 62  VAL A O   1 
ATOM   445  C  CB  . VAL A 1 62  ? 7.622   -8.610  3.710   1.00 20.57  ? 62  VAL A CB  1 
ATOM   446  C  CG1 . VAL A 1 62  ? 6.393   -9.355  4.175   1.00 24.94  ? 62  VAL A CG1 1 
ATOM   447  C  CG2 . VAL A 1 62  ? 7.480   -8.187  2.262   1.00 25.98  ? 62  VAL A CG2 1 
ATOM   448  N  N   . THR A 1 63  ? 6.981   -7.691  6.821   1.00 29.85  ? 63  THR A N   1 
ATOM   449  C  CA  . THR A 1 63  ? 7.005   -8.090  8.220   1.00 32.12  ? 63  THR A CA  1 
ATOM   450  C  C   . THR A 1 63  ? 5.731   -8.843  8.560   1.00 35.10  ? 63  THR A C   1 
ATOM   451  O  O   . THR A 1 63  ? 4.838   -8.996  7.721   1.00 35.07  ? 63  THR A O   1 
ATOM   452  C  CB  . THR A 1 63  ? 7.083   -6.871  9.163   1.00 27.41  ? 63  THR A CB  1 
ATOM   453  O  OG1 . THR A 1 63  ? 5.879   -6.104  9.049   1.00 26.19  ? 63  THR A OG1 1 
ATOM   454  C  CG2 . THR A 1 63  ? 8.271   -5.992  8.810   1.00 12.50  ? 63  THR A CG2 1 
ATOM   455  N  N   . GLY A 1 64  ? 5.659   -9.321  9.799   1.00 28.34  ? 64  GLY A N   1 
ATOM   456  C  CA  . GLY A 1 64  ? 4.473   -10.019 10.247  1.00 25.59  ? 64  GLY A CA  1 
ATOM   457  C  C   . GLY A 1 64  ? 3.388   -8.967  10.375  1.00 37.53  ? 64  GLY A C   1 
ATOM   458  O  O   . GLY A 1 64  ? 3.626   -7.793  10.085  1.00 46.46  ? 64  GLY A O   1 
ATOM   459  N  N   . ALA A 1 65  ? 2.201   -9.367  10.806  1.00 33.99  ? 65  ALA A N   1 
ATOM   460  C  CA  . ALA A 1 65  ? 1.108   -8.419  10.950  1.00 34.53  ? 65  ALA A CA  1 
ATOM   461  C  C   . ALA A 1 65  ? 0.598   -8.422  12.378  1.00 40.10  ? 65  ALA A C   1 
ATOM   462  O  O   . ALA A 1 65  ? -0.412  -7.794  12.683  1.00 42.68  ? 65  ALA A O   1 
ATOM   463  C  CB  . ALA A 1 65  ? -0.015  -8.769  9.980   1.00 25.41  ? 65  ALA A CB  1 
ATOM   464  N  N   . GLY A 1 66  ? 1.312   -9.133  13.247  1.00 35.79  ? 66  GLY A N   1 
ATOM   465  C  CA  . GLY A 1 66  ? 0.937   -9.216  14.647  1.00 24.21  ? 66  GLY A CA  1 
ATOM   466  C  C   . GLY A 1 66  ? -0.436  -9.818  14.867  1.00 39.24  ? 66  GLY A C   1 
ATOM   467  O  O   . GLY A 1 66  ? -0.680  -10.975 14.529  1.00 46.20  ? 66  GLY A O   1 
ATOM   468  N  N   . ASN A 1 67  ? -1.336  -9.028  15.442  1.00 40.73  ? 67  ASN A N   1 
ATOM   469  C  CA  . ASN A 1 67  ? -2.692  -9.484  15.701  1.00 39.21  ? 67  ASN A CA  1 
ATOM   470  C  C   . ASN A 1 67  ? -3.601  -9.285  14.496  1.00 43.44  ? 67  ASN A C   1 
ATOM   471  O  O   . ASN A 1 67  ? -4.634  -9.942  14.379  1.00 44.13  ? 67  ASN A O   1 
ATOM   472  C  CB  . ASN A 1 67  ? -3.258  -8.746  16.903  1.00 37.85  ? 67  ASN A CB  1 
ATOM   473  C  CG  . ASN A 1 67  ? -2.474  -9.017  18.155  1.00 40.20  ? 67  ASN A CG  1 
ATOM   474  O  OD1 . ASN A 1 67  ? -2.339  -10.164 18.575  1.00 35.33  ? 67  ASN A OD1 1 
ATOM   475  N  ND2 . ASN A 1 67  ? -1.941  -7.964  18.760  1.00 45.46  ? 67  ASN A ND2 1 
ATOM   476  N  N   . LEU A 1 68  ? -3.215  -8.380  13.603  1.00 37.24  ? 68  LEU A N   1 
ATOM   477  C  CA  . LEU A 1 68  ? -3.998  -8.102  12.406  1.00 29.28  ? 68  LEU A CA  1 
ATOM   478  C  C   . LEU A 1 68  ? -4.533  -9.361  11.733  1.00 33.18  ? 68  LEU A C   1 
ATOM   479  O  O   . LEU A 1 68  ? -3.932  -10.427 11.822  1.00 38.09  ? 68  LEU A O   1 
ATOM   480  C  CB  . LEU A 1 68  ? -3.162  -7.316  11.405  1.00 24.18  ? 68  LEU A CB  1 
ATOM   481  C  CG  . LEU A 1 68  ? -2.891  -5.864  11.771  1.00 19.00  ? 68  LEU A CG  1 
ATOM   482  C  CD1 . LEU A 1 68  ? -2.030  -5.253  10.707  1.00 14.56  ? 68  LEU A CD1 1 
ATOM   483  C  CD2 . LEU A 1 68  ? -4.198  -5.103  11.896  1.00 11.43  ? 68  LEU A CD2 1 
ATOM   484  N  N   . PRO A 1 69  ? -5.686  -9.251  11.058  1.00 38.60  ? 69  PRO A N   1 
ATOM   485  C  CA  . PRO A 1 69  ? -6.319  -10.374 10.359  1.00 37.12  ? 69  PRO A CA  1 
ATOM   486  C  C   . PRO A 1 69  ? -5.517  -10.852 9.148   1.00 39.84  ? 69  PRO A C   1 
ATOM   487  O  O   . PRO A 1 69  ? -5.818  -11.890 8.561   1.00 50.55  ? 69  PRO A O   1 
ATOM   488  C  CB  . PRO A 1 69  ? -7.675  -9.807  9.956   1.00 29.45  ? 69  PRO A CB  1 
ATOM   489  C  CG  . PRO A 1 69  ? -7.946  -8.793  11.031  1.00 31.50  ? 69  PRO A CG  1 
ATOM   490  C  CD  . PRO A 1 69  ? -6.614  -8.110  11.144  1.00 33.36  ? 69  PRO A CD  1 
ATOM   491  N  N   . VAL A 1 70  ? -4.502  -10.083 8.769   1.00 36.39  ? 70  VAL A N   1 
ATOM   492  C  CA  . VAL A 1 70  ? -3.670  -10.453 7.635   1.00 43.09  ? 70  VAL A CA  1 
ATOM   493  C  C   . VAL A 1 70  ? -2.407  -11.143 8.127   1.00 37.38  ? 70  VAL A C   1 
ATOM   494  O  O   . VAL A 1 70  ? -2.029  -11.013 9.293   1.00 25.20  ? 70  VAL A O   1 
ATOM   495  C  CB  . VAL A 1 70  ? -3.262  -9.228  6.818   1.00 24.17  ? 70  VAL A CB  1 
ATOM   496  C  CG1 . VAL A 1 70  ? -4.489  -8.456  6.405   1.00 18.38  ? 70  VAL A CG1 1 
ATOM   497  C  CG2 . VAL A 1 70  ? -2.316  -8.360  7.626   1.00 14.14  ? 70  VAL A CG2 1 
ATOM   498  N  N   . ARG A 1 71  ? -1.755  -11.870 7.227   1.00 30.49  ? 71  ARG A N   1 
ATOM   499  C  CA  . ARG A 1 71  ? -0.537  -12.589 7.561   1.00 18.11  ? 71  ARG A CA  1 
ATOM   500  C  C   . ARG A 1 71  ? 0.688   -11.674 7.497   1.00 26.11  ? 71  ARG A C   1 
ATOM   501  O  O   . ARG A 1 71  ? 1.623   -11.814 8.290   1.00 22.59  ? 71  ARG A O   1 
ATOM   502  C  CB  . ARG A 1 71  ? -0.362  -13.768 6.604   1.00 8.14   ? 71  ARG A CB  1 
ATOM   503  C  CG  . ARG A 1 71  ? 0.865   -14.621 6.887   1.00 36.42  ? 71  ARG A CG  1 
ATOM   504  C  CD  . ARG A 1 71  ? 0.830   -15.265 8.267   1.00 54.72  ? 71  ARG A CD  1 
ATOM   505  N  NE  . ARG A 1 71  ? 2.093   -15.936 8.571   1.00 64.72  ? 71  ARG A NE  1 
ATOM   506  C  CZ  . ARG A 1 71  ? 3.252   -15.308 8.772   1.00 69.76  ? 71  ARG A CZ  1 
ATOM   507  N  NH1 . ARG A 1 71  ? 3.320   -13.980 8.712   1.00 54.00  ? 71  ARG A NH1 1 
ATOM   508  N  NH2 . ARG A 1 71  ? 4.354   -16.010 9.019   1.00 72.06  ? 71  ARG A NH2 1 
ATOM   509  N  N   . TYR A 1 72  ? 0.661   -10.722 6.565   1.00 31.08  ? 72  TYR A N   1 
ATOM   510  C  CA  . TYR A 1 72  ? 1.781   -9.800  6.382   1.00 30.04  ? 72  TYR A CA  1 
ATOM   511  C  C   . TYR A 1 72  ? 1.432   -8.320  6.230   1.00 31.22  ? 72  TYR A C   1 
ATOM   512  O  O   . TYR A 1 72  ? 0.287   -7.941  5.985   1.00 27.62  ? 72  TYR A O   1 
ATOM   513  C  CB  . TYR A 1 72  ? 2.593   -10.193 5.147   1.00 19.74  ? 72  TYR A CB  1 
ATOM   514  C  CG  . TYR A 1 72  ? 3.159   -11.588 5.166   1.00 32.64  ? 72  TYR A CG  1 
ATOM   515  C  CD1 . TYR A 1 72  ? 4.036   -11.987 6.168   1.00 42.83  ? 72  TYR A CD1 1 
ATOM   516  C  CD2 . TYR A 1 72  ? 2.863   -12.492 4.146   1.00 38.44  ? 72  TYR A CD2 1 
ATOM   517  C  CE1 . TYR A 1 72  ? 4.611   -13.249 6.154   1.00 48.27  ? 72  TYR A CE1 1 
ATOM   518  C  CE2 . TYR A 1 72  ? 3.435   -13.756 4.124   1.00 41.92  ? 72  TYR A CE2 1 
ATOM   519  C  CZ  . TYR A 1 72  ? 4.312   -14.126 5.131   1.00 45.39  ? 72  TYR A CZ  1 
ATOM   520  O  OH  . TYR A 1 72  ? 4.910   -15.364 5.106   1.00 43.42  ? 72  TYR A OH  1 
ATOM   521  N  N   . VAL A 1 73  ? 2.469   -7.500  6.377   1.00 23.21  ? 73  VAL A N   1 
ATOM   522  C  CA  . VAL A 1 73  ? 2.380   -6.061  6.205   1.00 16.47  ? 73  VAL A CA  1 
ATOM   523  C  C   . VAL A 1 73  ? 3.532   -5.696  5.265   1.00 20.04  ? 73  VAL A C   1 
ATOM   524  O  O   . VAL A 1 73  ? 4.709   -5.911  5.584   1.00 20.49  ? 73  VAL A O   1 
ATOM   525  C  CB  . VAL A 1 73  ? 2.556   -5.282  7.532   1.00 25.89  ? 73  VAL A CB  1 
ATOM   526  C  CG1 . VAL A 1 73  ? 2.476   -3.779  7.255   1.00 18.54  ? 73  VAL A CG1 1 
ATOM   527  C  CG2 . VAL A 1 73  ? 1.480   -5.686  8.530   1.00 29.22  ? 73  VAL A CG2 1 
ATOM   528  N  N   . ILE A 1 74  ? 3.183   -5.168  4.096   1.00 26.22  ? 74  ILE A N   1 
ATOM   529  C  CA  . ILE A 1 74  ? 4.179   -4.781  3.113   1.00 31.64  ? 74  ILE A CA  1 
ATOM   530  C  C   . ILE A 1 74  ? 4.372   -3.271  3.184   1.00 40.37  ? 74  ILE A C   1 
ATOM   531  O  O   . ILE A 1 74  ? 3.420   -2.503  3.028   1.00 39.62  ? 74  ILE A O   1 
ATOM   532  C  CB  . ILE A 1 74  ? 3.743   -5.226  1.710   1.00 17.66  ? 74  ILE A CB  1 
ATOM   533  C  CG1 . ILE A 1 74  ? 3.383   -6.718  1.764   1.00 14.02  ? 74  ILE A CG1 1 
ATOM   534  C  CG2 . ILE A 1 74  ? 4.867   -4.979  0.693   1.00 5.48   ? 74  ILE A CG2 1 
ATOM   535  C  CD1 . ILE A 1 74  ? 2.906   -7.320  0.443   1.00 13.17  ? 74  ILE A CD1 1 
ATOM   536  N  N   . HIS A 1 75  ? 5.616   -2.865  3.433   1.00 36.74  ? 75  HIS A N   1 
ATOM   537  C  CA  . HIS A 1 75  ? 5.980   -1.459  3.587   1.00 29.90  ? 75  HIS A CA  1 
ATOM   538  C  C   . HIS A 1 75  ? 6.667   -0.827  2.371   1.00 24.01  ? 75  HIS A C   1 
ATOM   539  O  O   . HIS A 1 75  ? 7.871   -0.971  2.190   1.00 16.25  ? 75  HIS A O   1 
ATOM   540  C  CB  . HIS A 1 75  ? 6.895   -1.325  4.795   1.00 22.66  ? 75  HIS A CB  1 
ATOM   541  C  CG  . HIS A 1 75  ? 6.468   -2.149  5.970   1.00 22.85  ? 75  HIS A CG  1 
ATOM   542  N  ND1 . HIS A 1 75  ? 5.773   -1.622  7.036   1.00 25.03  ? 75  HIS A ND1 1 
ATOM   543  C  CD2 . HIS A 1 75  ? 6.674   -3.455  6.262   1.00 20.08  ? 75  HIS A CD2 1 
ATOM   544  C  CE1 . HIS A 1 75  ? 5.573   -2.567  7.938   1.00 24.77  ? 75  HIS A CE1 1 
ATOM   545  N  NE2 . HIS A 1 75  ? 6.111   -3.688  7.494   1.00 21.43  ? 75  HIS A NE2 1 
ATOM   546  N  N   . ALA A 1 76  ? 5.896   -0.118  1.553   1.00 31.48  ? 76  ALA A N   1 
ATOM   547  C  CA  . ALA A 1 76  ? 6.439   0.536   0.370   1.00 33.18  ? 76  ALA A CA  1 
ATOM   548  C  C   . ALA A 1 76  ? 7.050   1.861   0.797   1.00 27.11  ? 76  ALA A C   1 
ATOM   549  O  O   . ALA A 1 76  ? 6.374   2.709   1.379   1.00 24.06  ? 76  ALA A O   1 
ATOM   550  C  CB  . ALA A 1 76  ? 5.334   0.766   -0.667  1.00 25.20  ? 76  ALA A CB  1 
ATOM   551  N  N   . ALA A 1 77  ? 8.337   2.026   0.508   1.00 23.64  ? 77  ALA A N   1 
ATOM   552  C  CA  . ALA A 1 77  ? 9.079   3.229   0.862   1.00 24.14  ? 77  ALA A CA  1 
ATOM   553  C  C   . ALA A 1 77  ? 8.866   4.323   -0.172  1.00 33.87  ? 77  ALA A C   1 
ATOM   554  O  O   . ALA A 1 77  ? 9.235   4.167   -1.333  1.00 38.82  ? 77  ALA A O   1 
ATOM   555  C  CB  . ALA A 1 77  ? 10.551  2.896   0.968   1.00 11.63  ? 77  ALA A CB  1 
ATOM   556  N  N   . VAL A 1 78  ? 8.277   5.435   0.258   1.00 28.47  ? 78  VAL A N   1 
ATOM   557  C  CA  . VAL A 1 78  ? 8.011   6.549   -0.649  1.00 20.53  ? 78  VAL A CA  1 
ATOM   558  C  C   . VAL A 1 78  ? 8.793   7.823   -0.308  1.00 22.08  ? 78  VAL A C   1 
ATOM   559  O  O   . VAL A 1 78  ? 8.909   8.720   -1.137  1.00 16.16  ? 78  VAL A O   1 
ATOM   560  C  CB  . VAL A 1 78  ? 6.491   6.890   -0.680  1.00 18.16  ? 78  VAL A CB  1 
ATOM   561  C  CG1 . VAL A 1 78  ? 5.699   5.732   -1.252  1.00 8.15   ? 78  VAL A CG1 1 
ATOM   562  C  CG2 . VAL A 1 78  ? 6.010   7.204   0.713   1.00 7.25   ? 78  VAL A CG2 1 
ATOM   563  N  N   . LEU A 1 79  ? 9.316   7.907   0.912   1.00 16.18  ? 79  LEU A N   1 
ATOM   564  C  CA  . LEU A 1 79  ? 10.071  9.079   1.337   1.00 20.79  ? 79  LEU A CA  1 
ATOM   565  C  C   . LEU A 1 79  ? 11.082  8.664   2.386   1.00 33.40  ? 79  LEU A C   1 
ATOM   566  O  O   . LEU A 1 79  ? 11.002  7.569   2.949   1.00 26.35  ? 79  LEU A O   1 
ATOM   567  C  CB  . LEU A 1 79  ? 9.149   10.137  1.944   1.00 27.51  ? 79  LEU A CB  1 
ATOM   568  C  CG  . LEU A 1 79  ? 8.581   9.815   3.336   1.00 18.81  ? 79  LEU A CG  1 
ATOM   569  C  CD1 . LEU A 1 79  ? 8.103   11.080  4.033   1.00 9.20   ? 79  LEU A CD1 1 
ATOM   570  C  CD2 . LEU A 1 79  ? 7.464   8.797   3.197   1.00 10.26  ? 79  LEU A CD2 1 
ATOM   571  N  N   . GLY A 1 80  ? 12.026  9.559   2.656   1.00 37.06  ? 80  GLY A N   1 
ATOM   572  C  CA  . GLY A 1 80  ? 13.062  9.283   3.636   1.00 33.33  ? 80  GLY A CA  1 
ATOM   573  C  C   . GLY A 1 80  ? 14.349  9.962   3.229   1.00 30.97  ? 80  GLY A C   1 
ATOM   574  O  O   . GLY A 1 80  ? 14.422  11.187  3.216   1.00 35.51  ? 80  GLY A O   1 
ATOM   575  N  N   . ASP A 1 81  ? 15.361  9.170   2.892   1.00 35.33  ? 81  ASP A N   1 
ATOM   576  C  CA  . ASP A 1 81  ? 16.650  9.716   2.470   1.00 32.37  ? 81  ASP A CA  1 
ATOM   577  C  C   . ASP A 1 81  ? 16.449  10.634  1.265   1.00 36.26  ? 81  ASP A C   1 
ATOM   578  O  O   . ASP A 1 81  ? 17.241  11.546  1.027   1.00 32.45  ? 81  ASP A O   1 
ATOM   579  C  CB  . ASP A 1 81  ? 17.622  8.594   2.076   1.00 34.36  ? 81  ASP A CB  1 
ATOM   580  C  CG  . ASP A 1 81  ? 18.051  7.737   3.249   1.00 36.95  ? 81  ASP A CG  1 
ATOM   581  O  OD1 . ASP A 1 81  ? 18.328  8.292   4.326   1.00 27.68  ? 81  ASP A OD1 1 
ATOM   582  O  OD2 . ASP A 1 81  ? 18.134  6.503   3.092   1.00 49.91  ? 81  ASP A OD2 1 
ATOM   583  N  N   . GLU A 1 82  ? 15.376  10.389  0.518   1.00 37.83  ? 82  GLU A N   1 
ATOM   584  C  CA  . GLU A 1 82  ? 15.081  11.170  -0.675  1.00 33.12  ? 82  GLU A CA  1 
ATOM   585  C  C   . GLU A 1 82  ? 13.631  11.630  -0.695  1.00 33.91  ? 82  GLU A C   1 
ATOM   586  O  O   . GLU A 1 82  ? 12.736  10.913  -0.245  1.00 41.67  ? 82  GLU A O   1 
ATOM   587  C  CB  . GLU A 1 82  ? 15.335  10.319  -1.908  1.00 27.54  ? 82  GLU A CB  1 
ATOM   588  C  CG  . GLU A 1 82  ? 16.576  9.470   -1.822  1.00 36.94  ? 82  GLU A CG  1 
ATOM   589  C  CD  . GLU A 1 82  ? 16.504  8.278   -2.753  1.00 53.25  ? 82  GLU A CD  1 
ATOM   590  O  OE1 . GLU A 1 82  ? 15.978  8.446   -3.880  1.00 49.60  ? 82  GLU A OE1 1 
ATOM   591  O  OE2 . GLU A 1 82  ? 16.978  7.182   -2.362  1.00 55.86  ? 82  GLU A OE2 1 
ATOM   592  N  N   . PRO A 1 83  ? 13.375  12.827  -1.246  1.00 26.65  ? 83  PRO A N   1 
ATOM   593  C  CA  . PRO A 1 83  ? 12.014  13.363  -1.318  1.00 24.80  ? 83  PRO A CA  1 
ATOM   594  C  C   . PRO A 1 83  ? 11.053  12.485  -2.136  1.00 33.63  ? 83  PRO A C   1 
ATOM   595  O  O   . PRO A 1 83  ? 11.436  11.888  -3.139  1.00 32.49  ? 83  PRO A O   1 
ATOM   596  C  CB  . PRO A 1 83  ? 12.227  14.754  -1.921  1.00 6.74   ? 83  PRO A CB  1 
ATOM   597  C  CG  . PRO A 1 83  ? 13.437  14.563  -2.779  1.00 6.90   ? 83  PRO A CG  1 
ATOM   598  C  CD  . PRO A 1 83  ? 14.330  13.744  -1.892  1.00 6.85   ? 83  PRO A CD  1 
ATOM   599  N  N   . ALA A 1 84  ? 9.805   12.411  -1.684  1.00 44.63  ? 84  ALA A N   1 
ATOM   600  C  CA  . ALA A 1 84  ? 8.784   11.609  -2.344  1.00 47.31  ? 84  ALA A CA  1 
ATOM   601  C  C   . ALA A 1 84  ? 8.356   12.237  -3.664  1.00 49.57  ? 84  ALA A C   1 
ATOM   602  O  O   . ALA A 1 84  ? 8.479   13.451  -3.859  1.00 54.57  ? 84  ALA A O   1 
ATOM   603  C  CB  . ALA A 1 84  ? 7.577   11.444  -1.421  1.00 40.35  ? 84  ALA A CB  1 
ATOM   604  N  N   . SER A 1 85  ? 7.849   11.402  -4.566  1.00 32.45  ? 85  SER A N   1 
ATOM   605  C  CA  . SER A 1 85  ? 7.413   11.866  -5.875  1.00 30.70  ? 85  SER A CA  1 
ATOM   606  C  C   . SER A 1 85  ? 6.666   10.752  -6.589  1.00 30.44  ? 85  SER A C   1 
ATOM   607  O  O   . SER A 1 85  ? 6.722   9.592   -6.186  1.00 31.15  ? 85  SER A O   1 
ATOM   608  C  CB  . SER A 1 85  ? 8.618   12.274  -6.724  1.00 40.70  ? 85  SER A CB  1 
ATOM   609  O  OG  . SER A 1 85  ? 9.434   11.152  -7.042  1.00 43.88  ? 85  SER A OG  1 
ATOM   610  N  N   . LEU A 1 86  ? 5.975   11.107  -7.664  1.00 24.79  ? 86  LEU A N   1 
ATOM   611  C  CA  . LEU A 1 86  ? 5.220   10.124  -8.417  1.00 25.47  ? 86  LEU A CA  1 
ATOM   612  C  C   . LEU A 1 86  ? 6.068   8.905   -8.787  1.00 26.24  ? 86  LEU A C   1 
ATOM   613  O  O   . LEU A 1 86  ? 5.616   7.761   -8.630  1.00 23.03  ? 86  LEU A O   1 
ATOM   614  C  CB  . LEU A 1 86  ? 4.618   10.777  -9.664  1.00 23.49  ? 86  LEU A CB  1 
ATOM   615  C  CG  . LEU A 1 86  ? 3.154   11.248  -9.581  1.00 31.11  ? 86  LEU A CG  1 
ATOM   616  C  CD1 . LEU A 1 86  ? 2.717   11.495  -8.137  1.00 27.38  ? 86  LEU A CD1 1 
ATOM   617  C  CD2 . LEU A 1 86  ? 2.992   12.505  -10.429 1.00 26.48  ? 86  LEU A CD2 1 
ATOM   618  N  N   . GLU A 1 87  ? 7.297   9.135   -9.253  1.00 20.66  ? 87  GLU A N   1 
ATOM   619  C  CA  . GLU A 1 87  ? 8.149   8.010   -9.628  1.00 32.10  ? 87  GLU A CA  1 
ATOM   620  C  C   . GLU A 1 87  ? 8.572   7.239   -8.377  1.00 28.43  ? 87  GLU A C   1 
ATOM   621  O  O   . GLU A 1 87  ? 8.877   6.043   -8.421  1.00 37.28  ? 87  GLU A O   1 
ATOM   622  C  CB  . GLU A 1 87  ? 9.372   8.487   -10.406 1.00 46.05  ? 87  GLU A CB  1 
ATOM   623  C  CG  . GLU A 1 87  ? 10.113  7.334   -11.077 1.00 74.71  ? 87  GLU A CG  1 
ATOM   624  C  CD  . GLU A 1 87  ? 9.216   6.519   -12.004 1.00 92.65  ? 87  GLU A CD  1 
ATOM   625  O  OE1 . GLU A 1 87  ? 9.527   5.335   -12.248 1.00 100.95 ? 87  GLU A OE1 1 
ATOM   626  O  OE2 . GLU A 1 87  ? 8.207   7.065   -12.496 1.00 89.97  ? 87  GLU A OE2 1 
ATOM   627  N  N   . THR A 1 88  ? 8.578   7.944   -7.255  1.00 17.74  ? 88  THR A N   1 
ATOM   628  C  CA  . THR A 1 88  ? 8.910   7.346   -5.970  1.00 22.97  ? 88  THR A CA  1 
ATOM   629  C  C   . THR A 1 88  ? 7.712   6.480   -5.543  1.00 28.70  ? 88  THR A C   1 
ATOM   630  O  O   . THR A 1 88  ? 7.856   5.479   -4.832  1.00 22.14  ? 88  THR A O   1 
ATOM   631  C  CB  . THR A 1 88  ? 9.180   8.462   -4.934  1.00 35.64  ? 88  THR A CB  1 
ATOM   632  O  OG1 . THR A 1 88  ? 10.593  8.691   -4.846  1.00 33.19  ? 88  THR A OG1 1 
ATOM   633  C  CG2 . THR A 1 88  ? 8.598   8.107   -3.573  1.00 6.36   ? 88  THR A CG2 1 
ATOM   634  N  N   . VAL A 1 89  ? 6.530   6.877   -5.994  1.00 31.68  ? 89  VAL A N   1 
ATOM   635  C  CA  . VAL A 1 89  ? 5.326   6.136   -5.681  1.00 32.96  ? 89  VAL A CA  1 
ATOM   636  C  C   . VAL A 1 89  ? 5.253   4.971   -6.658  1.00 31.22  ? 89  VAL A C   1 
ATOM   637  O  O   . VAL A 1 89  ? 5.161   3.813   -6.255  1.00 36.95  ? 89  VAL A O   1 
ATOM   638  C  CB  . VAL A 1 89  ? 4.052   7.032   -5.821  1.00 27.13  ? 89  VAL A CB  1 
ATOM   639  C  CG1 . VAL A 1 89  ? 2.804   6.197   -5.604  1.00 16.52  ? 89  VAL A CG1 1 
ATOM   640  C  CG2 . VAL A 1 89  ? 4.084   8.172   -4.798  1.00 6.10   ? 89  VAL A CG2 1 
ATOM   641  N  N   . ARG A 1 90  ? 5.314   5.286   -7.945  0.50 26.64  ? 90  ARG A N   1 
ATOM   642  C  CA  . ARG A 1 90  ? 5.246   4.272   -8.986  0.50 33.03  ? 90  ARG A CA  1 
ATOM   643  C  C   . ARG A 1 90  ? 6.159   3.093   -8.636  0.50 31.21  ? 90  ARG A C   1 
ATOM   644  O  O   . ARG A 1 90  ? 5.744   1.938   -8.704  0.50 31.48  ? 90  ARG A O   1 
ATOM   645  C  CB  . ARG A 1 90  ? 5.642   4.901   -10.329 0.50 42.74  ? 90  ARG A CB  1 
ATOM   646  C  CG  . ARG A 1 90  ? 5.199   4.137   -11.568 0.50 48.94  ? 90  ARG A CG  1 
ATOM   647  C  CD  . ARG A 1 90  ? 6.039   2.900   -11.789 0.50 54.53  ? 90  ARG A CD  1 
ATOM   648  N  NE  . ARG A 1 90  ? 7.441   3.236   -12.015 0.50 68.47  ? 90  ARG A NE  1 
ATOM   649  C  CZ  . ARG A 1 90  ? 8.403   2.339   -12.189 0.50 80.74  ? 90  ARG A CZ  1 
ATOM   650  N  NH1 . ARG A 1 90  ? 8.116   1.045   -12.163 0.50 82.99  ? 90  ARG A NH1 1 
ATOM   651  N  NH2 . ARG A 1 90  ? 9.652   2.732   -12.387 0.50 81.90  ? 90  ARG A NH2 1 
ATOM   652  N  N   . LYS A 1 91  ? 7.395   3.397   -8.243  1.00 24.11  ? 91  LYS A N   1 
ATOM   653  C  CA  . LYS A 1 91  ? 8.379   2.373   -7.874  1.00 31.36  ? 91  LYS A CA  1 
ATOM   654  C  C   . LYS A 1 91  ? 8.005   1.616   -6.609  1.00 33.88  ? 91  LYS A C   1 
ATOM   655  O  O   . LYS A 1 91  ? 7.917   0.392   -6.600  1.00 38.23  ? 91  LYS A O   1 
ATOM   656  C  CB  . LYS A 1 91  ? 9.752   2.998   -7.647  1.00 43.53  ? 91  LYS A CB  1 
ATOM   657  C  CG  . LYS A 1 91  ? 10.508  3.398   -8.891  1.00 47.79  ? 91  LYS A CG  1 
ATOM   658  C  CD  . LYS A 1 91  ? 11.906  3.855   -8.495  1.00 48.76  ? 91  LYS A CD  1 
ATOM   659  C  CE  . LYS A 1 91  ? 12.778  4.168   -9.691  1.00 46.10  ? 91  LYS A CE  1 
ATOM   660  N  NZ  . LYS A 1 91  ? 14.122  4.648   -9.250  1.00 41.37  ? 91  LYS A NZ  1 
ATOM   661  N  N   . ALA A 1 92  ? 7.809   2.360   -5.530  1.00 35.46  ? 92  ALA A N   1 
ATOM   662  C  CA  . ALA A 1 92  ? 7.457   1.775   -4.249  1.00 26.99  ? 92  ALA A CA  1 
ATOM   663  C  C   . ALA A 1 92  ? 6.312   0.801   -4.429  1.00 18.34  ? 92  ALA A C   1 
ATOM   664  O  O   . ALA A 1 92  ? 6.367   -0.326  -3.950  1.00 21.80  ? 92  ALA A O   1 
ATOM   665  C  CB  . ALA A 1 92  ? 7.069   2.874   -3.262  1.00 24.12  ? 92  ALA A CB  1 
ATOM   666  N  N   . THR A 1 93  ? 5.281   1.247   -5.135  1.00 18.67  ? 93  THR A N   1 
ATOM   667  C  CA  . THR A 1 93  ? 4.091   0.439   -5.386  1.00 22.45  ? 93  THR A CA  1 
ATOM   668  C  C   . THR A 1 93  ? 4.428   -0.811  -6.197  1.00 26.98  ? 93  THR A C   1 
ATOM   669  O  O   . THR A 1 93  ? 3.881   -1.885  -5.955  1.00 25.98  ? 93  THR A O   1 
ATOM   670  C  CB  . THR A 1 93  ? 3.019   1.270   -6.129  1.00 5.89   ? 93  THR A CB  1 
ATOM   671  O  OG1 . THR A 1 93  ? 2.658   2.411   -5.331  1.00 19.06  ? 93  THR A OG1 1 
ATOM   672  C  CG2 . THR A 1 93  ? 1.779   0.424   -6.409  1.00 20.59  ? 93  THR A CG2 1 
ATOM   673  N  N   . LYS A 1 94  ? 5.338   -0.661  -7.155  1.00 29.24  ? 94  LYS A N   1 
ATOM   674  C  CA  . LYS A 1 94  ? 5.761   -1.772  -7.999  1.00 25.60  ? 94  LYS A CA  1 
ATOM   675  C  C   . LYS A 1 94  ? 6.475   -2.850  -7.174  1.00 23.10  ? 94  LYS A C   1 
ATOM   676  O  O   . LYS A 1 94  ? 6.333   -4.050  -7.423  1.00 32.05  ? 94  LYS A O   1 
ATOM   677  C  CB  . LYS A 1 94  ? 6.687   -1.260  -9.114  1.00 14.48  ? 94  LYS A CB  1 
ATOM   678  C  CG  . LYS A 1 94  ? 7.405   -2.365  -9.877  1.00 21.35  ? 94  LYS A CG  1 
ATOM   679  C  CD  . LYS A 1 94  ? 8.288   -1.821  -10.983 1.00 22.61  ? 94  LYS A CD  1 
ATOM   680  C  CE  . LYS A 1 94  ? 9.182   -2.909  -11.573 1.00 33.17  ? 94  LYS A CE  1 
ATOM   681  N  NZ  . LYS A 1 94  ? 8.416   -4.001  -12.241 1.00 42.64  ? 94  LYS A NZ  1 
ATOM   682  N  N   . SER A 1 95  ? 7.238   -2.410  -6.185  1.00 19.36  ? 95  SER A N   1 
ATOM   683  C  CA  . SER A 1 95  ? 7.975   -3.325  -5.333  1.00 30.14  ? 95  SER A CA  1 
ATOM   684  C  C   . SER A 1 95  ? 7.034   -4.061  -4.383  1.00 29.75  ? 95  SER A C   1 
ATOM   685  O  O   . SER A 1 95  ? 7.144   -5.274  -4.212  1.00 32.06  ? 95  SER A O   1 
ATOM   686  C  CB  . SER A 1 95  ? 9.036   -2.555  -4.541  1.00 32.93  ? 95  SER A CB  1 
ATOM   687  O  OG  . SER A 1 95  ? 9.973   -1.927  -5.406  1.00 18.91  ? 95  SER A OG  1 
ATOM   688  N  N   . ALA A 1 96  ? 6.105   -3.324  -3.779  1.00 27.43  ? 96  ALA A N   1 
ATOM   689  C  CA  . ALA A 1 96  ? 5.135   -3.903  -2.846  1.00 25.30  ? 96  ALA A CA  1 
ATOM   690  C  C   . ALA A 1 96  ? 4.451   -5.119  -3.465  1.00 22.99  ? 96  ALA A C   1 
ATOM   691  O  O   . ALA A 1 96  ? 4.269   -6.154  -2.821  1.00 10.24  ? 96  ALA A O   1 
ATOM   692  C  CB  . ALA A 1 96  ? 4.091   -2.852  -2.465  1.00 23.37  ? 96  ALA A CB  1 
ATOM   693  N  N   . LEU A 1 97  ? 4.072   -4.970  -4.725  1.00 23.12  ? 97  LEU A N   1 
ATOM   694  C  CA  . LEU A 1 97  ? 3.415   -6.020  -5.478  1.00 33.69  ? 97  LEU A CA  1 
ATOM   695  C  C   . LEU A 1 97  ? 4.348   -7.202  -5.706  1.00 39.32  ? 97  LEU A C   1 
ATOM   696  O  O   . LEU A 1 97  ? 3.956   -8.355  -5.510  1.00 47.87  ? 97  LEU A O   1 
ATOM   697  C  CB  . LEU A 1 97  ? 2.946   -5.440  -6.803  1.00 36.10  ? 97  LEU A CB  1 
ATOM   698  C  CG  . LEU A 1 97  ? 1.911   -4.336  -6.590  1.00 26.51  ? 97  LEU A CG  1 
ATOM   699  C  CD1 . LEU A 1 97  ? 1.933   -3.360  -7.742  1.00 28.19  ? 97  LEU A CD1 1 
ATOM   700  C  CD2 . LEU A 1 97  ? 0.546   -4.971  -6.430  1.00 23.93  ? 97  LEU A CD2 1 
ATOM   701  N  N   . GLU A 1 98  ? 5.584   -6.918  -6.113  1.00 27.87  ? 98  GLU A N   1 
ATOM   702  C  CA  . GLU A 1 98  ? 6.562   -7.981  -6.348  1.00 38.17  ? 98  GLU A CA  1 
ATOM   703  C  C   . GLU A 1 98  ? 6.802   -8.787  -5.079  1.00 36.43  ? 98  GLU A C   1 
ATOM   704  O  O   . GLU A 1 98  ? 7.074   -9.984  -5.128  1.00 41.65  ? 98  GLU A O   1 
ATOM   705  C  CB  . GLU A 1 98  ? 7.887   -7.409  -6.844  1.00 32.86  ? 98  GLU A CB  1 
ATOM   706  C  CG  . GLU A 1 98  ? 7.897   -7.052  -8.312  1.00 46.21  ? 98  GLU A CG  1 
ATOM   707  C  CD  . GLU A 1 98  ? 9.302   -6.847  -8.836  1.00 64.90  ? 98  GLU A CD  1 
ATOM   708  O  OE1 . GLU A 1 98  ? 9.466   -6.739  -10.069 1.00 73.88  ? 98  GLU A OE1 1 
ATOM   709  O  OE2 . GLU A 1 98  ? 10.244  -6.792  -8.014  1.00 60.39  ? 98  GLU A OE2 1 
ATOM   710  N  N   . LYS A 1 99  ? 6.710   -8.116  -3.942  1.00 20.97  ? 99  LYS A N   1 
ATOM   711  C  CA  . LYS A 1 99  ? 6.883   -8.771  -2.661  1.00 24.98  ? 99  LYS A CA  1 
ATOM   712  C  C   . LYS A 1 99  ? 5.817   -9.849  -2.496  1.00 21.71  ? 99  LYS A C   1 
ATOM   713  O  O   . LYS A 1 99  ? 6.136   -11.016 -2.232  1.00 23.09  ? 99  LYS A O   1 
ATOM   714  C  CB  . LYS A 1 99  ? 6.773   -7.742  -1.530  1.00 32.08  ? 99  LYS A CB  1 
ATOM   715  C  CG  . LYS A 1 99  ? 8.018   -6.891  -1.371  1.00 37.68  ? 99  LYS A CG  1 
ATOM   716  C  CD  . LYS A 1 99  ? 9.199   -7.781  -1.032  1.00 43.94  ? 99  LYS A CD  1 
ATOM   717  C  CE  . LYS A 1 99  ? 10.514  -7.045  -1.081  1.00 44.75  ? 99  LYS A CE  1 
ATOM   718  N  NZ  . LYS A 1 99  ? 11.611  -7.968  -0.685  1.00 38.37  ? 99  LYS A NZ  1 
ATOM   719  N  N   . ALA A 1 100 ? 4.554   -9.443  -2.657  1.00 11.09  ? 100 ALA A N   1 
ATOM   720  C  CA  . ALA A 1 100 ? 3.408   -10.343 -2.534  1.00 16.95  ? 100 ALA A CA  1 
ATOM   721  C  C   . ALA A 1 100 ? 3.541   -11.513 -3.502  1.00 30.91  ? 100 ALA A C   1 
ATOM   722  O  O   . ALA A 1 100 ? 3.299   -12.664 -3.139  1.00 35.51  ? 100 ALA A O   1 
ATOM   723  C  CB  . ALA A 1 100 ? 2.111   -9.582  -2.810  1.00 7.26   ? 100 ALA A CB  1 
ATOM   724  N  N   . VAL A 1 101 ? 3.921   -11.204 -4.735  1.00 23.06  ? 101 VAL A N   1 
ATOM   725  C  CA  . VAL A 1 101 ? 4.097   -12.222 -5.755  1.00 23.69  ? 101 VAL A CA  1 
ATOM   726  C  C   . VAL A 1 101 ? 5.075   -13.267 -5.232  1.00 41.67  ? 101 VAL A C   1 
ATOM   727  O  O   . VAL A 1 101 ? 4.791   -14.465 -5.254  1.00 48.60  ? 101 VAL A O   1 
ATOM   728  C  CB  . VAL A 1 101 ? 4.655   -11.604 -7.056  1.00 23.84  ? 101 VAL A CB  1 
ATOM   729  C  CG1 . VAL A 1 101 ? 4.951   -12.691 -8.069  1.00 16.29  ? 101 VAL A CG1 1 
ATOM   730  C  CG2 . VAL A 1 101 ? 3.661   -10.601 -7.619  1.00 22.84  ? 101 VAL A CG2 1 
ATOM   731  N  N   . GLU A 1 102 ? 6.227   -12.799 -4.758  1.00 32.46  ? 102 GLU A N   1 
ATOM   732  C  CA  . GLU A 1 102 ? 7.261   -13.677 -4.223  1.00 26.66  ? 102 GLU A CA  1 
ATOM   733  C  C   . GLU A 1 102 ? 6.692   -14.533 -3.097  1.00 26.02  ? 102 GLU A C   1 
ATOM   734  O  O   . GLU A 1 102 ? 6.970   -15.727 -2.998  1.00 32.83  ? 102 GLU A O   1 
ATOM   735  C  CB  . GLU A 1 102 ? 8.440   -12.841 -3.706  1.00 24.71  ? 102 GLU A CB  1 
ATOM   736  C  CG  . GLU A 1 102 ? 9.302   -12.217 -4.801  1.00 30.98  ? 102 GLU A CG  1 
ATOM   737  C  CD  . GLU A 1 102 ? 10.069  -10.996 -4.321  1.00 31.82  ? 102 GLU A CD  1 
ATOM   738  O  OE1 . GLU A 1 102 ? 10.500  -10.991 -3.153  1.00 39.84  ? 102 GLU A OE1 1 
ATOM   739  O  OE2 . GLU A 1 102 ? 10.253  -10.041 -5.104  1.00 20.76  ? 102 GLU A OE2 1 
ATOM   740  N  N   . LEU A 1 103 ? 5.888   -13.912 -2.246  1.00 25.92  ? 103 LEU A N   1 
ATOM   741  C  CA  . LEU A 1 103 ? 5.274   -14.616 -1.131  1.00 35.75  ? 103 LEU A CA  1 
ATOM   742  C  C   . LEU A 1 103 ? 4.115   -15.466 -1.625  1.00 41.30  ? 103 LEU A C   1 
ATOM   743  O  O   . LEU A 1 103 ? 3.474   -16.168 -0.842  1.00 45.88  ? 103 LEU A O   1 
ATOM   744  C  CB  . LEU A 1 103 ? 4.777   -13.611 -0.089  1.00 38.91  ? 103 LEU A CB  1 
ATOM   745  C  CG  . LEU A 1 103 ? 5.849   -12.779 0.619   1.00 36.22  ? 103 LEU A CG  1 
ATOM   746  C  CD1 . LEU A 1 103 ? 5.179   -11.795 1.550   1.00 38.88  ? 103 LEU A CD1 1 
ATOM   747  C  CD2 . LEU A 1 103 ? 6.786   -13.691 1.399   1.00 23.07  ? 103 LEU A CD2 1 
ATOM   748  N  N   . GLY A 1 104 ? 3.855   -15.401 -2.928  1.00 42.27  ? 104 GLY A N   1 
ATOM   749  C  CA  . GLY A 1 104 ? 2.768   -16.165 -3.518  1.00 37.27  ? 104 GLY A CA  1 
ATOM   750  C  C   . GLY A 1 104 ? 1.439   -15.913 -2.829  1.00 25.94  ? 104 GLY A C   1 
ATOM   751  O  O   . GLY A 1 104 ? 0.720   -16.852 -2.480  1.00 26.85  ? 104 GLY A O   1 
ATOM   752  N  N   . LEU A 1 105 ? 1.112   -14.638 -2.653  1.00 24.78  ? 105 LEU A N   1 
ATOM   753  C  CA  . LEU A 1 105 ? -0.112  -14.248 -1.977  1.00 19.36  ? 105 LEU A CA  1 
ATOM   754  C  C   . LEU A 1 105 ? -1.295  -14.125 -2.929  1.00 23.41  ? 105 LEU A C   1 
ATOM   755  O  O   . LEU A 1 105 ? -1.112  -14.021 -4.140  1.00 23.09  ? 105 LEU A O   1 
ATOM   756  C  CB  . LEU A 1 105 ? 0.116   -12.925 -1.250  1.00 13.25  ? 105 LEU A CB  1 
ATOM   757  C  CG  . LEU A 1 105 ? 1.285   -12.907 -0.265  1.00 9.30   ? 105 LEU A CG  1 
ATOM   758  C  CD1 . LEU A 1 105 ? 1.425   -11.520 0.311   1.00 8.33   ? 105 LEU A CD1 1 
ATOM   759  C  CD2 . LEU A 1 105 ? 1.054   -13.918 0.850   1.00 4.95   ? 105 LEU A CD2 1 
ATOM   760  N  N   . LYS A 1 106 ? -2.509  -14.138 -2.380  1.00 29.73  ? 106 LYS A N   1 
ATOM   761  C  CA  . LYS A 1 106 ? -3.718  -14.026 -3.196  1.00 36.84  ? 106 LYS A CA  1 
ATOM   762  C  C   . LYS A 1 106 ? -4.469  -12.709 -2.960  1.00 35.19  ? 106 LYS A C   1 
ATOM   763  O  O   . LYS A 1 106 ? -4.861  -12.029 -3.906  1.00 38.16  ? 106 LYS A O   1 
ATOM   764  C  CB  . LYS A 1 106 ? -4.682  -15.184 -2.897  1.00 39.15  ? 106 LYS A CB  1 
ATOM   765  C  CG  . LYS A 1 106 ? -4.064  -16.573 -2.862  1.00 54.98  ? 106 LYS A CG  1 
ATOM   766  C  CD  . LYS A 1 106 ? -3.539  -17.007 -4.214  1.00 66.39  ? 106 LYS A CD  1 
ATOM   767  C  CE  . LYS A 1 106 ? -3.105  -18.461 -4.168  1.00 68.78  ? 106 LYS A CE  1 
ATOM   768  N  NZ  . LYS A 1 106 ? -2.093  -18.703 -3.103  1.00 67.51  ? 106 LYS A NZ  1 
ATOM   769  N  N   . THR A 1 107 ? -4.667  -12.361 -1.693  1.00 34.03  ? 107 THR A N   1 
ATOM   770  C  CA  . THR A 1 107 ? -5.407  -11.161 -1.340  1.00 39.06  ? 107 THR A CA  1 
ATOM   771  C  C   . THR A 1 107 ? -4.563  -10.127 -0.603  1.00 37.75  ? 107 THR A C   1 
ATOM   772  O  O   . THR A 1 107 ? -3.921  -10.433 0.402   1.00 32.15  ? 107 THR A O   1 
ATOM   773  C  CB  . THR A 1 107 ? -6.615  -11.525 -0.465  1.00 42.52  ? 107 THR A CB  1 
ATOM   774  O  OG1 . THR A 1 107 ? -6.158  -11.963 0.821   1.00 50.16  ? 107 THR A OG1 1 
ATOM   775  C  CG2 . THR A 1 107 ? -7.415  -12.650 -1.109  1.00 42.78  ? 107 THR A CG2 1 
ATOM   776  N  N   . VAL A 1 108 ? -4.577  -8.894  -1.104  1.00 4.91   ? 108 VAL A N   1 
ATOM   777  C  CA  . VAL A 1 108 ? -3.798  -7.822  -0.494  1.00 18.55  ? 108 VAL A CA  1 
ATOM   778  C  C   . VAL A 1 108 ? -4.542  -6.510  -0.634  1.00 22.51  ? 108 VAL A C   1 
ATOM   779  O  O   . VAL A 1 108 ? -5.193  -6.248  -1.648  1.00 18.67  ? 108 VAL A O   1 
ATOM   780  C  CB  . VAL A 1 108 ? -2.378  -7.658  -1.142  1.00 32.21  ? 108 VAL A CB  1 
ATOM   781  C  CG1 . VAL A 1 108 ? -1.676  -9.007  -1.229  1.00 34.22  ? 108 VAL A CG1 1 
ATOM   782  C  CG2 . VAL A 1 108 ? -2.481  -7.014  -2.516  1.00 26.21  ? 108 VAL A CG2 1 
ATOM   783  N  N   . ALA A 1 109 ? -4.449  -5.685  0.395   1.00 30.25  ? 109 ALA A N   1 
ATOM   784  C  CA  . ALA A 1 109 ? -5.137  -4.416  0.365   1.00 26.37  ? 109 ALA A CA  1 
ATOM   785  C  C   . ALA A 1 109 ? -4.143  -3.289  0.524   1.00 17.56  ? 109 ALA A C   1 
ATOM   786  O  O   . ALA A 1 109 ? -3.137  -3.416  1.225   1.00 18.95  ? 109 ALA A O   1 
ATOM   787  C  CB  . ALA A 1 109 ? -6.173  -4.359  1.476   1.00 17.69  ? 109 ALA A CB  1 
ATOM   788  N  N   . PHE A 1 110 ? -4.426  -2.184  -0.148  1.00 13.52  ? 110 PHE A N   1 
ATOM   789  C  CA  . PHE A 1 110 ? -3.576  -1.023  -0.051  1.00 17.01  ? 110 PHE A CA  1 
ATOM   790  C  C   . PHE A 1 110 ? -4.300  -0.003  0.785   1.00 22.03  ? 110 PHE A C   1 
ATOM   791  O  O   . PHE A 1 110 ? -5.516  0.147   0.673   1.00 30.91  ? 110 PHE A O   1 
ATOM   792  C  CB  . PHE A 1 110 ? -3.317  -0.395  -1.422  1.00 18.11  ? 110 PHE A CB  1 
ATOM   793  C  CG  . PHE A 1 110 ? -2.305  -1.123  -2.261  1.00 28.74  ? 110 PHE A CG  1 
ATOM   794  C  CD1 . PHE A 1 110 ? -2.594  -2.367  -2.808  1.00 27.53  ? 110 PHE A CD1 1 
ATOM   795  C  CD2 . PHE A 1 110 ? -1.071  -0.536  -2.539  1.00 39.41  ? 110 PHE A CD2 1 
ATOM   796  C  CE1 . PHE A 1 110 ? -1.666  -3.011  -3.625  1.00 34.45  ? 110 PHE A CE1 1 
ATOM   797  C  CE2 . PHE A 1 110 ? -0.142  -1.171  -3.349  1.00 35.98  ? 110 PHE A CE2 1 
ATOM   798  C  CZ  . PHE A 1 110 ? -0.437  -2.408  -3.895  1.00 27.86  ? 110 PHE A CZ  1 
ATOM   799  N  N   . THR A 1 111 ? -3.558  0.675   1.651   1.00 29.11  ? 111 THR A N   1 
ATOM   800  C  CA  . THR A 1 111 ? -4.148  1.750   2.421   1.00 36.03  ? 111 THR A CA  1 
ATOM   801  C  C   . THR A 1 111 ? -4.291  2.759   1.277   1.00 42.60  ? 111 THR A C   1 
ATOM   802  O  O   . THR A 1 111 ? -3.450  2.792   0.376   1.00 33.89  ? 111 THR A O   1 
ATOM   803  C  CB  . THR A 1 111 ? -3.188  2.253   3.514   1.00 31.52  ? 111 THR A CB  1 
ATOM   804  O  OG1 . THR A 1 111 ? -3.756  3.410   4.132   1.00 40.85  ? 111 THR A OG1 1 
ATOM   805  C  CG2 . THR A 1 111 ? -1.820  2.593   2.936   1.00 29.64  ? 111 THR A CG2 1 
ATOM   806  N  N   . ALA A 1 112 ? -5.340  3.567   1.274   1.00 56.10  ? 112 ALA A N   1 
ATOM   807  C  CA  . ALA A 1 112 ? -5.513  4.469   0.146   1.00 63.28  ? 112 ALA A CA  1 
ATOM   808  C  C   . ALA A 1 112 ? -5.166  5.932   0.318   1.00 56.54  ? 112 ALA A C   1 
ATOM   809  O  O   . ALA A 1 112 ? -5.619  6.585   1.257   1.00 51.23  ? 112 ALA A O   1 
ATOM   810  C  CB  . ALA A 1 112 ? -6.930  4.354   -0.377  1.00 71.32  ? 112 ALA A CB  1 
ATOM   811  N  N   . LEU A 1 113 ? -4.360  6.427   -0.620  1.00 54.03  ? 113 LEU A N   1 
ATOM   812  C  CA  . LEU A 1 113 ? -3.945  7.829   -0.687  1.00 51.46  ? 113 LEU A CA  1 
ATOM   813  C  C   . LEU A 1 113 ? -3.496  8.523   0.599   1.00 49.37  ? 113 LEU A C   1 
ATOM   814  O  O   . LEU A 1 113 ? -3.226  9.723   0.585   1.00 58.21  ? 113 LEU A O   1 
ATOM   815  C  CB  . LEU A 1 113 ? -5.079  8.652   -1.321  1.00 37.99  ? 113 LEU A CB  1 
ATOM   816  C  CG  . LEU A 1 113 ? -5.330  8.561   -2.833  1.00 41.00  ? 113 LEU A CG  1 
ATOM   817  C  CD1 . LEU A 1 113 ? -4.276  9.377   -3.562  1.00 42.59  ? 113 LEU A CD1 1 
ATOM   818  C  CD2 . LEU A 1 113 ? -5.316  7.106   -3.303  1.00 44.03  ? 113 LEU A CD2 1 
ATOM   819  N  N   . GLY A 1 114 ? -3.405  7.791   1.701   1.00 37.70  ? 114 GLY A N   1 
ATOM   820  C  CA  . GLY A 1 114 ? -3.010  8.424   2.947   1.00 42.43  ? 114 GLY A CA  1 
ATOM   821  C  C   . GLY A 1 114 ? -1.601  8.965   2.910   1.00 48.87  ? 114 GLY A C   1 
ATOM   822  O  O   . GLY A 1 114 ? -1.332  10.027  2.337   1.00 42.57  ? 114 GLY A O   1 
ATOM   823  N  N   . ALA A 1 115 ? -0.697  8.227   3.543   1.00 52.62  ? 115 ALA A N   1 
ATOM   824  C  CA  . ALA A 1 115 ? 0.706   8.603   3.579   1.00 45.03  ? 115 ALA A CA  1 
ATOM   825  C  C   . ALA A 1 115 ? 1.293   8.352   2.195   1.00 50.84  ? 115 ALA A C   1 
ATOM   826  O  O   . ALA A 1 115 ? 2.515   8.322   2.026   1.00 49.64  ? 115 ALA A O   1 
ATOM   827  C  CB  . ALA A 1 115 ? 1.439   7.778   4.625   1.00 24.80  ? 115 ALA A CB  1 
ATOM   828  N  N   . TRP A 1 116 ? 0.412   8.159   1.213   1.00 43.48  ? 116 TRP A N   1 
ATOM   829  C  CA  . TRP A 1 116 ? 0.833   7.923   -0.161  1.00 45.60  ? 116 TRP A CA  1 
ATOM   830  C  C   . TRP A 1 116 ? 0.967   9.240   -0.907  1.00 42.87  ? 116 TRP A C   1 
ATOM   831  O  O   . TRP A 1 116 ? 1.801   9.368   -1.803  1.00 41.90  ? 116 TRP A O   1 
ATOM   832  C  CB  . TRP A 1 116 ? -0.166  7.032   -0.909  1.00 46.96  ? 116 TRP A CB  1 
ATOM   833  C  CG  . TRP A 1 116 ? -0.115  5.581   -0.539  1.00 42.61  ? 116 TRP A CG  1 
ATOM   834  C  CD1 . TRP A 1 116 ? -0.959  4.922   0.304   1.00 47.63  ? 116 TRP A CD1 1 
ATOM   835  C  CD2 . TRP A 1 116 ? 0.825   4.601   -1.014  1.00 28.69  ? 116 TRP A CD2 1 
ATOM   836  N  NE1 . TRP A 1 116 ? -0.609  3.594   0.384   1.00 43.33  ? 116 TRP A NE1 1 
ATOM   837  C  CE2 . TRP A 1 116 ? 0.483   3.370   -0.413  1.00 27.67  ? 116 TRP A CE2 1 
ATOM   838  C  CE3 . TRP A 1 116 ? 1.926   4.648   -1.886  1.00 26.84  ? 116 TRP A CE3 1 
ATOM   839  C  CZ2 . TRP A 1 116 ? 1.196   2.191   -0.656  1.00 20.65  ? 116 TRP A CZ2 1 
ATOM   840  C  CZ3 . TRP A 1 116 ? 2.641   3.470   -2.130  1.00 25.25  ? 116 TRP A CZ3 1 
ATOM   841  C  CH2 . TRP A 1 116 ? 2.271   2.262   -1.515  1.00 33.26  ? 116 TRP A CH2 1 
ATOM   842  N  N   . VAL A 1 117 ? 0.145   10.216  -0.544  1.00 35.37  ? 117 VAL A N   1 
ATOM   843  C  CA  . VAL A 1 117 ? 0.191   11.513  -1.200  1.00 37.36  ? 117 VAL A CA  1 
ATOM   844  C  C   . VAL A 1 117 ? 1.380   12.279  -0.658  1.00 49.65  ? 117 VAL A C   1 
ATOM   845  O  O   . VAL A 1 117 ? 2.436   12.339  -1.291  1.00 58.28  ? 117 VAL A O   1 
ATOM   846  C  CB  . VAL A 1 117 ? -1.110  12.315  -0.945  1.00 41.63  ? 117 VAL A CB  1 
ATOM   847  C  CG1 . VAL A 1 117 ? -1.000  13.715  -1.536  1.00 40.41  ? 117 VAL A CG1 1 
ATOM   848  C  CG2 . VAL A 1 117 ? -2.300  11.572  -1.550  1.00 30.51  ? 117 VAL A CG2 1 
ATOM   849  N  N   . GLY A 1 118 ? 1.202   12.860  0.523   1.00 42.80  ? 118 GLY A N   1 
ATOM   850  C  CA  . GLY A 1 118 ? 2.274   13.605  1.149   1.00 30.46  ? 118 GLY A CA  1 
ATOM   851  C  C   . GLY A 1 118 ? 2.754   14.797  0.355   1.00 22.34  ? 118 GLY A C   1 
ATOM   852  O  O   . GLY A 1 118 ? 3.923   14.856  -0.019  1.00 20.13  ? 118 GLY A O   1 
ATOM   853  N  N   . GLY A 1 119 ? 1.853   15.745  0.092   1.00 24.57  ? 119 GLY A N   1 
ATOM   854  C  CA  . GLY A 1 119 ? 2.229   16.949  -0.637  1.00 22.64  ? 119 GLY A CA  1 
ATOM   855  C  C   . GLY A 1 119 ? 2.072   16.905  -2.146  1.00 34.39  ? 119 GLY A C   1 
ATOM   856  O  O   . GLY A 1 119 ? 1.967   17.941  -2.797  1.00 37.24  ? 119 GLY A O   1 
ATOM   857  N  N   . LEU A 1 120 ? 2.060   15.705  -2.708  1.00 32.39  ? 120 LEU A N   1 
ATOM   858  C  CA  . LEU A 1 120 ? 1.923   15.536  -4.145  1.00 31.62  ? 120 LEU A CA  1 
ATOM   859  C  C   . LEU A 1 120 ? 0.459   15.563  -4.574  1.00 38.81  ? 120 LEU A C   1 
ATOM   860  O  O   . LEU A 1 120 ? -0.451  15.510  -3.742  1.00 34.80  ? 120 LEU A O   1 
ATOM   861  C  CB  . LEU A 1 120 ? 2.551   14.205  -4.573  1.00 28.30  ? 120 LEU A CB  1 
ATOM   862  C  CG  . LEU A 1 120 ? 4.041   14.006  -4.286  1.00 32.22  ? 120 LEU A CG  1 
ATOM   863  C  CD1 . LEU A 1 120 ? 4.366   12.541  -4.417  1.00 38.02  ? 120 LEU A CD1 1 
ATOM   864  C  CD2 . LEU A 1 120 ? 4.884   14.837  -5.235  1.00 22.69  ? 120 LEU A CD2 1 
ATOM   865  N  N   . PRO A 1 121 ? 0.214   15.654  -5.888  1.00 42.68  ? 121 PRO A N   1 
ATOM   866  C  CA  . PRO A 1 121 ? -1.155  15.681  -6.410  1.00 51.27  ? 121 PRO A CA  1 
ATOM   867  C  C   . PRO A 1 121 ? -1.859  14.336  -6.205  1.00 53.47  ? 121 PRO A C   1 
ATOM   868  O  O   . PRO A 1 121 ? -1.482  13.325  -6.801  1.00 59.02  ? 121 PRO A O   1 
ATOM   869  C  CB  . PRO A 1 121 ? -0.956  16.008  -7.889  1.00 49.30  ? 121 PRO A CB  1 
ATOM   870  C  CG  . PRO A 1 121 ? 0.333   16.786  -7.898  1.00 41.30  ? 121 PRO A CG  1 
ATOM   871  C  CD  . PRO A 1 121 ? 1.181   15.998  -6.943  1.00 35.81  ? 121 PRO A CD  1 
ATOM   872  N  N   . ALA A 1 122 ? -2.885  14.330  -5.362  1.00 41.57  ? 122 ALA A N   1 
ATOM   873  C  CA  . ALA A 1 122 ? -3.628  13.107  -5.083  1.00 42.76  ? 122 ALA A CA  1 
ATOM   874  C  C   . ALA A 1 122 ? -4.139  12.422  -6.345  1.00 33.74  ? 122 ALA A C   1 
ATOM   875  O  O   . ALA A 1 122 ? -3.897  11.237  -6.539  1.00 32.69  ? 122 ALA A O   1 
ATOM   876  C  CB  . ALA A 1 122 ? -4.795  13.403  -4.142  1.00 37.02  ? 122 ALA A CB  1 
ATOM   877  N  N   . GLU A 1 123 ? -4.835  13.164  -7.204  1.00 33.27  ? 123 GLU A N   1 
ATOM   878  C  CA  . GLU A 1 123 ? -5.379  12.581  -8.431  1.00 39.56  ? 123 GLU A CA  1 
ATOM   879  C  C   . GLU A 1 123 ? -4.286  11.894  -9.236  1.00 44.85  ? 123 GLU A C   1 
ATOM   880  O  O   . GLU A 1 123 ? -4.544  10.917  -9.942  1.00 48.80  ? 123 GLU A O   1 
ATOM   881  C  CB  . GLU A 1 123 ? -6.066  13.644  -9.302  1.00 45.70  ? 123 GLU A CB  1 
ATOM   882  C  CG  . GLU A 1 123 ? -5.137  14.453  -10.194 1.00 71.66  ? 123 GLU A CG  1 
ATOM   883  C  CD  . GLU A 1 123 ? -4.593  15.687  -9.512  1.00 77.45  ? 123 GLU A CD  1 
ATOM   884  O  OE1 . GLU A 1 123 ? -4.058  15.565  -8.393  1.00 81.42  ? 123 GLU A OE1 1 
ATOM   885  O  OE2 . GLU A 1 123 ? -4.693  16.784  -10.103 1.00 68.36  ? 123 GLU A OE2 1 
ATOM   886  N  N   . ALA A 1 124 ? -3.065  12.409  -9.124  1.00 33.64  ? 124 ALA A N   1 
ATOM   887  C  CA  . ALA A 1 124 ? -1.935  11.842  -9.839  1.00 12.30  ? 124 ALA A CA  1 
ATOM   888  C  C   . ALA A 1 124 ? -1.458  10.567  -9.145  1.00 17.49  ? 124 ALA A C   1 
ATOM   889  O  O   . ALA A 1 124 ? -1.295  9.527   -9.795  1.00 39.19  ? 124 ALA A O   1 
ATOM   890  C  CB  . ALA A 1 124 ? -0.811  12.850  -9.913  1.00 12.30  ? 124 ALA A CB  1 
ATOM   891  N  N   . VAL A 1 125 ? -1.241  10.644  -7.832  1.00 13.46  ? 125 VAL A N   1 
ATOM   892  C  CA  . VAL A 1 125 ? -0.781  9.485   -7.058  1.00 9.80   ? 125 VAL A CA  1 
ATOM   893  C  C   . VAL A 1 125 ? -1.673  8.280   -7.324  1.00 21.73  ? 125 VAL A C   1 
ATOM   894  O  O   . VAL A 1 125 ? -1.207  7.211   -7.702  1.00 29.10  ? 125 VAL A O   1 
ATOM   895  C  CB  . VAL A 1 125 ? -0.788  9.778   -5.517  1.00 18.15  ? 125 VAL A CB  1 
ATOM   896  C  CG1 . VAL A 1 125 ? -0.271  8.558   -4.744  1.00 13.08  ? 125 VAL A CG1 1 
ATOM   897  C  CG2 . VAL A 1 125 ? 0.082   11.008  -5.199  1.00 24.76  ? 125 VAL A CG2 1 
ATOM   898  N  N   . LEU A 1 126 ? -2.963  8.483   -7.114  1.00 20.55  ? 126 LEU A N   1 
ATOM   899  C  CA  . LEU A 1 126 ? -3.983  7.469   -7.321  1.00 28.30  ? 126 LEU A CA  1 
ATOM   900  C  C   . LEU A 1 126 ? -3.840  6.760   -8.677  1.00 35.49  ? 126 LEU A C   1 
ATOM   901  O  O   . LEU A 1 126 ? -3.885  5.532   -8.758  1.00 28.62  ? 126 LEU A O   1 
ATOM   902  C  CB  . LEU A 1 126 ? -5.358  8.139   -7.224  1.00 43.44  ? 126 LEU A CB  1 
ATOM   903  C  CG  . LEU A 1 126 ? -6.620  7.340   -6.899  1.00 49.89  ? 126 LEU A CG  1 
ATOM   904  C  CD1 . LEU A 1 126 ? -7.807  8.290   -6.965  1.00 32.41  ? 126 LEU A CD1 1 
ATOM   905  C  CD2 . LEU A 1 126 ? -6.800  6.183   -7.872  1.00 59.54  ? 126 LEU A CD2 1 
ATOM   906  N  N   . ARG A 1 127 ? -3.679  7.541   -9.739  1.00 35.24  ? 127 ARG A N   1 
ATOM   907  C  CA  . ARG A 1 127 ? -3.534  6.992   -11.084 1.00 25.41  ? 127 ARG A CA  1 
ATOM   908  C  C   . ARG A 1 127 ? -2.262  6.159   -11.276 1.00 20.58  ? 127 ARG A C   1 
ATOM   909  O  O   . ARG A 1 127 ? -2.329  5.006   -11.676 1.00 21.05  ? 127 ARG A O   1 
ATOM   910  C  CB  . ARG A 1 127 ? -3.569  8.129   -12.106 1.00 40.59  ? 127 ARG A CB  1 
ATOM   911  C  CG  . ARG A 1 127 ? -3.207  7.715   -13.521 1.00 58.90  ? 127 ARG A CG  1 
ATOM   912  C  CD  . ARG A 1 127 ? -3.136  8.929   -14.434 1.00 72.07  ? 127 ARG A CD  1 
ATOM   913  N  NE  . ARG A 1 127 ? -2.251  9.962   -13.893 1.00 78.33  ? 127 ARG A NE  1 
ATOM   914  C  CZ  . ARG A 1 127 ? -0.930  9.848   -13.799 1.00 77.01  ? 127 ARG A CZ  1 
ATOM   915  N  NH1 . ARG A 1 127 ? -0.323  8.742   -14.216 1.00 74.43  ? 127 ARG A NH1 1 
ATOM   916  N  NH2 . ARG A 1 127 ? -0.216  10.837  -13.280 1.00 80.15  ? 127 ARG A NH2 1 
ATOM   917  N  N   . VAL A 1 128 ? -1.100  6.733   -10.998 1.00 23.42  ? 128 VAL A N   1 
ATOM   918  C  CA  . VAL A 1 128 ? 0.138   5.980   -11.169 1.00 40.77  ? 128 VAL A CA  1 
ATOM   919  C  C   . VAL A 1 128 ? 0.059   4.702   -10.328 1.00 44.09  ? 128 VAL A C   1 
ATOM   920  O  O   . VAL A 1 128 ? 0.577   3.656   -10.722 1.00 43.99  ? 128 VAL A O   1 
ATOM   921  C  CB  . VAL A 1 128 ? 1.407   6.827   -10.770 1.00 44.54  ? 128 VAL A CB  1 
ATOM   922  C  CG1 . VAL A 1 128 ? 1.265   8.275   -11.287 1.00 6.30   ? 128 VAL A CG1 1 
ATOM   923  C  CG2 . VAL A 1 128 ? 1.632   6.793   -9.260  1.00 28.34  ? 128 VAL A CG2 1 
ATOM   924  N  N   . MET A 1 129 ? -0.613  4.791   -9.180  1.00 41.73  ? 129 MET A N   1 
ATOM   925  C  CA  . MET A 1 129 ? -0.768  3.647   -8.283  1.00 37.74  ? 129 MET A CA  1 
ATOM   926  C  C   . MET A 1 129 ? -1.683  2.589   -8.879  1.00 39.35  ? 129 MET A C   1 
ATOM   927  O  O   . MET A 1 129 ? -1.489  1.395   -8.652  1.00 40.81  ? 129 MET A O   1 
ATOM   928  C  CB  . MET A 1 129 ? -1.332  4.085   -6.922  1.00 41.58  ? 129 MET A CB  1 
ATOM   929  C  CG  . MET A 1 129 ? -0.313  4.704   -5.969  1.00 36.13  ? 129 MET A CG  1 
ATOM   930  S  SD  . MET A 1 129 ? -0.940  4.957   -4.278  1.00 29.25  ? 129 MET A SD  1 
ATOM   931  C  CE  . MET A 1 129 ? -0.809  3.299   -3.627  1.00 13.97  ? 129 MET A CE  1 
ATOM   932  N  N   . LEU A 1 130 ? -2.684  3.037   -9.631  1.00 41.48  ? 130 LEU A N   1 
ATOM   933  C  CA  . LEU A 1 130 ? -3.649  2.143   -10.268 1.00 29.69  ? 130 LEU A CA  1 
ATOM   934  C  C   . LEU A 1 130 ? -2.951  1.355   -11.350 1.00 30.98  ? 130 LEU A C   1 
ATOM   935  O  O   . LEU A 1 130 ? -2.971  0.125   -11.358 1.00 34.34  ? 130 LEU A O   1 
ATOM   936  C  CB  . LEU A 1 130 ? -4.770  2.948   -10.911 1.00 24.02  ? 130 LEU A CB  1 
ATOM   937  C  CG  . LEU A 1 130 ? -5.982  2.134   -11.332 1.00 54.79  ? 130 LEU A CG  1 
ATOM   938  C  CD1 . LEU A 1 130 ? -6.732  1.719   -10.080 1.00 66.95  ? 130 LEU A CD1 1 
ATOM   939  C  CD2 . LEU A 1 130 ? -6.878  2.957   -12.241 1.00 59.76  ? 130 LEU A CD2 1 
ATOM   940  N  N   . GLU A 1 131 ? -2.336  2.099   -12.266 1.00 28.77  ? 131 GLU A N   1 
ATOM   941  C  CA  . GLU A 1 131 ? -1.602  1.531   -13.388 1.00 37.55  ? 131 GLU A CA  1 
ATOM   942  C  C   . GLU A 1 131 ? -0.662  0.417   -12.939 1.00 40.62  ? 131 GLU A C   1 
ATOM   943  O  O   . GLU A 1 131 ? -0.649  -0.669  -13.530 1.00 48.88  ? 131 GLU A O   1 
ATOM   944  C  CB  . GLU A 1 131 ? -0.827  2.637   -14.110 1.00 38.43  ? 131 GLU A CB  1 
ATOM   945  C  CG  . GLU A 1 131 ? -1.694  3.447   -15.067 1.00 59.45  ? 131 GLU A CG  1 
ATOM   946  C  CD  . GLU A 1 131 ? -1.273  4.903   -15.179 1.00 78.94  ? 131 GLU A CD  1 
ATOM   947  O  OE1 . GLU A 1 131 ? -0.060  5.172   -15.301 1.00 86.44  ? 131 GLU A OE1 1 
ATOM   948  O  OE2 . GLU A 1 131 ? -2.159  5.782   -15.157 1.00 79.48  ? 131 GLU A OE2 1 
ATOM   949  N  N   . GLU A 1 132 ? 0.116   0.673   -11.892 1.00 21.51  ? 132 GLU A N   1 
ATOM   950  C  CA  . GLU A 1 132 ? 1.029   -0.344  -11.395 1.00 21.90  ? 132 GLU A CA  1 
ATOM   951  C  C   . GLU A 1 132 ? 0.282   -1.580  -10.936 1.00 33.96  ? 132 GLU A C   1 
ATOM   952  O  O   . GLU A 1 132 ? 0.656   -2.701  -11.273 1.00 40.63  ? 132 GLU A O   1 
ATOM   953  C  CB  . GLU A 1 132 ? 1.886   0.207   -10.257 1.00 15.00  ? 132 GLU A CB  1 
ATOM   954  C  CG  . GLU A 1 132 ? 3.086   0.962   -10.773 1.00 28.16  ? 132 GLU A CG  1 
ATOM   955  C  CD  . GLU A 1 132 ? 3.878   0.146   -11.798 1.00 46.17  ? 132 GLU A CD  1 
ATOM   956  O  OE1 . GLU A 1 132 ? 4.489   -0.879  -11.413 1.00 46.61  ? 132 GLU A OE1 1 
ATOM   957  O  OE2 . GLU A 1 132 ? 3.879   0.529   -12.991 1.00 47.77  ? 132 GLU A OE2 1 
ATOM   958  N  N   . ILE A 1 133 ? -0.784  -1.370  -10.173 1.00 38.11  ? 133 ILE A N   1 
ATOM   959  C  CA  . ILE A 1 133 ? -1.576  -2.479  -9.672  1.00 31.47  ? 133 ILE A CA  1 
ATOM   960  C  C   . ILE A 1 133 ? -2.136  -3.315  -10.821 1.00 27.77  ? 133 ILE A C   1 
ATOM   961  O  O   . ILE A 1 133 ? -2.117  -4.543  -10.750 1.00 28.82  ? 133 ILE A O   1 
ATOM   962  C  CB  . ILE A 1 133 ? -2.717  -1.970  -8.753  1.00 22.51  ? 133 ILE A CB  1 
ATOM   963  C  CG1 . ILE A 1 133 ? -2.106  -1.248  -7.550  1.00 30.18  ? 133 ILE A CG1 1 
ATOM   964  C  CG2 . ILE A 1 133 ? -3.571  -3.134  -8.261  1.00 18.21  ? 133 ILE A CG2 1 
ATOM   965  C  CD1 . ILE A 1 133 ? -3.101  -0.599  -6.634  1.00 5.52   ? 133 ILE A CD1 1 
ATOM   966  N  N   . LYS A 1 134 ? -2.607  -2.664  -11.885 1.00 9.57   ? 134 LYS A N   1 
ATOM   967  C  CA  . LYS A 1 134 ? -3.147  -3.400  -13.032 1.00 21.63  ? 134 LYS A CA  1 
ATOM   968  C  C   . LYS A 1 134 ? -2.088  -4.200  -13.813 1.00 34.48  ? 134 LYS A C   1 
ATOM   969  O  O   . LYS A 1 134 ? -2.421  -5.092  -14.593 1.00 31.18  ? 134 LYS A O   1 
ATOM   970  C  CB  . LYS A 1 134 ? -3.881  -2.451  -13.988 1.00 24.13  ? 134 LYS A CB  1 
ATOM   971  C  CG  . LYS A 1 134 ? -5.215  -1.934  -13.454 1.00 43.87  ? 134 LYS A CG  1 
ATOM   972  C  CD  . LYS A 1 134 ? -6.147  -3.068  -13.028 1.00 50.16  ? 134 LYS A CD  1 
ATOM   973  C  CE  . LYS A 1 134 ? -6.615  -3.895  -14.214 1.00 64.94  ? 134 LYS A CE  1 
ATOM   974  N  NZ  . LYS A 1 134 ? -7.513  -5.017  -13.810 1.00 68.63  ? 134 LYS A NZ  1 
ATOM   975  N  N   . LYS A 1 135 ? -0.815  -3.879  -13.600 1.00 31.31  ? 135 LYS A N   1 
ATOM   976  C  CA  . LYS A 1 135 ? 0.276   -4.578  -14.276 1.00 26.66  ? 135 LYS A CA  1 
ATOM   977  C  C   . LYS A 1 135 ? 0.631   -5.842  -13.495 1.00 31.89  ? 135 LYS A C   1 
ATOM   978  O  O   . LYS A 1 135 ? 1.295   -6.740  -14.015 1.00 50.62  ? 135 LYS A O   1 
ATOM   979  C  CB  . LYS A 1 135 ? 1.511   -3.673  -14.375 1.00 25.29  ? 135 LYS A CB  1 
ATOM   980  C  CG  . LYS A 1 135 ? 1.298   -2.368  -15.136 1.00 33.18  ? 135 LYS A CG  1 
ATOM   981  C  CD  . LYS A 1 135 ? 2.543   -1.483  -15.101 1.00 44.12  ? 135 LYS A CD  1 
ATOM   982  C  CE  . LYS A 1 135 ? 3.722   -2.128  -15.827 1.00 47.60  ? 135 LYS A CE  1 
ATOM   983  N  NZ  . LYS A 1 135 ? 5.018   -1.416  -15.575 1.00 33.82  ? 135 LYS A NZ  1 
ATOM   984  N  N   . ALA A 1 136 ? 0.174   -5.902  -12.246 1.00 18.91  ? 136 ALA A N   1 
ATOM   985  C  CA  . ALA A 1 136 ? 0.441   -7.036  -11.369 1.00 22.47  ? 136 ALA A CA  1 
ATOM   986  C  C   . ALA A 1 136 ? -0.340  -8.299  -11.759 1.00 43.04  ? 136 ALA A C   1 
ATOM   987  O  O   . ALA A 1 136 ? -1.449  -8.222  -12.283 1.00 56.68  ? 136 ALA A O   1 
ATOM   988  C  CB  . ALA A 1 136 ? 0.128   -6.654  -9.937  1.00 18.85  ? 136 ALA A CB  1 
ATOM   989  N  N   . PRO A 1 137 ? 0.243   -9.481  -11.500 1.00 42.87  ? 137 PRO A N   1 
ATOM   990  C  CA  . PRO A 1 137 ? -0.371  -10.774 -11.815 1.00 35.43  ? 137 PRO A CA  1 
ATOM   991  C  C   . PRO A 1 137 ? -1.816  -10.900 -11.347 1.00 28.27  ? 137 PRO A C   1 
ATOM   992  O  O   . PRO A 1 137 ? -2.179  -10.430 -10.265 1.00 30.67  ? 137 PRO A O   1 
ATOM   993  C  CB  . PRO A 1 137 ? 0.554   -11.767 -11.114 1.00 42.03  ? 137 PRO A CB  1 
ATOM   994  C  CG  . PRO A 1 137 ? 1.891   -11.107 -11.240 1.00 34.64  ? 137 PRO A CG  1 
ATOM   995  C  CD  . PRO A 1 137 ? 1.570   -9.674  -10.881 1.00 37.51  ? 137 PRO A CD  1 
ATOM   996  N  N   . ASP A 1 138 ? -2.635  -11.550 -12.168 1.00 25.79  ? 138 ASP A N   1 
ATOM   997  C  CA  . ASP A 1 138 ? -4.043  -11.737 -11.851 1.00 23.46  ? 138 ASP A CA  1 
ATOM   998  C  C   . ASP A 1 138 ? -4.260  -12.750 -10.738 1.00 38.64  ? 138 ASP A C   1 
ATOM   999  O  O   . ASP A 1 138 ? -5.393  -13.016 -10.336 1.00 48.57  ? 138 ASP A O   1 
ATOM   1000 C  CB  . ASP A 1 138 ? -4.823  -12.157 -13.095 1.00 25.30  ? 138 ASP A CB  1 
ATOM   1001 C  CG  . ASP A 1 138 ? -5.085  -10.999 -14.038 1.00 34.61  ? 138 ASP A CG  1 
ATOM   1002 O  OD1 . ASP A 1 138 ? -4.916  -9.832  -13.618 1.00 25.69  ? 138 ASP A OD1 1 
ATOM   1003 O  OD2 . ASP A 1 138 ? -5.476  -11.261 -15.196 1.00 33.28  ? 138 ASP A OD2 1 
ATOM   1004 N  N   . THR A 1 139 ? -3.166  -13.320 -10.248 1.00 38.89  ? 139 THR A N   1 
ATOM   1005 C  CA  . THR A 1 139 ? -3.234  -14.278 -9.156  1.00 26.87  ? 139 THR A CA  1 
ATOM   1006 C  C   . THR A 1 139 ? -3.477  -13.406 -7.932  1.00 38.46  ? 139 THR A C   1 
ATOM   1007 O  O   . THR A 1 139 ? -3.710  -13.895 -6.826  1.00 34.35  ? 139 THR A O   1 
ATOM   1008 C  CB  . THR A 1 139 ? -1.892  -15.045 -8.991  1.00 28.33  ? 139 THR A CB  1 
ATOM   1009 O  OG1 . THR A 1 139 ? -0.846  -14.128 -8.625  1.00 31.23  ? 139 THR A OG1 1 
ATOM   1010 C  CG2 . THR A 1 139 ? -1.512  -15.751 -10.302 1.00 25.53  ? 139 THR A CG2 1 
ATOM   1011 N  N   . LEU A 1 140 ? -3.440  -12.098 -8.169  1.00 44.91  ? 140 LEU A N   1 
ATOM   1012 C  CA  . LEU A 1 140 ? -3.627  -11.104 -7.124  1.00 40.97  ? 140 LEU A CA  1 
ATOM   1013 C  C   . LEU A 1 140 ? -4.961  -10.349 -7.157  1.00 27.03  ? 140 LEU A C   1 
ATOM   1014 O  O   . LEU A 1 140 ? -5.313  -9.692  -8.145  1.00 32.94  ? 140 LEU A O   1 
ATOM   1015 C  CB  . LEU A 1 140 ? -2.458  -10.116 -7.162  1.00 36.53  ? 140 LEU A CB  1 
ATOM   1016 C  CG  . LEU A 1 140 ? -1.484  -10.163 -5.979  1.00 20.23  ? 140 LEU A CG  1 
ATOM   1017 C  CD1 . LEU A 1 140 ? -1.493  -11.526 -5.327  1.00 18.86  ? 140 LEU A CD1 1 
ATOM   1018 C  CD2 . LEU A 1 140 ? -0.100  -9.806  -6.462  1.00 21.80  ? 140 LEU A CD2 1 
ATOM   1019 N  N   . GLU A 1 141 ? -5.698  -10.473 -6.056  1.00 20.93  ? 141 GLU A N   1 
ATOM   1020 C  CA  . GLU A 1 141 ? -6.982  -9.818  -5.876  1.00 28.22  ? 141 GLU A CA  1 
ATOM   1021 C  C   . GLU A 1 141 ? -6.673  -8.640  -4.942  1.00 26.96  ? 141 GLU A C   1 
ATOM   1022 O  O   . GLU A 1 141 ? -6.481  -8.809  -3.730  1.00 26.82  ? 141 GLU A O   1 
ATOM   1023 C  CB  . GLU A 1 141 ? -7.967  -10.794 -5.232  1.00 45.33  ? 141 GLU A CB  1 
ATOM   1024 C  CG  . GLU A 1 141 ? -9.405  -10.318 -5.246  1.00 60.73  ? 141 GLU A CG  1 
ATOM   1025 C  CD  . GLU A 1 141 ? -9.911  -10.051 -6.650  1.00 59.96  ? 141 GLU A CD  1 
ATOM   1026 O  OE1 . GLU A 1 141 ? -9.954  -11.008 -7.457  1.00 50.24  ? 141 GLU A OE1 1 
ATOM   1027 O  OE2 . GLU A 1 141 ? -10.260 -8.885  -6.946  1.00 66.20  ? 141 GLU A OE2 1 
ATOM   1028 N  N   . VAL A 1 142 ? -6.602  -7.441  -5.507  1.00 18.40  ? 142 VAL A N   1 
ATOM   1029 C  CA  . VAL A 1 142 ? -6.255  -6.284  -4.704  1.00 21.43  ? 142 VAL A CA  1 
ATOM   1030 C  C   . VAL A 1 142 ? -7.435  -5.425  -4.323  1.00 25.80  ? 142 VAL A C   1 
ATOM   1031 O  O   . VAL A 1 142 ? -8.382  -5.261  -5.097  1.00 23.86  ? 142 VAL A O   1 
ATOM   1032 C  CB  . VAL A 1 142 ? -5.222  -5.403  -5.421  1.00 21.40  ? 142 VAL A CB  1 
ATOM   1033 C  CG1 . VAL A 1 142 ? -4.881  -4.192  -4.560  1.00 18.94  ? 142 VAL A CG1 1 
ATOM   1034 C  CG2 . VAL A 1 142 ? -3.967  -6.215  -5.702  1.00 17.51  ? 142 VAL A CG2 1 
ATOM   1035 N  N   . THR A 1 143 ? -7.363  -4.872  -3.117  1.00 24.14  ? 143 THR A N   1 
ATOM   1036 C  CA  . THR A 1 143 ? -8.415  -4.014  -2.612  1.00 22.05  ? 143 THR A CA  1 
ATOM   1037 C  C   . THR A 1 143 ? -7.850  -2.671  -2.190  1.00 33.50  ? 143 THR A C   1 
ATOM   1038 O  O   . THR A 1 143 ? -6.905  -2.602  -1.401  1.00 36.75  ? 143 THR A O   1 
ATOM   1039 C  CB  . THR A 1 143 ? -9.129  -4.652  -1.404  1.00 25.11  ? 143 THR A CB  1 
ATOM   1040 O  OG1 . THR A 1 143 ? -9.673  -5.924  -1.789  1.00 38.52  ? 143 THR A OG1 1 
ATOM   1041 C  CG2 . THR A 1 143 ? -10.262 -3.754  -0.924  1.00 28.12  ? 143 THR A CG2 1 
ATOM   1042 N  N   . GLY A 1 144 ? -8.426  -1.607  -2.739  1.00 23.73  ? 144 GLY A N   1 
ATOM   1043 C  CA  . GLY A 1 144 ? -8.005  -0.266  -2.384  1.00 17.74  ? 144 GLY A CA  1 
ATOM   1044 C  C   . GLY A 1 144 ? -8.952  0.202   -1.298  1.00 21.70  ? 144 GLY A C   1 
ATOM   1045 O  O   . GLY A 1 144 ? -10.133 0.457   -1.558  1.00 34.01  ? 144 GLY A O   1 
ATOM   1046 N  N   . VAL A 1 145 ? -8.438  0.304   -0.076  1.00 23.69  ? 145 VAL A N   1 
ATOM   1047 C  CA  . VAL A 1 145 ? -9.250  0.713   1.069   1.00 25.01  ? 145 VAL A CA  1 
ATOM   1048 C  C   . VAL A 1 145 ? -9.106  2.178   1.454   1.00 25.66  ? 145 VAL A C   1 
ATOM   1049 O  O   . VAL A 1 145 ? -8.023  2.628   1.826   1.00 28.36  ? 145 VAL A O   1 
ATOM   1050 C  CB  . VAL A 1 145 ? -8.924  -0.145  2.303   1.00 24.92  ? 145 VAL A CB  1 
ATOM   1051 C  CG1 . VAL A 1 145 ? -9.830  0.257   3.464   1.00 14.74  ? 145 VAL A CG1 1 
ATOM   1052 C  CG2 . VAL A 1 145 ? -9.077  -1.627  1.957   1.00 4.80   ? 145 VAL A CG2 1 
ATOM   1053 N  N   . HIS A 1 146 ? -10.214 2.912   1.383   1.00 27.60  ? 146 HIS A N   1 
ATOM   1054 C  CA  . HIS A 1 146 ? -10.223 4.333   1.725   1.00 36.68  ? 146 HIS A CA  1 
ATOM   1055 C  C   . HIS A 1 146 ? -10.870 4.630   3.075   1.00 33.84  ? 146 HIS A C   1 
ATOM   1056 O  O   . HIS A 1 146 ? -11.818 3.962   3.490   1.00 38.75  ? 146 HIS A O   1 
ATOM   1057 C  CB  . HIS A 1 146 ? -10.954 5.137   0.644   1.00 35.52  ? 146 HIS A CB  1 
ATOM   1058 C  CG  . HIS A 1 146 ? -10.443 4.893   -0.739  1.00 35.42  ? 146 HIS A CG  1 
ATOM   1059 N  ND1 . HIS A 1 146 ? -10.423 5.873   -1.705  1.00 39.30  ? 146 HIS A ND1 1 
ATOM   1060 C  CD2 . HIS A 1 146 ? -9.925  3.785   -1.317  1.00 31.87  ? 146 HIS A CD2 1 
ATOM   1061 C  CE1 . HIS A 1 146 ? -9.909  5.381   -2.817  1.00 34.56  ? 146 HIS A CE1 1 
ATOM   1062 N  NE2 . HIS A 1 146 ? -9.598  4.114   -2.609  1.00 31.26  ? 146 HIS A NE2 1 
ATOM   1063 N  N   . GLY A 1 147 ? -10.345 5.646   3.754   1.00 32.55  ? 147 GLY A N   1 
ATOM   1064 C  CA  . GLY A 1 147 ? -10.893 6.040   5.038   1.00 31.17  ? 147 GLY A CA  1 
ATOM   1065 C  C   . GLY A 1 147 ? -12.251 6.662   4.794   1.00 24.64  ? 147 GLY A C   1 
ATOM   1066 O  O   . GLY A 1 147 ? -13.211 6.410   5.521   1.00 30.33  ? 147 GLY A O   1 
ATOM   1067 N  N   . THR A 1 148 ? -12.333 7.462   3.738   1.00 26.36  ? 148 THR A N   1 
ATOM   1068 C  CA  . THR A 1 148 ? -13.570 8.137   3.368   1.00 27.01  ? 148 THR A CA  1 
ATOM   1069 C  C   . THR A 1 148 ? -14.235 7.609   2.084   1.00 25.62  ? 148 THR A C   1 
ATOM   1070 O  O   . THR A 1 148 ? -13.572 7.350   1.070   1.00 25.34  ? 148 THR A O   1 
ATOM   1071 C  CB  . THR A 1 148 ? -13.320 9.647   3.215   1.00 32.78  ? 148 THR A CB  1 
ATOM   1072 O  OG1 . THR A 1 148 ? -13.364 10.266  4.507   1.00 45.61  ? 148 THR A OG1 1 
ATOM   1073 C  CG2 . THR A 1 148 ? -14.354 10.282  2.297   1.00 29.00  ? 148 THR A CG2 1 
ATOM   1074 N  N   . GLU A 1 149 ? -15.554 7.462   2.147   1.00 16.32  ? 149 GLU A N   1 
ATOM   1075 C  CA  . GLU A 1 149 ? -16.355 6.997   1.022   1.00 14.99  ? 149 GLU A CA  1 
ATOM   1076 C  C   . GLU A 1 149 ? -16.198 7.888   -0.207  1.00 28.81  ? 149 GLU A C   1 
ATOM   1077 O  O   . GLU A 1 149 ? -16.191 7.399   -1.333  1.00 38.58  ? 149 GLU A O   1 
ATOM   1078 C  CB  . GLU A 1 149 ? -17.830 6.936   1.429   1.00 11.31  ? 149 GLU A CB  1 
ATOM   1079 C  CG  . GLU A 1 149 ? -18.815 6.711   0.283   1.00 34.46  ? 149 GLU A CG  1 
ATOM   1080 C  CD  . GLU A 1 149 ? -18.595 5.399   -0.442  1.00 45.66  ? 149 GLU A CD  1 
ATOM   1081 O  OE1 . GLU A 1 149 ? -18.454 4.363   0.239   1.00 45.69  ? 149 GLU A OE1 1 
ATOM   1082 O  OE2 . GLU A 1 149 ? -18.571 5.402   -1.693  1.00 47.40  ? 149 GLU A OE2 1 
ATOM   1083 N  N   . LYS A 1 150 ? -16.068 9.190   0.008   1.00 32.68  ? 150 LYS A N   1 
ATOM   1084 C  CA  . LYS A 1 150 ? -15.913 10.128  -1.097  1.00 40.56  ? 150 LYS A CA  1 
ATOM   1085 C  C   . LYS A 1 150 ? -14.720 9.753   -1.978  1.00 39.26  ? 150 LYS A C   1 
ATOM   1086 O  O   . LYS A 1 150 ? -14.860 9.604   -3.192  1.00 31.62  ? 150 LYS A O   1 
ATOM   1087 C  CB  . LYS A 1 150 ? -15.732 11.557  -0.573  1.00 36.33  ? 150 LYS A CB  1 
ATOM   1088 C  CG  . LYS A 1 150 ? -15.881 12.611  -1.656  1.00 41.51  ? 150 LYS A CG  1 
ATOM   1089 C  CD  . LYS A 1 150 ? -14.822 13.695  -1.543  1.00 42.08  ? 150 LYS A CD  1 
ATOM   1090 C  CE  . LYS A 1 150 ? -14.736 14.484  -2.836  1.00 55.30  ? 150 LYS A CE  1 
ATOM   1091 N  NZ  . LYS A 1 150 ? -14.529 13.563  -4.000  1.00 62.18  ? 150 LYS A NZ  1 
ATOM   1092 N  N   . SER A 1 151 ? -13.546 9.603   -1.370  1.00 27.45  ? 151 SER A N   1 
ATOM   1093 C  CA  . SER A 1 151 ? -12.358 9.241   -2.133  1.00 28.49  ? 151 SER A CA  1 
ATOM   1094 C  C   . SER A 1 151 ? -12.572 7.885   -2.794  1.00 42.39  ? 151 SER A C   1 
ATOM   1095 O  O   . SER A 1 151 ? -12.079 7.642   -3.896  1.00 30.80  ? 151 SER A O   1 
ATOM   1096 C  CB  . SER A 1 151 ? -11.130 9.171   -1.223  1.00 24.91  ? 151 SER A CB  1 
ATOM   1097 O  OG  . SER A 1 151 ? -11.108 7.968   -0.477  1.00 36.97  ? 151 SER A OG  1 
ATOM   1098 N  N   . ALA A 1 152 ? -13.310 7.008   -2.116  1.00 47.72  ? 152 ALA A N   1 
ATOM   1099 C  CA  . ALA A 1 152 ? -13.590 5.668   -2.629  1.00 44.00  ? 152 ALA A CA  1 
ATOM   1100 C  C   . ALA A 1 152 ? -14.221 5.752   -4.005  1.00 41.61  ? 152 ALA A C   1 
ATOM   1101 O  O   . ALA A 1 152 ? -13.924 4.948   -4.885  1.00 43.25  ? 152 ALA A O   1 
ATOM   1102 C  CB  . ALA A 1 152 ? -14.516 4.917   -1.675  1.00 38.26  ? 152 ALA A CB  1 
ATOM   1103 N  N   . GLU A 1 153 ? -15.094 6.737   -4.186  1.00 44.72  ? 153 GLU A N   1 
ATOM   1104 C  CA  . GLU A 1 153 ? -15.763 6.930   -5.461  1.00 33.79  ? 153 GLU A CA  1 
ATOM   1105 C  C   . GLU A 1 153 ? -14.767 7.516   -6.455  1.00 41.41  ? 153 GLU A C   1 
ATOM   1106 O  O   . GLU A 1 153 ? -14.685 7.079   -7.602  1.00 38.01  ? 153 GLU A O   1 
ATOM   1107 C  CB  . GLU A 1 153 ? -16.964 7.862   -5.279  1.00 25.71  ? 153 GLU A CB  1 
ATOM   1108 C  CG  . GLU A 1 153 ? -17.949 7.364   -4.225  1.00 46.29  ? 153 GLU A CG  1 
ATOM   1109 C  CD  . GLU A 1 153 ? -19.130 8.299   -4.013  1.00 66.65  ? 153 GLU A CD  1 
ATOM   1110 O  OE1 . GLU A 1 153 ? -18.907 9.513   -3.805  1.00 57.32  ? 153 GLU A OE1 1 
ATOM   1111 O  OE2 . GLU A 1 153 ? -20.281 7.815   -4.040  1.00 73.63  ? 153 GLU A OE2 1 
ATOM   1112 N  N   . ALA A 1 154 ? -14.000 8.498   -5.998  1.00 37.54  ? 154 ALA A N   1 
ATOM   1113 C  CA  . ALA A 1 154 ? -13.002 9.147   -6.840  1.00 20.01  ? 154 ALA A CA  1 
ATOM   1114 C  C   . ALA A 1 154 ? -12.055 8.117   -7.453  1.00 31.86  ? 154 ALA A C   1 
ATOM   1115 O  O   . ALA A 1 154 ? -11.624 8.259   -8.599  1.00 29.95  ? 154 ALA A O   1 
ATOM   1116 C  CB  . ALA A 1 154 ? -12.213 10.167  -6.023  1.00 19.85  ? 154 ALA A CB  1 
ATOM   1117 N  N   . ALA A 1 155 ? -11.729 7.089   -6.677  1.00 40.52  ? 155 ALA A N   1 
ATOM   1118 C  CA  . ALA A 1 155 ? -10.850 6.021   -7.144  1.00 42.98  ? 155 ALA A CA  1 
ATOM   1119 C  C   . ALA A 1 155 ? -11.623 5.210   -8.176  1.00 48.22  ? 155 ALA A C   1 
ATOM   1120 O  O   . ALA A 1 155 ? -11.080 4.823   -9.211  1.00 43.51  ? 155 ALA A O   1 
ATOM   1121 C  CB  . ALA A 1 155 ? -10.432 5.127   -5.981  1.00 32.81  ? 155 ALA A CB  1 
ATOM   1122 N  N   . ARG A 1 156 ? -12.895 4.954   -7.884  1.00 43.79  ? 156 ARG A N   1 
ATOM   1123 C  CA  . ARG A 1 156 ? -13.737 4.211   -8.801  1.00 32.93  ? 156 ARG A CA  1 
ATOM   1124 C  C   . ARG A 1 156 ? -13.813 4.989   -10.111 1.00 39.06  ? 156 ARG A C   1 
ATOM   1125 O  O   . ARG A 1 156 ? -13.777 4.400   -11.192 1.00 35.45  ? 156 ARG A O   1 
ATOM   1126 C  CB  . ARG A 1 156 ? -15.133 4.010   -8.199  1.00 19.84  ? 156 ARG A CB  1 
ATOM   1127 C  CG  . ARG A 1 156 ? -15.161 3.069   -6.999  1.00 20.04  ? 156 ARG A CG  1 
ATOM   1128 C  CD  . ARG A 1 156 ? -16.574 2.884   -6.451  1.00 21.96  ? 156 ARG A CD  1 
ATOM   1129 N  NE  . ARG A 1 156 ? -16.543 2.367   -5.084  1.00 31.66  ? 156 ARG A NE  1 
ATOM   1130 C  CZ  . ARG A 1 156 ? -17.234 2.884   -4.071  1.00 33.31  ? 156 ARG A CZ  1 
ATOM   1131 N  NH1 . ARG A 1 156 ? -18.024 3.937   -4.258  1.00 27.45  ? 156 ARG A NH1 1 
ATOM   1132 N  NH2 . ARG A 1 156 ? -17.119 2.364   -2.857  1.00 34.84  ? 156 ARG A NH2 1 
ATOM   1133 N  N   . ARG A 1 157 ? -13.899 6.316   -10.009 1.00 37.49  ? 157 ARG A N   1 
ATOM   1134 C  CA  . ARG A 1 157 ? -13.954 7.175   -11.192 1.00 38.61  ? 157 ARG A CA  1 
ATOM   1135 C  C   . ARG A 1 157 ? -12.680 7.035   -12.020 1.00 44.86  ? 157 ARG A C   1 
ATOM   1136 O  O   . ARG A 1 157 ? -12.728 7.049   -13.254 1.00 46.33  ? 157 ARG A O   1 
ATOM   1137 C  CB  . ARG A 1 157 ? -14.140 8.647   -10.801 1.00 36.53  ? 157 ARG A CB  1 
ATOM   1138 C  CG  . ARG A 1 157 ? -15.594 9.073   -10.638 1.00 40.44  ? 157 ARG A CG  1 
ATOM   1139 C  CD  . ARG A 1 157 ? -15.739 10.585  -10.540 1.00 47.87  ? 157 ARG A CD  1 
ATOM   1140 N  NE  . ARG A 1 157 ? -15.215 11.121  -9.286  1.00 63.75  ? 157 ARG A NE  1 
ATOM   1141 C  CZ  . ARG A 1 157 ? -15.778 10.937  -8.094  1.00 68.31  ? 157 ARG A CZ  1 
ATOM   1142 N  NH1 . ARG A 1 157 ? -16.893 10.226  -7.983  1.00 61.79  ? 157 ARG A NH1 1 
ATOM   1143 N  NH2 . ARG A 1 157 ? -15.223 11.466  -7.011  1.00 71.45  ? 157 ARG A NH2 1 
ATOM   1144 N  N   . ALA A 1 158 ? -11.546 6.901   -11.335 1.00 43.95  ? 158 ALA A N   1 
ATOM   1145 C  CA  . ALA A 1 158 ? -10.256 6.750   -12.004 1.00 39.07  ? 158 ALA A CA  1 
ATOM   1146 C  C   . ALA A 1 158 ? -10.154 5.344   -12.564 1.00 41.26  ? 158 ALA A C   1 
ATOM   1147 O  O   . ALA A 1 158 ? -9.806  5.150   -13.727 1.00 50.86  ? 158 ALA A O   1 
ATOM   1148 C  CB  . ALA A 1 158 ? -9.122  6.997   -11.027 1.00 19.67  ? 158 ALA A CB  1 
ATOM   1149 N  N   . LEU A 1 159 ? -10.460 4.363   -11.725 1.00 31.54  ? 159 LEU A N   1 
ATOM   1150 C  CA  . LEU A 1 159 ? -10.412 2.969   -12.135 1.00 30.45  ? 159 LEU A CA  1 
ATOM   1151 C  C   . LEU A 1 159 ? -11.223 2.794   -13.418 1.00 27.36  ? 159 LEU A C   1 
ATOM   1152 O  O   . LEU A 1 159 ? -10.835 2.050   -14.314 1.00 27.62  ? 159 LEU A O   1 
ATOM   1153 C  CB  . LEU A 1 159 ? -10.962 2.085   -11.011 1.00 34.17  ? 159 LEU A CB  1 
ATOM   1154 C  CG  . LEU A 1 159 ? -10.717 0.577   -11.041 1.00 28.02  ? 159 LEU A CG  1 
ATOM   1155 C  CD1 . LEU A 1 159 ? -9.278  0.273   -11.385 1.00 27.39  ? 159 LEU A CD1 1 
ATOM   1156 C  CD2 . LEU A 1 159 ? -11.063 0.007   -9.683  1.00 18.85  ? 159 LEU A CD2 1 
ATOM   1157 N  N   . LEU A 1 160 ? -12.344 3.500   -13.512 1.00 38.31  ? 160 LEU A N   1 
ATOM   1158 C  CA  . LEU A 1 160 ? -13.175 3.411   -14.701 1.00 38.37  ? 160 LEU A CA  1 
ATOM   1159 C  C   . LEU A 1 160 ? -12.507 4.083   -15.894 1.00 35.73  ? 160 LEU A C   1 
ATOM   1160 O  O   . LEU A 1 160 ? -12.565 3.573   -17.006 1.00 32.31  ? 160 LEU A O   1 
ATOM   1161 C  CB  . LEU A 1 160 ? -14.551 4.039   -14.447 1.00 26.94  ? 160 LEU A CB  1 
ATOM   1162 C  CG  . LEU A 1 160 ? -15.594 3.152   -13.752 1.00 33.90  ? 160 LEU A CG  1 
ATOM   1163 C  CD1 . LEU A 1 160 ? -16.884 3.931   -13.550 1.00 24.76  ? 160 LEU A CD1 1 
ATOM   1164 C  CD2 . LEU A 1 160 ? -15.857 1.906   -14.595 1.00 46.45  ? 160 LEU A CD2 1 
ATOM   1165 N  N   . GLU A 1 161 ? -11.866 5.222   -15.663 1.00 39.01  ? 161 GLU A N   1 
ATOM   1166 C  CA  . GLU A 1 161 ? -11.195 5.937   -16.746 1.00 40.68  ? 161 GLU A CA  1 
ATOM   1167 C  C   . GLU A 1 161 ? -10.081 5.076   -17.368 1.00 33.73  ? 161 GLU A C   1 
ATOM   1168 O  O   . GLU A 1 161 ? -9.817  5.127   -18.572 1.00 22.75  ? 161 GLU A O   1 
ATOM   1169 C  CB  . GLU A 1 161 ? -10.611 7.251   -16.214 1.00 50.77  ? 161 GLU A CB  1 
ATOM   1170 C  CG  . GLU A 1 161 ? -10.131 8.205   -17.299 1.00 69.28  ? 161 GLU A CG  1 
ATOM   1171 C  CD  . GLU A 1 161 ? -9.496  9.469   -16.741 1.00 81.49  ? 161 GLU A CD  1 
ATOM   1172 O  OE1 . GLU A 1 161 ? -10.150 10.161  -15.930 1.00 86.11  ? 161 GLU A OE1 1 
ATOM   1173 O  OE2 . GLU A 1 161 ? -8.342  9.770   -17.117 1.00 78.16  ? 161 GLU A OE2 1 
ATOM   1174 N  N   . HIS A 1 162 ? -9.437  4.274   -16.534 1.00 35.77  ? 162 HIS A N   1 
ATOM   1175 C  CA  . HIS A 1 162 ? -8.366  3.417   -16.996 1.00 48.29  ? 162 HIS A CA  1 
ATOM   1176 C  C   . HIS A 1 162 ? -8.906  2.314   -17.903 1.00 51.23  ? 162 HIS A C   1 
ATOM   1177 O  O   . HIS A 1 162 ? -8.380  2.081   -18.993 1.00 55.55  ? 162 HIS A O   1 
ATOM   1178 C  CB  . HIS A 1 162 ? -7.639  2.821   -15.792 1.00 52.98  ? 162 HIS A CB  1 
ATOM   1179 C  CG  . HIS A 1 162 ? -6.474  1.958   -16.156 1.00 56.72  ? 162 HIS A CG  1 
ATOM   1180 N  ND1 . HIS A 1 162 ? -6.621  0.683   -16.660 1.00 52.74  ? 162 HIS A ND1 1 
ATOM   1181 C  CD2 . HIS A 1 162 ? -5.141  2.189   -16.097 1.00 60.65  ? 162 HIS A CD2 1 
ATOM   1182 C  CE1 . HIS A 1 162 ? -5.429  0.167   -16.896 1.00 58.85  ? 162 HIS A CE1 1 
ATOM   1183 N  NE2 . HIS A 1 162 ? -4.514  1.060   -16.563 1.00 62.51  ? 162 HIS A NE2 1 
ATOM   1184 N  N   . HIS A 1 163 ? -9.965  1.645   -17.454 1.00 48.86  ? 163 HIS A N   1 
ATOM   1185 C  CA  . HIS A 1 163 ? -10.576 0.566   -18.223 1.00 45.89  ? 163 HIS A CA  1 
ATOM   1186 C  C   . HIS A 1 163 ? -11.123 1.051   -19.557 1.00 50.27  ? 163 HIS A C   1 
ATOM   1187 O  O   . HIS A 1 163 ? -11.233 0.284   -20.511 1.00 74.59  ? 163 HIS A O   1 
ATOM   1188 C  CB  . HIS A 1 163 ? -11.705 -0.084  -17.422 1.00 50.89  ? 163 HIS A CB  1 
ATOM   1189 C  CG  . HIS A 1 163 ? -11.249 -0.729  -16.152 1.00 72.34  ? 163 HIS A CG  1 
ATOM   1190 N  ND1 . HIS A 1 163 ? -10.110 -1.502  -16.076 1.00 81.34  ? 163 HIS A ND1 1 
ATOM   1191 C  CD2 . HIS A 1 163 ? -11.796 -0.745  -14.913 1.00 75.69  ? 163 HIS A CD2 1 
ATOM   1192 C  CE1 . HIS A 1 163 ? -9.975  -1.966  -14.847 1.00 79.27  ? 163 HIS A CE1 1 
ATOM   1193 N  NE2 . HIS A 1 163 ? -10.985 -1.521  -14.122 1.00 75.18  ? 163 HIS A NE2 1 
ATOM   1194 N  N   . HIS A 1 164 ? -11.458 2.331   -19.615 1.00 32.66  ? 164 HIS A N   1 
ATOM   1195 C  CA  . HIS A 1 164 ? -12.011 2.942   -20.812 1.00 39.27  ? 164 HIS A CA  1 
ATOM   1196 C  C   . HIS A 1 164 ? -10.971 3.054   -21.917 1.00 60.60  ? 164 HIS A C   1 
ATOM   1197 O  O   . HIS A 1 164 ? -11.142 2.499   -22.999 1.00 65.11  ? 164 HIS A O   1 
ATOM   1198 C  CB  . HIS A 1 164 ? -12.550 4.326   -20.459 1.00 42.00  ? 164 HIS A CB  1 
ATOM   1199 C  CG  . HIS A 1 164 ? -13.522 4.876   -21.456 1.00 49.06  ? 164 HIS A CG  1 
ATOM   1200 N  ND1 . HIS A 1 164 ? -13.131 5.396   -22.670 1.00 45.32  ? 164 HIS A ND1 1 
ATOM   1201 C  CD2 . HIS A 1 164 ? -14.867 5.017   -21.401 1.00 51.74  ? 164 HIS A CD2 1 
ATOM   1202 C  CE1 . HIS A 1 164 ? -14.194 5.838   -23.319 1.00 47.39  ? 164 HIS A CE1 1 
ATOM   1203 N  NE2 . HIS A 1 164 ? -15.259 5.619   -22.571 1.00 54.45  ? 164 HIS A NE2 1 
ATOM   1204 N  N   . HIS A 1 165 ? -9.889  3.772   -21.630 1.00 74.41  ? 165 HIS A N   1 
ATOM   1205 C  CA  . HIS A 1 165 ? -8.812  3.976   -22.593 1.00 80.46  ? 165 HIS A CA  1 
ATOM   1206 C  C   . HIS A 1 165 ? -7.792  2.830   -22.600 1.00 76.13  ? 165 HIS A C   1 
ATOM   1207 O  O   . HIS A 1 165 ? -6.588  3.055   -22.682 1.00 59.98  ? 165 HIS A O   1 
ATOM   1208 C  CB  . HIS A 1 165 ? -8.130  5.326   -22.304 1.00 95.03  ? 165 HIS A CB  1 
ATOM   1209 C  CG  . HIS A 1 165 ? -6.837  5.534   -23.033 1.00 112.73 ? 165 HIS A CG  1 
ATOM   1210 N  ND1 . HIS A 1 165 ? -6.671  5.223   -24.365 1.00 116.94 ? 165 HIS A ND1 1 
ATOM   1211 C  CD2 . HIS A 1 165 ? -5.642  6.006   -22.606 1.00 120.70 ? 165 HIS A CD2 1 
ATOM   1212 C  CE1 . HIS A 1 165 ? -5.429  5.491   -24.726 1.00 119.77 ? 165 HIS A CE1 1 
ATOM   1213 N  NE2 . HIS A 1 165 ? -4.783  5.968   -23.677 1.00 120.27 ? 165 HIS A NE2 1 
ATOM   1214 N  N   . HIS A 1 166 ? -8.274  1.596   -22.519 1.00 93.78  ? 166 HIS A N   1 
ATOM   1215 C  CA  . HIS A 1 166 ? -7.371  0.450   -22.534 1.00 107.20 ? 166 HIS A CA  1 
ATOM   1216 C  C   . HIS A 1 166 ? -7.915  -0.734  -23.319 1.00 119.56 ? 166 HIS A C   1 
ATOM   1217 O  O   . HIS A 1 166 ? -7.207  -1.717  -23.540 1.00 123.88 ? 166 HIS A O   1 
ATOM   1218 C  CB  . HIS A 1 166 ? -7.001  0.036   -21.106 1.00 104.54 ? 166 HIS A CB  1 
ATOM   1219 C  CG  . HIS A 1 166 ? -5.785  0.734   -20.580 1.00 105.82 ? 166 HIS A CG  1 
ATOM   1220 N  ND1 . HIS A 1 166 ? -5.724  2.101   -20.412 1.00 106.30 ? 166 HIS A ND1 1 
ATOM   1221 C  CD2 . HIS A 1 166 ? -4.565  0.259   -20.232 1.00 104.99 ? 166 HIS A CD2 1 
ATOM   1222 C  CE1 . HIS A 1 166 ? -4.520  2.439   -19.986 1.00 106.21 ? 166 HIS A CE1 1 
ATOM   1223 N  NE2 . HIS A 1 166 ? -3.798  1.339   -19.868 1.00 103.89 ? 166 HIS A NE2 1 
ATOM   1224 N  N   . HIS A 1 167 ? -9.172  -0.621  -23.740 1.00 29.12  ? 167 HIS A N   1 
ATOM   1225 C  CA  . HIS A 1 167 ? -9.854  -1.634  -24.556 1.00 29.12  ? 167 HIS A CA  1 
ATOM   1226 C  C   . HIS A 1 167 ? -9.176  -3.033  -24.631 1.00 29.12  ? 167 HIS A C   1 
ATOM   1227 O  O   . HIS A 1 167 ? -8.960  -3.548  -25.762 1.00 29.12  ? 167 HIS A O   1 
ATOM   1228 C  CB  . HIS A 1 167 ? -10.035 -1.064  -25.977 1.00 19.12  ? 167 HIS A CB  1 
ATOM   1229 C  CG  . HIS A 1 167 ? -8.751  -0.621  -26.619 1.00 19.12  ? 167 HIS A CG  1 
ATOM   1230 N  ND1 . HIS A 1 167 ? -8.277  -1.168  -27.795 1.00 19.12  ? 167 HIS A ND1 1 
ATOM   1231 C  CD2 . HIS A 1 167 ? -7.817  0.282   -26.223 1.00 19.12  ? 167 HIS A CD2 1 
ATOM   1232 C  CE1 . HIS A 1 167 ? -7.107  -0.624  -28.093 1.00 19.12  ? 167 HIS A CE1 1 
ATOM   1233 N  NE2 . HIS A 1 167 ? -6.805  0.259   -27.155 1.00 19.12  ? 167 HIS A NE2 1 
ATOM   1234 O  OXT . HIS A 1 167 ? -8.880  -3.616  -23.558 1.00 36.90  ? 167 HIS A OXT 1 
HETATM 1235 CL CL  . CL  B 2 .   ? 12.137  11.099  -7.610  1.00 29.12  ? 168 CL  A CL  1 
HETATM 1236 NA NA  . NA  C 3 .   ? 2.013   8.162   8.204   1.00 29.12  ? 169 NA  A NA  1 
HETATM 1237 NA NA  . NA  D 3 .   ? -1.545  -11.870 11.914  1.00 29.12  ? 170 NA  A NA  1 
HETATM 1238 O  O   . HOH E 4 .   ? -18.792 3.474   2.748   1.00 5.39   ? 171 HOH A O   1 
HETATM 1239 O  O   . HOH E 4 .   ? 10.641  3.424   16.562  1.00 15.14  ? 172 HOH A O   1 
HETATM 1240 O  O   . HOH E 4 .   ? -6.313  3.188   -4.959  1.00 15.85  ? 173 HOH A O   1 
HETATM 1241 O  O   . HOH E 4 .   ? 9.921   -12.319 -0.793  1.00 24.55  ? 174 HOH A O   1 
HETATM 1242 O  O   . HOH E 4 .   ? 10.709  -3.299  -7.876  1.00 20.97  ? 175 HOH A O   1 
HETATM 1243 O  O   . HOH E 4 .   ? -8.172  2.207   6.972   1.00 37.95  ? 176 HOH A O   1 
HETATM 1244 O  O   . HOH E 4 .   ? 7.762   -5.753  22.780  1.00 14.34  ? 177 HOH A O   1 
HETATM 1245 O  O   . HOH E 4 .   ? -5.832  -6.452  8.890   1.00 24.46  ? 178 HOH A O   1 
HETATM 1246 O  O   . HOH E 4 .   ? -11.976 -7.969  4.676   1.00 18.35  ? 179 HOH A O   1 
HETATM 1247 O  O   . HOH E 4 .   ? -12.413 -8.403  10.145  1.00 23.48  ? 180 HOH A O   1 
HETATM 1248 O  O   . HOH E 4 .   ? -7.399  10.585  -11.380 1.00 29.12  ? 181 HOH A O   1 
HETATM 1249 O  O   . HOH E 4 .   ? 9.356   -8.512  16.935  1.00 29.12  ? 182 HOH A O   1 
HETATM 1250 O  O   . HOH E 4 .   ? 4.354   -10.256 14.605  1.00 29.12  ? 183 HOH A O   1 
# 
loop_
_pdbx_poly_seq_scheme.asym_id 
_pdbx_poly_seq_scheme.entity_id 
_pdbx_poly_seq_scheme.seq_id 
_pdbx_poly_seq_scheme.mon_id 
_pdbx_poly_seq_scheme.ndb_seq_num 
_pdbx_poly_seq_scheme.pdb_seq_num 
_pdbx_poly_seq_scheme.auth_seq_num 
_pdbx_poly_seq_scheme.pdb_mon_id 
_pdbx_poly_seq_scheme.auth_mon_id 
_pdbx_poly_seq_scheme.pdb_strand_id 
_pdbx_poly_seq_scheme.pdb_ins_code 
_pdbx_poly_seq_scheme.hetero 
A 1 1   MET 1   1   ?   ?   ?   A . n 
A 1 2   ALA 2   2   2   ALA ALA A . n 
A 1 3   ARG 3   3   3   ARG ARG A . n 
A 1 4   ILE 4   4   4   ILE ILE A . n 
A 1 5   ARG 5   5   5   ARG ARG A . n 
A 1 6   GLU 6   6   6   GLU GLU A . n 
A 1 7   VAL 7   7   7   VAL VAL A . n 
A 1 8   GLN 8   8   8   GLN GLN A . n 
A 1 9   GLY 9   9   9   GLY GLY A . n 
A 1 10  ASP 10  10  10  ASP ASP A . n 
A 1 11  ILE 11  11  11  ILE ILE A . n 
A 1 12  THR 12  12  12  THR THR A . n 
A 1 13  GLU 13  13  13  GLU GLU A . n 
A 1 14  PHE 14  14  14  PHE PHE A . n 
A 1 15  GLN 15  15  15  GLN GLN A . n 
A 1 16  GLY 16  16  16  GLY GLY A . n 
A 1 17  ASP 17  17  17  ASP ASP A . n 
A 1 18  ALA 18  18  18  ALA ALA A . n 
A 1 19  ILE 19  19  19  ILE ILE A . n 
A 1 20  VAL 20  20  20  VAL VAL A . n 
A 1 21  ASN 21  21  21  ASN ASN A . n 
A 1 22  ALA 22  22  22  ALA ALA A . n 
A 1 23  ALA 23  23  23  ALA ALA A . n 
A 1 24  ASN 24  24  24  ASN ASN A . n 
A 1 25  ASN 25  25  25  ASN ASN A . n 
A 1 26  TYR 26  26  26  TYR TYR A . n 
A 1 27  LEU 27  27  27  LEU LEU A . n 
A 1 28  LYS 28  28  28  LYS LYS A . n 
A 1 29  LEU 29  29  29  LEU LEU A . n 
A 1 30  GLY 30  30  30  GLY GLY A . n 
A 1 31  ALA 31  31  31  ALA ALA A . n 
A 1 32  GLY 32  32  32  GLY GLY A . n 
A 1 33  VAL 33  33  33  VAL VAL A . n 
A 1 34  ALA 34  34  34  ALA ALA A . n 
A 1 35  GLY 35  35  35  GLY GLY A . n 
A 1 36  ALA 36  36  36  ALA ALA A . n 
A 1 37  ILE 37  37  37  ILE ILE A . n 
A 1 38  LEU 38  38  38  LEU LEU A . n 
A 1 39  ARG 39  39  39  ARG ARG A . n 
A 1 40  LYS 40  40  40  LYS LYS A . n 
A 1 41  GLY 41  41  41  GLY GLY A . n 
A 1 42  GLY 42  42  42  GLY GLY A . n 
A 1 43  PRO 43  43  43  PRO PRO A . n 
A 1 44  SER 44  44  44  SER SER A . n 
A 1 45  ILE 45  45  45  ILE ILE A . n 
A 1 46  GLN 46  46  46  GLN GLN A . n 
A 1 47  GLU 47  47  47  GLU GLU A . n 
A 1 48  GLU 48  48  48  GLU GLU A . n 
A 1 49  CYS 49  49  49  CYS CYS A . n 
A 1 50  ASP 50  50  50  ASP ASP A . n 
A 1 51  ARG 51  51  51  ARG ARG A . n 
A 1 52  ILE 52  52  52  ILE ILE A . n 
A 1 53  GLY 53  53  53  GLY GLY A . n 
A 1 54  LYS 54  54  54  LYS LYS A . n 
A 1 55  ILE 55  55  55  ILE ILE A . n 
A 1 56  ARG 56  56  56  ARG ARG A . n 
A 1 57  VAL 57  57  57  VAL VAL A . n 
A 1 58  GLY 58  58  58  GLY GLY A . n 
A 1 59  GLU 59  59  59  GLU GLU A . n 
A 1 60  ALA 60  60  60  ALA ALA A . n 
A 1 61  ALA 61  61  61  ALA ALA A . n 
A 1 62  VAL 62  62  62  VAL VAL A . n 
A 1 63  THR 63  63  63  THR THR A . n 
A 1 64  GLY 64  64  64  GLY GLY A . n 
A 1 65  ALA 65  65  65  ALA ALA A . n 
A 1 66  GLY 66  66  66  GLY GLY A . n 
A 1 67  ASN 67  67  67  ASN ASN A . n 
A 1 68  LEU 68  68  68  LEU LEU A . n 
A 1 69  PRO 69  69  69  PRO PRO A . n 
A 1 70  VAL 70  70  70  VAL VAL A . n 
A 1 71  ARG 71  71  71  ARG ARG A . n 
A 1 72  TYR 72  72  72  TYR TYR A . n 
A 1 73  VAL 73  73  73  VAL VAL A . n 
A 1 74  ILE 74  74  74  ILE ILE A . n 
A 1 75  HIS 75  75  75  HIS HIS A . n 
A 1 76  ALA 76  76  76  ALA ALA A . n 
A 1 77  ALA 77  77  77  ALA ALA A . n 
A 1 78  VAL 78  78  78  VAL VAL A . n 
A 1 79  LEU 79  79  79  LEU LEU A . n 
A 1 80  GLY 80  80  80  GLY GLY A . n 
A 1 81  ASP 81  81  81  ASP ASP A . n 
A 1 82  GLU 82  82  82  GLU GLU A . n 
A 1 83  PRO 83  83  83  PRO PRO A . n 
A 1 84  ALA 84  84  84  ALA ALA A . n 
A 1 85  SER 85  85  85  SER SER A . n 
A 1 86  LEU 86  86  86  LEU LEU A . n 
A 1 87  GLU 87  87  87  GLU GLU A . n 
A 1 88  THR 88  88  88  THR THR A . n 
A 1 89  VAL 89  89  89  VAL VAL A . n 
A 1 90  ARG 90  90  90  ARG ARG A . n 
A 1 91  LYS 91  91  91  LYS LYS A . n 
A 1 92  ALA 92  92  92  ALA ALA A . n 
A 1 93  THR 93  93  93  THR THR A . n 
A 1 94  LYS 94  94  94  LYS LYS A . n 
A 1 95  SER 95  95  95  SER SER A . n 
A 1 96  ALA 96  96  96  ALA ALA A . n 
A 1 97  LEU 97  97  97  LEU LEU A . n 
A 1 98  GLU 98  98  98  GLU GLU A . n 
A 1 99  LYS 99  99  99  LYS LYS A . n 
A 1 100 ALA 100 100 100 ALA ALA A . n 
A 1 101 VAL 101 101 101 VAL VAL A . n 
A 1 102 GLU 102 102 102 GLU GLU A . n 
A 1 103 LEU 103 103 103 LEU LEU A . n 
A 1 104 GLY 104 104 104 GLY GLY A . n 
A 1 105 LEU 105 105 105 LEU LEU A . n 
A 1 106 LYS 106 106 106 LYS LYS A . n 
A 1 107 THR 107 107 107 THR THR A . n 
A 1 108 VAL 108 108 108 VAL VAL A . n 
A 1 109 ALA 109 109 109 ALA ALA A . n 
A 1 110 PHE 110 110 110 PHE PHE A . n 
A 1 111 THR 111 111 111 THR THR A . n 
A 1 112 ALA 112 112 112 ALA ALA A . n 
A 1 113 LEU 113 113 113 LEU LEU A . n 
A 1 114 GLY 114 114 114 GLY GLY A . n 
A 1 115 ALA 115 115 115 ALA ALA A . n 
A 1 116 TRP 116 116 116 TRP TRP A . n 
A 1 117 VAL 117 117 117 VAL VAL A . n 
A 1 118 GLY 118 118 118 GLY GLY A . n 
A 1 119 GLY 119 119 119 GLY GLY A . n 
A 1 120 LEU 120 120 120 LEU LEU A . n 
A 1 121 PRO 121 121 121 PRO PRO A . n 
A 1 122 ALA 122 122 122 ALA ALA A . n 
A 1 123 GLU 123 123 123 GLU GLU A . n 
A 1 124 ALA 124 124 124 ALA ALA A . n 
A 1 125 VAL 125 125 125 VAL VAL A . n 
A 1 126 LEU 126 126 126 LEU LEU A . n 
A 1 127 ARG 127 127 127 ARG ARG A . n 
A 1 128 VAL 128 128 128 VAL VAL A . n 
A 1 129 MET 129 129 129 MET MET A . n 
A 1 130 LEU 130 130 130 LEU LEU A . n 
A 1 131 GLU 131 131 131 GLU GLU A . n 
A 1 132 GLU 132 132 132 GLU GLU A . n 
A 1 133 ILE 133 133 133 ILE ILE A . n 
A 1 134 LYS 134 134 134 LYS LYS A . n 
A 1 135 LYS 135 135 135 LYS LYS A . n 
A 1 136 ALA 136 136 136 ALA ALA A . n 
A 1 137 PRO 137 137 137 PRO PRO A . n 
A 1 138 ASP 138 138 138 ASP ASP A . n 
A 1 139 THR 139 139 139 THR THR A . n 
A 1 140 LEU 140 140 140 LEU LEU A . n 
A 1 141 GLU 141 141 141 GLU GLU A . n 
A 1 142 VAL 142 142 142 VAL VAL A . n 
A 1 143 THR 143 143 143 THR THR A . n 
A 1 144 GLY 144 144 144 GLY GLY A . n 
A 1 145 VAL 145 145 145 VAL VAL A . n 
A 1 146 HIS 146 146 146 HIS HIS A . n 
A 1 147 GLY 147 147 147 GLY GLY A . n 
A 1 148 THR 148 148 148 THR THR A . n 
A 1 149 GLU 149 149 149 GLU GLU A . n 
A 1 150 LYS 150 150 150 LYS LYS A . n 
A 1 151 SER 151 151 151 SER SER A . n 
A 1 152 ALA 152 152 152 ALA ALA A . n 
A 1 153 GLU 153 153 153 GLU GLU A . n 
A 1 154 ALA 154 154 154 ALA ALA A . n 
A 1 155 ALA 155 155 155 ALA ALA A . n 
A 1 156 ARG 156 156 156 ARG ARG A . n 
A 1 157 ARG 157 157 157 ARG ARG A . n 
A 1 158 ALA 158 158 158 ALA ALA A . n 
A 1 159 LEU 159 159 159 LEU LEU A . n 
A 1 160 LEU 160 160 160 LEU LEU A . n 
A 1 161 GLU 161 161 161 GLU GLU A . n 
A 1 162 HIS 162 162 162 HIS HIS A . n 
A 1 163 HIS 163 163 163 HIS HIS A . n 
A 1 164 HIS 164 164 164 HIS HIS A . n 
A 1 165 HIS 165 165 165 HIS HIS A . n 
A 1 166 HIS 166 166 166 HIS HIS A . n 
A 1 167 HIS 167 167 167 HIS HIS A . n 
# 
_pdbx_SG_project.id                    1 
_pdbx_SG_project.project_name          PSI:Biology 
_pdbx_SG_project.full_name_of_center   'Northeast Structural Genomics Consortium' 
_pdbx_SG_project.initial_of_center     NESG 
# 
loop_
_pdbx_nonpoly_scheme.asym_id 
_pdbx_nonpoly_scheme.entity_id 
_pdbx_nonpoly_scheme.mon_id 
_pdbx_nonpoly_scheme.ndb_seq_num 
_pdbx_nonpoly_scheme.pdb_seq_num 
_pdbx_nonpoly_scheme.auth_seq_num 
_pdbx_nonpoly_scheme.pdb_mon_id 
_pdbx_nonpoly_scheme.auth_mon_id 
_pdbx_nonpoly_scheme.pdb_strand_id 
_pdbx_nonpoly_scheme.pdb_ins_code 
B 2 CL  1  168 1  CL  CL  A . 
C 3 NA  1  169 1  NA  NA  A . 
D 3 NA  1  170 2  NA  NA  A . 
E 4 HOH 1  171 2  HOH HOH A . 
E 4 HOH 2  172 5  HOH HOH A . 
E 4 HOH 3  173 6  HOH HOH A . 
E 4 HOH 4  174 8  HOH HOH A . 
E 4 HOH 5  175 11 HOH HOH A . 
E 4 HOH 6  176 12 HOH HOH A . 
E 4 HOH 7  177 13 HOH HOH A . 
E 4 HOH 8  178 14 HOH HOH A . 
E 4 HOH 9  179 16 HOH HOH A . 
E 4 HOH 10 180 18 HOH HOH A . 
E 4 HOH 11 181 19 HOH HOH A . 
E 4 HOH 12 182 20 HOH HOH A . 
E 4 HOH 13 183 21 HOH HOH A . 
# 
_pdbx_struct_assembly.id                   1 
_pdbx_struct_assembly.details              author_and_software_defined_assembly 
_pdbx_struct_assembly.method_details       PISA 
_pdbx_struct_assembly.oligomeric_details   monomeric 
_pdbx_struct_assembly.oligomeric_count     1 
# 
_pdbx_struct_assembly_gen.assembly_id       1 
_pdbx_struct_assembly_gen.oper_expression   1 
_pdbx_struct_assembly_gen.asym_id_list      A,B,C,D,E 
# 
_pdbx_struct_oper_list.id                   1 
_pdbx_struct_oper_list.type                 'identity operation' 
_pdbx_struct_oper_list.name                 1_555 
_pdbx_struct_oper_list.symmetry_operation   x,y,z 
_pdbx_struct_oper_list.matrix[1][1]         1.0000000000 
_pdbx_struct_oper_list.matrix[1][2]         0.0000000000 
_pdbx_struct_oper_list.matrix[1][3]         0.0000000000 
_pdbx_struct_oper_list.vector[1]            0.0000000000 
_pdbx_struct_oper_list.matrix[2][1]         0.0000000000 
_pdbx_struct_oper_list.matrix[2][2]         1.0000000000 
_pdbx_struct_oper_list.matrix[2][3]         0.0000000000 
_pdbx_struct_oper_list.vector[2]            0.0000000000 
_pdbx_struct_oper_list.matrix[3][1]         0.0000000000 
_pdbx_struct_oper_list.matrix[3][2]         0.0000000000 
_pdbx_struct_oper_list.matrix[3][3]         1.0000000000 
_pdbx_struct_oper_list.vector[3]            0.0000000000 
# 
loop_
_pdbx_struct_conn_angle.id 
_pdbx_struct_conn_angle.ptnr1_label_atom_id 
_pdbx_struct_conn_angle.ptnr1_label_alt_id 
_pdbx_struct_conn_angle.ptnr1_label_asym_id 
_pdbx_struct_conn_angle.ptnr1_label_comp_id 
_pdbx_struct_conn_angle.ptnr1_label_seq_id 
_pdbx_struct_conn_angle.ptnr1_auth_atom_id 
_pdbx_struct_conn_angle.ptnr1_auth_asym_id 
_pdbx_struct_conn_angle.ptnr1_auth_comp_id 
_pdbx_struct_conn_angle.ptnr1_auth_seq_id 
_pdbx_struct_conn_angle.ptnr1_PDB_ins_code 
_pdbx_struct_conn_angle.ptnr1_symmetry 
_pdbx_struct_conn_angle.ptnr2_label_atom_id 
_pdbx_struct_conn_angle.ptnr2_label_alt_id 
_pdbx_struct_conn_angle.ptnr2_label_asym_id 
_pdbx_struct_conn_angle.ptnr2_label_comp_id 
_pdbx_struct_conn_angle.ptnr2_label_seq_id 
_pdbx_struct_conn_angle.ptnr2_auth_atom_id 
_pdbx_struct_conn_angle.ptnr2_auth_asym_id 
_pdbx_struct_conn_angle.ptnr2_auth_comp_id 
_pdbx_struct_conn_angle.ptnr2_auth_seq_id 
_pdbx_struct_conn_angle.ptnr2_PDB_ins_code 
_pdbx_struct_conn_angle.ptnr2_symmetry 
_pdbx_struct_conn_angle.ptnr3_label_atom_id 
_pdbx_struct_conn_angle.ptnr3_label_alt_id 
_pdbx_struct_conn_angle.ptnr3_label_asym_id 
_pdbx_struct_conn_angle.ptnr3_label_comp_id 
_pdbx_struct_conn_angle.ptnr3_label_seq_id 
_pdbx_struct_conn_angle.ptnr3_auth_atom_id 
_pdbx_struct_conn_angle.ptnr3_auth_asym_id 
_pdbx_struct_conn_angle.ptnr3_auth_comp_id 
_pdbx_struct_conn_angle.ptnr3_auth_seq_id 
_pdbx_struct_conn_angle.ptnr3_PDB_ins_code 
_pdbx_struct_conn_angle.ptnr3_symmetry 
_pdbx_struct_conn_angle.value 
_pdbx_struct_conn_angle.value_esd 
1 O ? A GLY 66 ? A GLY 66 ? 1_555 NA ? D NA . ? A NA 170 ? 1_555 O ? A LEU 68 ? A LEU 68 ? 1_555 97.2  ? 
2 O ? A GLY 66 ? A GLY 66 ? 1_555 NA ? D NA . ? A NA 170 ? 1_555 O ? A VAL 70 ? A VAL 70 ? 1_555 143.4 ? 
3 O ? A LEU 68 ? A LEU 68 ? 1_555 NA ? D NA . ? A NA 170 ? 1_555 O ? A VAL 70 ? A VAL 70 ? 1_555 70.3  ? 
# 
loop_
_pdbx_audit_revision_history.ordinal 
_pdbx_audit_revision_history.data_content_type 
_pdbx_audit_revision_history.major_revision 
_pdbx_audit_revision_history.minor_revision 
_pdbx_audit_revision_history.revision_date 
1 'Structure model' 1 0 2012-01-04 
2 'Structure model' 1 1 2014-04-16 
3 'Structure model' 1 2 2014-05-14 
4 'Structure model' 1 3 2017-11-08 
5 'Structure model' 1 4 2023-09-13 
# 
_pdbx_audit_revision_details.ordinal             1 
_pdbx_audit_revision_details.revision_ordinal    1 
_pdbx_audit_revision_details.data_content_type   'Structure model' 
_pdbx_audit_revision_details.provider            repository 
_pdbx_audit_revision_details.type                'Initial release' 
_pdbx_audit_revision_details.description         ? 
_pdbx_audit_revision_details.details             ? 
# 
loop_
_pdbx_audit_revision_group.ordinal 
_pdbx_audit_revision_group.revision_ordinal 
_pdbx_audit_revision_group.data_content_type 
_pdbx_audit_revision_group.group 
1 2 'Structure model' 'Database references'    
2 3 'Structure model' 'Database references'    
3 4 'Structure model' 'Refinement description' 
4 5 'Structure model' 'Data collection'        
5 5 'Structure model' 'Database references'    
6 5 'Structure model' 'Derived calculations'   
7 5 'Structure model' 'Refinement description' 
# 
loop_
_pdbx_audit_revision_category.ordinal 
_pdbx_audit_revision_category.revision_ordinal 
_pdbx_audit_revision_category.data_content_type 
_pdbx_audit_revision_category.category 
1 4 'Structure model' software                      
2 5 'Structure model' chem_comp_atom                
3 5 'Structure model' chem_comp_bond                
4 5 'Structure model' database_2                    
5 5 'Structure model' pdbx_initial_refinement_model 
6 5 'Structure model' pdbx_struct_conn_angle        
7 5 'Structure model' struct_conn                   
8 5 'Structure model' struct_site                   
# 
loop_
_pdbx_audit_revision_item.ordinal 
_pdbx_audit_revision_item.revision_ordinal 
_pdbx_audit_revision_item.data_content_type 
_pdbx_audit_revision_item.item 
1  5 'Structure model' '_database_2.pdbx_DOI'                        
2  5 'Structure model' '_database_2.pdbx_database_accession'         
3  5 'Structure model' '_pdbx_struct_conn_angle.ptnr1_auth_comp_id'  
4  5 'Structure model' '_pdbx_struct_conn_angle.ptnr1_auth_seq_id'   
5  5 'Structure model' '_pdbx_struct_conn_angle.ptnr1_label_comp_id' 
6  5 'Structure model' '_pdbx_struct_conn_angle.ptnr1_label_seq_id'  
7  5 'Structure model' '_pdbx_struct_conn_angle.ptnr3_auth_comp_id'  
8  5 'Structure model' '_pdbx_struct_conn_angle.ptnr3_auth_seq_id'   
9  5 'Structure model' '_pdbx_struct_conn_angle.ptnr3_label_comp_id' 
10 5 'Structure model' '_pdbx_struct_conn_angle.ptnr3_label_seq_id'  
11 5 'Structure model' '_pdbx_struct_conn_angle.value'               
12 5 'Structure model' '_struct_conn.pdbx_dist_value'                
13 5 'Structure model' '_struct_conn.ptnr1_auth_comp_id'             
14 5 'Structure model' '_struct_conn.ptnr1_auth_seq_id'              
15 5 'Structure model' '_struct_conn.ptnr1_label_comp_id'            
16 5 'Structure model' '_struct_conn.ptnr1_label_seq_id'             
17 5 'Structure model' '_struct_conn.ptnr2_auth_seq_id'              
18 5 'Structure model' '_struct_conn.ptnr2_label_asym_id'            
19 5 'Structure model' '_struct_site.pdbx_auth_asym_id'              
20 5 'Structure model' '_struct_site.pdbx_auth_comp_id'              
21 5 'Structure model' '_struct_site.pdbx_auth_seq_id'               
# 
loop_
_software.pdbx_ordinal 
_software.name 
_software.version 
_software.date 
_software.type 
_software.contact_author 
_software.contact_author_email 
_software.classification 
_software.location 
_software.language 
_software.citation_id 
1 CNS         .     ?               package 'Axel T. Brunger' axel.brunger@yale.edu refinement        http://cns-online.org/ 
Fortran_77 ? 
2 PDB_EXTRACT 3.100 'Jan. 22, 2010' package PDB               help@deposit.rcsb.org 'data extraction' 
http://sw-tools.pdb.org/apps/PDB_EXTRACT/ C++        ? 
3 DENZO       .     ?               ?       ?                 ?                     'data reduction'  ? ?          ? 
4 SCALEPACK   .     ?               ?       ?                 ?                     'data scaling'    ? ?          ? 
5 BALBES      .     ?               ?       ?                 ?                     phasing           ? ?          ? 
# 
loop_
_pdbx_validate_torsion.id 
_pdbx_validate_torsion.PDB_model_num 
_pdbx_validate_torsion.auth_comp_id 
_pdbx_validate_torsion.auth_asym_id 
_pdbx_validate_torsion.auth_seq_id 
_pdbx_validate_torsion.PDB_ins_code 
_pdbx_validate_torsion.label_alt_id 
_pdbx_validate_torsion.phi 
_pdbx_validate_torsion.psi 
1 1 ARG A 3   ? ? -162.87 110.43  
2 1 ASN A 25  ? ? -49.66  -10.45  
3 1 ILE A 55  ? ? -123.02 -165.40 
4 1 LEU A 68  ? ? -42.67  150.49  
5 1 LEU A 113 ? ? 45.01   5.17    
6 1 VAL A 117 ? ? -77.42  -79.75  
7 1 HIS A 165 ? ? -84.78  41.51   
8 1 HIS A 166 ? ? -141.70 -7.42   
# 
_pdbx_unobs_or_zero_occ_residues.id               1 
_pdbx_unobs_or_zero_occ_residues.PDB_model_num    1 
_pdbx_unobs_or_zero_occ_residues.polymer_flag     Y 
_pdbx_unobs_or_zero_occ_residues.occupancy_flag   1 
_pdbx_unobs_or_zero_occ_residues.auth_asym_id     A 
_pdbx_unobs_or_zero_occ_residues.auth_comp_id     MET 
_pdbx_unobs_or_zero_occ_residues.auth_seq_id      1 
_pdbx_unobs_or_zero_occ_residues.PDB_ins_code     ? 
_pdbx_unobs_or_zero_occ_residues.label_asym_id    A 
_pdbx_unobs_or_zero_occ_residues.label_comp_id    MET 
_pdbx_unobs_or_zero_occ_residues.label_seq_id     1 
# 
loop_
_chem_comp_atom.comp_id 
_chem_comp_atom.atom_id 
_chem_comp_atom.type_symbol 
_chem_comp_atom.pdbx_aromatic_flag 
_chem_comp_atom.pdbx_stereo_config 
_chem_comp_atom.pdbx_ordinal 
ALA N    N  N N 1   
ALA CA   C  N S 2   
ALA C    C  N N 3   
ALA O    O  N N 4   
ALA CB   C  N N 5   
ALA OXT  O  N N 6   
ALA H    H  N N 7   
ALA H2   H  N N 8   
ALA HA   H  N N 9   
ALA HB1  H  N N 10  
ALA HB2  H  N N 11  
ALA HB3  H  N N 12  
ALA HXT  H  N N 13  
ARG N    N  N N 14  
ARG CA   C  N S 15  
ARG C    C  N N 16  
ARG O    O  N N 17  
ARG CB   C  N N 18  
ARG CG   C  N N 19  
ARG CD   C  N N 20  
ARG NE   N  N N 21  
ARG CZ   C  N N 22  
ARG NH1  N  N N 23  
ARG NH2  N  N N 24  
ARG OXT  O  N N 25  
ARG H    H  N N 26  
ARG H2   H  N N 27  
ARG HA   H  N N 28  
ARG HB2  H  N N 29  
ARG HB3  H  N N 30  
ARG HG2  H  N N 31  
ARG HG3  H  N N 32  
ARG HD2  H  N N 33  
ARG HD3  H  N N 34  
ARG HE   H  N N 35  
ARG HH11 H  N N 36  
ARG HH12 H  N N 37  
ARG HH21 H  N N 38  
ARG HH22 H  N N 39  
ARG HXT  H  N N 40  
ASN N    N  N N 41  
ASN CA   C  N S 42  
ASN C    C  N N 43  
ASN O    O  N N 44  
ASN CB   C  N N 45  
ASN CG   C  N N 46  
ASN OD1  O  N N 47  
ASN ND2  N  N N 48  
ASN OXT  O  N N 49  
ASN H    H  N N 50  
ASN H2   H  N N 51  
ASN HA   H  N N 52  
ASN HB2  H  N N 53  
ASN HB3  H  N N 54  
ASN HD21 H  N N 55  
ASN HD22 H  N N 56  
ASN HXT  H  N N 57  
ASP N    N  N N 58  
ASP CA   C  N S 59  
ASP C    C  N N 60  
ASP O    O  N N 61  
ASP CB   C  N N 62  
ASP CG   C  N N 63  
ASP OD1  O  N N 64  
ASP OD2  O  N N 65  
ASP OXT  O  N N 66  
ASP H    H  N N 67  
ASP H2   H  N N 68  
ASP HA   H  N N 69  
ASP HB2  H  N N 70  
ASP HB3  H  N N 71  
ASP HD2  H  N N 72  
ASP HXT  H  N N 73  
CL  CL   CL N N 74  
CYS N    N  N N 75  
CYS CA   C  N R 76  
CYS C    C  N N 77  
CYS O    O  N N 78  
CYS CB   C  N N 79  
CYS SG   S  N N 80  
CYS OXT  O  N N 81  
CYS H    H  N N 82  
CYS H2   H  N N 83  
CYS HA   H  N N 84  
CYS HB2  H  N N 85  
CYS HB3  H  N N 86  
CYS HG   H  N N 87  
CYS HXT  H  N N 88  
GLN N    N  N N 89  
GLN CA   C  N S 90  
GLN C    C  N N 91  
GLN O    O  N N 92  
GLN CB   C  N N 93  
GLN CG   C  N N 94  
GLN CD   C  N N 95  
GLN OE1  O  N N 96  
GLN NE2  N  N N 97  
GLN OXT  O  N N 98  
GLN H    H  N N 99  
GLN H2   H  N N 100 
GLN HA   H  N N 101 
GLN HB2  H  N N 102 
GLN HB3  H  N N 103 
GLN HG2  H  N N 104 
GLN HG3  H  N N 105 
GLN HE21 H  N N 106 
GLN HE22 H  N N 107 
GLN HXT  H  N N 108 
GLU N    N  N N 109 
GLU CA   C  N S 110 
GLU C    C  N N 111 
GLU O    O  N N 112 
GLU CB   C  N N 113 
GLU CG   C  N N 114 
GLU CD   C  N N 115 
GLU OE1  O  N N 116 
GLU OE2  O  N N 117 
GLU OXT  O  N N 118 
GLU H    H  N N 119 
GLU H2   H  N N 120 
GLU HA   H  N N 121 
GLU HB2  H  N N 122 
GLU HB3  H  N N 123 
GLU HG2  H  N N 124 
GLU HG3  H  N N 125 
GLU HE2  H  N N 126 
GLU HXT  H  N N 127 
GLY N    N  N N 128 
GLY CA   C  N N 129 
GLY C    C  N N 130 
GLY O    O  N N 131 
GLY OXT  O  N N 132 
GLY H    H  N N 133 
GLY H2   H  N N 134 
GLY HA2  H  N N 135 
GLY HA3  H  N N 136 
GLY HXT  H  N N 137 
HIS N    N  N N 138 
HIS CA   C  N S 139 
HIS C    C  N N 140 
HIS O    O  N N 141 
HIS CB   C  N N 142 
HIS CG   C  Y N 143 
HIS ND1  N  Y N 144 
HIS CD2  C  Y N 145 
HIS CE1  C  Y N 146 
HIS NE2  N  Y N 147 
HIS OXT  O  N N 148 
HIS H    H  N N 149 
HIS H2   H  N N 150 
HIS HA   H  N N 151 
HIS HB2  H  N N 152 
HIS HB3  H  N N 153 
HIS HD1  H  N N 154 
HIS HD2  H  N N 155 
HIS HE1  H  N N 156 
HIS HE2  H  N N 157 
HIS HXT  H  N N 158 
HOH O    O  N N 159 
HOH H1   H  N N 160 
HOH H2   H  N N 161 
ILE N    N  N N 162 
ILE CA   C  N S 163 
ILE C    C  N N 164 
ILE O    O  N N 165 
ILE CB   C  N S 166 
ILE CG1  C  N N 167 
ILE CG2  C  N N 168 
ILE CD1  C  N N 169 
ILE OXT  O  N N 170 
ILE H    H  N N 171 
ILE H2   H  N N 172 
ILE HA   H  N N 173 
ILE HB   H  N N 174 
ILE HG12 H  N N 175 
ILE HG13 H  N N 176 
ILE HG21 H  N N 177 
ILE HG22 H  N N 178 
ILE HG23 H  N N 179 
ILE HD11 H  N N 180 
ILE HD12 H  N N 181 
ILE HD13 H  N N 182 
ILE HXT  H  N N 183 
LEU N    N  N N 184 
LEU CA   C  N S 185 
LEU C    C  N N 186 
LEU O    O  N N 187 
LEU CB   C  N N 188 
LEU CG   C  N N 189 
LEU CD1  C  N N 190 
LEU CD2  C  N N 191 
LEU OXT  O  N N 192 
LEU H    H  N N 193 
LEU H2   H  N N 194 
LEU HA   H  N N 195 
LEU HB2  H  N N 196 
LEU HB3  H  N N 197 
LEU HG   H  N N 198 
LEU HD11 H  N N 199 
LEU HD12 H  N N 200 
LEU HD13 H  N N 201 
LEU HD21 H  N N 202 
LEU HD22 H  N N 203 
LEU HD23 H  N N 204 
LEU HXT  H  N N 205 
LYS N    N  N N 206 
LYS CA   C  N S 207 
LYS C    C  N N 208 
LYS O    O  N N 209 
LYS CB   C  N N 210 
LYS CG   C  N N 211 
LYS CD   C  N N 212 
LYS CE   C  N N 213 
LYS NZ   N  N N 214 
LYS OXT  O  N N 215 
LYS H    H  N N 216 
LYS H2   H  N N 217 
LYS HA   H  N N 218 
LYS HB2  H  N N 219 
LYS HB3  H  N N 220 
LYS HG2  H  N N 221 
LYS HG3  H  N N 222 
LYS HD2  H  N N 223 
LYS HD3  H  N N 224 
LYS HE2  H  N N 225 
LYS HE3  H  N N 226 
LYS HZ1  H  N N 227 
LYS HZ2  H  N N 228 
LYS HZ3  H  N N 229 
LYS HXT  H  N N 230 
MET N    N  N N 231 
MET CA   C  N S 232 
MET C    C  N N 233 
MET O    O  N N 234 
MET CB   C  N N 235 
MET CG   C  N N 236 
MET SD   S  N N 237 
MET CE   C  N N 238 
MET OXT  O  N N 239 
MET H    H  N N 240 
MET H2   H  N N 241 
MET HA   H  N N 242 
MET HB2  H  N N 243 
MET HB3  H  N N 244 
MET HG2  H  N N 245 
MET HG3  H  N N 246 
MET HE1  H  N N 247 
MET HE2  H  N N 248 
MET HE3  H  N N 249 
MET HXT  H  N N 250 
NA  NA   NA N N 251 
PHE N    N  N N 252 
PHE CA   C  N S 253 
PHE C    C  N N 254 
PHE O    O  N N 255 
PHE CB   C  N N 256 
PHE CG   C  Y N 257 
PHE CD1  C  Y N 258 
PHE CD2  C  Y N 259 
PHE CE1  C  Y N 260 
PHE CE2  C  Y N 261 
PHE CZ   C  Y N 262 
PHE OXT  O  N N 263 
PHE H    H  N N 264 
PHE H2   H  N N 265 
PHE HA   H  N N 266 
PHE HB2  H  N N 267 
PHE HB3  H  N N 268 
PHE HD1  H  N N 269 
PHE HD2  H  N N 270 
PHE HE1  H  N N 271 
PHE HE2  H  N N 272 
PHE HZ   H  N N 273 
PHE HXT  H  N N 274 
PRO N    N  N N 275 
PRO CA   C  N S 276 
PRO C    C  N N 277 
PRO O    O  N N 278 
PRO CB   C  N N 279 
PRO CG   C  N N 280 
PRO CD   C  N N 281 
PRO OXT  O  N N 282 
PRO H    H  N N 283 
PRO HA   H  N N 284 
PRO HB2  H  N N 285 
PRO HB3  H  N N 286 
PRO HG2  H  N N 287 
PRO HG3  H  N N 288 
PRO HD2  H  N N 289 
PRO HD3  H  N N 290 
PRO HXT  H  N N 291 
SER N    N  N N 292 
SER CA   C  N S 293 
SER C    C  N N 294 
SER O    O  N N 295 
SER CB   C  N N 296 
SER OG   O  N N 297 
SER OXT  O  N N 298 
SER H    H  N N 299 
SER H2   H  N N 300 
SER HA   H  N N 301 
SER HB2  H  N N 302 
SER HB3  H  N N 303 
SER HG   H  N N 304 
SER HXT  H  N N 305 
THR N    N  N N 306 
THR CA   C  N S 307 
THR C    C  N N 308 
THR O    O  N N 309 
THR CB   C  N R 310 
THR OG1  O  N N 311 
THR CG2  C  N N 312 
THR OXT  O  N N 313 
THR H    H  N N 314 
THR H2   H  N N 315 
THR HA   H  N N 316 
THR HB   H  N N 317 
THR HG1  H  N N 318 
THR HG21 H  N N 319 
THR HG22 H  N N 320 
THR HG23 H  N N 321 
THR HXT  H  N N 322 
TRP N    N  N N 323 
TRP CA   C  N S 324 
TRP C    C  N N 325 
TRP O    O  N N 326 
TRP CB   C  N N 327 
TRP CG   C  Y N 328 
TRP CD1  C  Y N 329 
TRP CD2  C  Y N 330 
TRP NE1  N  Y N 331 
TRP CE2  C  Y N 332 
TRP CE3  C  Y N 333 
TRP CZ2  C  Y N 334 
TRP CZ3  C  Y N 335 
TRP CH2  C  Y N 336 
TRP OXT  O  N N 337 
TRP H    H  N N 338 
TRP H2   H  N N 339 
TRP HA   H  N N 340 
TRP HB2  H  N N 341 
TRP HB3  H  N N 342 
TRP HD1  H  N N 343 
TRP HE1  H  N N 344 
TRP HE3  H  N N 345 
TRP HZ2  H  N N 346 
TRP HZ3  H  N N 347 
TRP HH2  H  N N 348 
TRP HXT  H  N N 349 
TYR N    N  N N 350 
TYR CA   C  N S 351 
TYR C    C  N N 352 
TYR O    O  N N 353 
TYR CB   C  N N 354 
TYR CG   C  Y N 355 
TYR CD1  C  Y N 356 
TYR CD2  C  Y N 357 
TYR CE1  C  Y N 358 
TYR CE2  C  Y N 359 
TYR CZ   C  Y N 360 
TYR OH   O  N N 361 
TYR OXT  O  N N 362 
TYR H    H  N N 363 
TYR H2   H  N N 364 
TYR HA   H  N N 365 
TYR HB2  H  N N 366 
TYR HB3  H  N N 367 
TYR HD1  H  N N 368 
TYR HD2  H  N N 369 
TYR HE1  H  N N 370 
TYR HE2  H  N N 371 
TYR HH   H  N N 372 
TYR HXT  H  N N 373 
VAL N    N  N N 374 
VAL CA   C  N S 375 
VAL C    C  N N 376 
VAL O    O  N N 377 
VAL CB   C  N N 378 
VAL CG1  C  N N 379 
VAL CG2  C  N N 380 
VAL OXT  O  N N 381 
VAL H    H  N N 382 
VAL H2   H  N N 383 
VAL HA   H  N N 384 
VAL HB   H  N N 385 
VAL HG11 H  N N 386 
VAL HG12 H  N N 387 
VAL HG13 H  N N 388 
VAL HG21 H  N N 389 
VAL HG22 H  N N 390 
VAL HG23 H  N N 391 
VAL HXT  H  N N 392 
# 
loop_
_chem_comp_bond.comp_id 
_chem_comp_bond.atom_id_1 
_chem_comp_bond.atom_id_2 
_chem_comp_bond.value_order 
_chem_comp_bond.pdbx_aromatic_flag 
_chem_comp_bond.pdbx_stereo_config 
_chem_comp_bond.pdbx_ordinal 
ALA N   CA   sing N N 1   
ALA N   H    sing N N 2   
ALA N   H2   sing N N 3   
ALA CA  C    sing N N 4   
ALA CA  CB   sing N N 5   
ALA CA  HA   sing N N 6   
ALA C   O    doub N N 7   
ALA C   OXT  sing N N 8   
ALA CB  HB1  sing N N 9   
ALA CB  HB2  sing N N 10  
ALA CB  HB3  sing N N 11  
ALA OXT HXT  sing N N 12  
ARG N   CA   sing N N 13  
ARG N   H    sing N N 14  
ARG N   H2   sing N N 15  
ARG CA  C    sing N N 16  
ARG CA  CB   sing N N 17  
ARG CA  HA   sing N N 18  
ARG C   O    doub N N 19  
ARG C   OXT  sing N N 20  
ARG CB  CG   sing N N 21  
ARG CB  HB2  sing N N 22  
ARG CB  HB3  sing N N 23  
ARG CG  CD   sing N N 24  
ARG CG  HG2  sing N N 25  
ARG CG  HG3  sing N N 26  
ARG CD  NE   sing N N 27  
ARG CD  HD2  sing N N 28  
ARG CD  HD3  sing N N 29  
ARG NE  CZ   sing N N 30  
ARG NE  HE   sing N N 31  
ARG CZ  NH1  sing N N 32  
ARG CZ  NH2  doub N N 33  
ARG NH1 HH11 sing N N 34  
ARG NH1 HH12 sing N N 35  
ARG NH2 HH21 sing N N 36  
ARG NH2 HH22 sing N N 37  
ARG OXT HXT  sing N N 38  
ASN N   CA   sing N N 39  
ASN N   H    sing N N 40  
ASN N   H2   sing N N 41  
ASN CA  C    sing N N 42  
ASN CA  CB   sing N N 43  
ASN CA  HA   sing N N 44  
ASN C   O    doub N N 45  
ASN C   OXT  sing N N 46  
ASN CB  CG   sing N N 47  
ASN CB  HB2  sing N N 48  
ASN CB  HB3  sing N N 49  
ASN CG  OD1  doub N N 50  
ASN CG  ND2  sing N N 51  
ASN ND2 HD21 sing N N 52  
ASN ND2 HD22 sing N N 53  
ASN OXT HXT  sing N N 54  
ASP N   CA   sing N N 55  
ASP N   H    sing N N 56  
ASP N   H2   sing N N 57  
ASP CA  C    sing N N 58  
ASP CA  CB   sing N N 59  
ASP CA  HA   sing N N 60  
ASP C   O    doub N N 61  
ASP C   OXT  sing N N 62  
ASP CB  CG   sing N N 63  
ASP CB  HB2  sing N N 64  
ASP CB  HB3  sing N N 65  
ASP CG  OD1  doub N N 66  
ASP CG  OD2  sing N N 67  
ASP OD2 HD2  sing N N 68  
ASP OXT HXT  sing N N 69  
CYS N   CA   sing N N 70  
CYS N   H    sing N N 71  
CYS N   H2   sing N N 72  
CYS CA  C    sing N N 73  
CYS CA  CB   sing N N 74  
CYS CA  HA   sing N N 75  
CYS C   O    doub N N 76  
CYS C   OXT  sing N N 77  
CYS CB  SG   sing N N 78  
CYS CB  HB2  sing N N 79  
CYS CB  HB3  sing N N 80  
CYS SG  HG   sing N N 81  
CYS OXT HXT  sing N N 82  
GLN N   CA   sing N N 83  
GLN N   H    sing N N 84  
GLN N   H2   sing N N 85  
GLN CA  C    sing N N 86  
GLN CA  CB   sing N N 87  
GLN CA  HA   sing N N 88  
GLN C   O    doub N N 89  
GLN C   OXT  sing N N 90  
GLN CB  CG   sing N N 91  
GLN CB  HB2  sing N N 92  
GLN CB  HB3  sing N N 93  
GLN CG  CD   sing N N 94  
GLN CG  HG2  sing N N 95  
GLN CG  HG3  sing N N 96  
GLN CD  OE1  doub N N 97  
GLN CD  NE2  sing N N 98  
GLN NE2 HE21 sing N N 99  
GLN NE2 HE22 sing N N 100 
GLN OXT HXT  sing N N 101 
GLU N   CA   sing N N 102 
GLU N   H    sing N N 103 
GLU N   H2   sing N N 104 
GLU CA  C    sing N N 105 
GLU CA  CB   sing N N 106 
GLU CA  HA   sing N N 107 
GLU C   O    doub N N 108 
GLU C   OXT  sing N N 109 
GLU CB  CG   sing N N 110 
GLU CB  HB2  sing N N 111 
GLU CB  HB3  sing N N 112 
GLU CG  CD   sing N N 113 
GLU CG  HG2  sing N N 114 
GLU CG  HG3  sing N N 115 
GLU CD  OE1  doub N N 116 
GLU CD  OE2  sing N N 117 
GLU OE2 HE2  sing N N 118 
GLU OXT HXT  sing N N 119 
GLY N   CA   sing N N 120 
GLY N   H    sing N N 121 
GLY N   H2   sing N N 122 
GLY CA  C    sing N N 123 
GLY CA  HA2  sing N N 124 
GLY CA  HA3  sing N N 125 
GLY C   O    doub N N 126 
GLY C   OXT  sing N N 127 
GLY OXT HXT  sing N N 128 
HIS N   CA   sing N N 129 
HIS N   H    sing N N 130 
HIS N   H2   sing N N 131 
HIS CA  C    sing N N 132 
HIS CA  CB   sing N N 133 
HIS CA  HA   sing N N 134 
HIS C   O    doub N N 135 
HIS C   OXT  sing N N 136 
HIS CB  CG   sing N N 137 
HIS CB  HB2  sing N N 138 
HIS CB  HB3  sing N N 139 
HIS CG  ND1  sing Y N 140 
HIS CG  CD2  doub Y N 141 
HIS ND1 CE1  doub Y N 142 
HIS ND1 HD1  sing N N 143 
HIS CD2 NE2  sing Y N 144 
HIS CD2 HD2  sing N N 145 
HIS CE1 NE2  sing Y N 146 
HIS CE1 HE1  sing N N 147 
HIS NE2 HE2  sing N N 148 
HIS OXT HXT  sing N N 149 
HOH O   H1   sing N N 150 
HOH O   H2   sing N N 151 
ILE N   CA   sing N N 152 
ILE N   H    sing N N 153 
ILE N   H2   sing N N 154 
ILE CA  C    sing N N 155 
ILE CA  CB   sing N N 156 
ILE CA  HA   sing N N 157 
ILE C   O    doub N N 158 
ILE C   OXT  sing N N 159 
ILE CB  CG1  sing N N 160 
ILE CB  CG2  sing N N 161 
ILE CB  HB   sing N N 162 
ILE CG1 CD1  sing N N 163 
ILE CG1 HG12 sing N N 164 
ILE CG1 HG13 sing N N 165 
ILE CG2 HG21 sing N N 166 
ILE CG2 HG22 sing N N 167 
ILE CG2 HG23 sing N N 168 
ILE CD1 HD11 sing N N 169 
ILE CD1 HD12 sing N N 170 
ILE CD1 HD13 sing N N 171 
ILE OXT HXT  sing N N 172 
LEU N   CA   sing N N 173 
LEU N   H    sing N N 174 
LEU N   H2   sing N N 175 
LEU CA  C    sing N N 176 
LEU CA  CB   sing N N 177 
LEU CA  HA   sing N N 178 
LEU C   O    doub N N 179 
LEU C   OXT  sing N N 180 
LEU CB  CG   sing N N 181 
LEU CB  HB2  sing N N 182 
LEU CB  HB3  sing N N 183 
LEU CG  CD1  sing N N 184 
LEU CG  CD2  sing N N 185 
LEU CG  HG   sing N N 186 
LEU CD1 HD11 sing N N 187 
LEU CD1 HD12 sing N N 188 
LEU CD1 HD13 sing N N 189 
LEU CD2 HD21 sing N N 190 
LEU CD2 HD22 sing N N 191 
LEU CD2 HD23 sing N N 192 
LEU OXT HXT  sing N N 193 
LYS N   CA   sing N N 194 
LYS N   H    sing N N 195 
LYS N   H2   sing N N 196 
LYS CA  C    sing N N 197 
LYS CA  CB   sing N N 198 
LYS CA  HA   sing N N 199 
LYS C   O    doub N N 200 
LYS C   OXT  sing N N 201 
LYS CB  CG   sing N N 202 
LYS CB  HB2  sing N N 203 
LYS CB  HB3  sing N N 204 
LYS CG  CD   sing N N 205 
LYS CG  HG2  sing N N 206 
LYS CG  HG3  sing N N 207 
LYS CD  CE   sing N N 208 
LYS CD  HD2  sing N N 209 
LYS CD  HD3  sing N N 210 
LYS CE  NZ   sing N N 211 
LYS CE  HE2  sing N N 212 
LYS CE  HE3  sing N N 213 
LYS NZ  HZ1  sing N N 214 
LYS NZ  HZ2  sing N N 215 
LYS NZ  HZ3  sing N N 216 
LYS OXT HXT  sing N N 217 
MET N   CA   sing N N 218 
MET N   H    sing N N 219 
MET N   H2   sing N N 220 
MET CA  C    sing N N 221 
MET CA  CB   sing N N 222 
MET CA  HA   sing N N 223 
MET C   O    doub N N 224 
MET C   OXT  sing N N 225 
MET CB  CG   sing N N 226 
MET CB  HB2  sing N N 227 
MET CB  HB3  sing N N 228 
MET CG  SD   sing N N 229 
MET CG  HG2  sing N N 230 
MET CG  HG3  sing N N 231 
MET SD  CE   sing N N 232 
MET CE  HE1  sing N N 233 
MET CE  HE2  sing N N 234 
MET CE  HE3  sing N N 235 
MET OXT HXT  sing N N 236 
PHE N   CA   sing N N 237 
PHE N   H    sing N N 238 
PHE N   H2   sing N N 239 
PHE CA  C    sing N N 240 
PHE CA  CB   sing N N 241 
PHE CA  HA   sing N N 242 
PHE C   O    doub N N 243 
PHE C   OXT  sing N N 244 
PHE CB  CG   sing N N 245 
PHE CB  HB2  sing N N 246 
PHE CB  HB3  sing N N 247 
PHE CG  CD1  doub Y N 248 
PHE CG  CD2  sing Y N 249 
PHE CD1 CE1  sing Y N 250 
PHE CD1 HD1  sing N N 251 
PHE CD2 CE2  doub Y N 252 
PHE CD2 HD2  sing N N 253 
PHE CE1 CZ   doub Y N 254 
PHE CE1 HE1  sing N N 255 
PHE CE2 CZ   sing Y N 256 
PHE CE2 HE2  sing N N 257 
PHE CZ  HZ   sing N N 258 
PHE OXT HXT  sing N N 259 
PRO N   CA   sing N N 260 
PRO N   CD   sing N N 261 
PRO N   H    sing N N 262 
PRO CA  C    sing N N 263 
PRO CA  CB   sing N N 264 
PRO CA  HA   sing N N 265 
PRO C   O    doub N N 266 
PRO C   OXT  sing N N 267 
PRO CB  CG   sing N N 268 
PRO CB  HB2  sing N N 269 
PRO CB  HB3  sing N N 270 
PRO CG  CD   sing N N 271 
PRO CG  HG2  sing N N 272 
PRO CG  HG3  sing N N 273 
PRO CD  HD2  sing N N 274 
PRO CD  HD3  sing N N 275 
PRO OXT HXT  sing N N 276 
SER N   CA   sing N N 277 
SER N   H    sing N N 278 
SER N   H2   sing N N 279 
SER CA  C    sing N N 280 
SER CA  CB   sing N N 281 
SER CA  HA   sing N N 282 
SER C   O    doub N N 283 
SER C   OXT  sing N N 284 
SER CB  OG   sing N N 285 
SER CB  HB2  sing N N 286 
SER CB  HB3  sing N N 287 
SER OG  HG   sing N N 288 
SER OXT HXT  sing N N 289 
THR N   CA   sing N N 290 
THR N   H    sing N N 291 
THR N   H2   sing N N 292 
THR CA  C    sing N N 293 
THR CA  CB   sing N N 294 
THR CA  HA   sing N N 295 
THR C   O    doub N N 296 
THR C   OXT  sing N N 297 
THR CB  OG1  sing N N 298 
THR CB  CG2  sing N N 299 
THR CB  HB   sing N N 300 
THR OG1 HG1  sing N N 301 
THR CG2 HG21 sing N N 302 
THR CG2 HG22 sing N N 303 
THR CG2 HG23 sing N N 304 
THR OXT HXT  sing N N 305 
TRP N   CA   sing N N 306 
TRP N   H    sing N N 307 
TRP N   H2   sing N N 308 
TRP CA  C    sing N N 309 
TRP CA  CB   sing N N 310 
TRP CA  HA   sing N N 311 
TRP C   O    doub N N 312 
TRP C   OXT  sing N N 313 
TRP CB  CG   sing N N 314 
TRP CB  HB2  sing N N 315 
TRP CB  HB3  sing N N 316 
TRP CG  CD1  doub Y N 317 
TRP CG  CD2  sing Y N 318 
TRP CD1 NE1  sing Y N 319 
TRP CD1 HD1  sing N N 320 
TRP CD2 CE2  doub Y N 321 
TRP CD2 CE3  sing Y N 322 
TRP NE1 CE2  sing Y N 323 
TRP NE1 HE1  sing N N 324 
TRP CE2 CZ2  sing Y N 325 
TRP CE3 CZ3  doub Y N 326 
TRP CE3 HE3  sing N N 327 
TRP CZ2 CH2  doub Y N 328 
TRP CZ2 HZ2  sing N N 329 
TRP CZ3 CH2  sing Y N 330 
TRP CZ3 HZ3  sing N N 331 
TRP CH2 HH2  sing N N 332 
TRP OXT HXT  sing N N 333 
TYR N   CA   sing N N 334 
TYR N   H    sing N N 335 
TYR N   H2   sing N N 336 
TYR CA  C    sing N N 337 
TYR CA  CB   sing N N 338 
TYR CA  HA   sing N N 339 
TYR C   O    doub N N 340 
TYR C   OXT  sing N N 341 
TYR CB  CG   sing N N 342 
TYR CB  HB2  sing N N 343 
TYR CB  HB3  sing N N 344 
TYR CG  CD1  doub Y N 345 
TYR CG  CD2  sing Y N 346 
TYR CD1 CE1  sing Y N 347 
TYR CD1 HD1  sing N N 348 
TYR CD2 CE2  doub Y N 349 
TYR CD2 HD2  sing N N 350 
TYR CE1 CZ   doub Y N 351 
TYR CE1 HE1  sing N N 352 
TYR CE2 CZ   sing Y N 353 
TYR CE2 HE2  sing N N 354 
TYR CZ  OH   sing N N 355 
TYR OH  HH   sing N N 356 
TYR OXT HXT  sing N N 357 
VAL N   CA   sing N N 358 
VAL N   H    sing N N 359 
VAL N   H2   sing N N 360 
VAL CA  C    sing N N 361 
VAL CA  CB   sing N N 362 
VAL CA  HA   sing N N 363 
VAL C   O    doub N N 364 
VAL C   OXT  sing N N 365 
VAL CB  CG1  sing N N 366 
VAL CB  CG2  sing N N 367 
VAL CB  HB   sing N N 368 
VAL CG1 HG11 sing N N 369 
VAL CG1 HG12 sing N N 370 
VAL CG1 HG13 sing N N 371 
VAL CG2 HG21 sing N N 372 
VAL CG2 HG22 sing N N 373 
VAL CG2 HG23 sing N N 374 
VAL OXT HXT  sing N N 375 
# 
loop_
_pdbx_entity_nonpoly.entity_id 
_pdbx_entity_nonpoly.name 
_pdbx_entity_nonpoly.comp_id 
2 'CHLORIDE ION' CL  
3 'SODIUM ION'   NA  
4 water          HOH 
# 
_pdbx_initial_refinement_model.id               1 
_pdbx_initial_refinement_model.entity_id_list   ? 
_pdbx_initial_refinement_model.type             'experimental model' 
_pdbx_initial_refinement_model.source_name      PDB 
_pdbx_initial_refinement_model.accession_code   2DX6 
_pdbx_initial_refinement_model.details          ? 
# 
